data_8YGE
#
_entry.id   8YGE
#
_cell.length_a   1.00
_cell.length_b   1.00
_cell.length_c   1.00
_cell.angle_alpha   90.00
_cell.angle_beta   90.00
_cell.angle_gamma   90.00
#
_symmetry.space_group_name_H-M   'P 1'
#
loop_
_entity.id
_entity.type
_entity.pdbx_description
1 polymer 'DNA topoisomerase 2'
2 polymer 'DNA (20-mer)'
3 polymer 'DNA (8-mer)'
4 polymer 'DNA (12-mer)'
5 non-polymer 'MAGNESIUM ION'
6 non-polymer N-[4-(acridin-9-ylamino)-3-methoxyphenyl]methanesulfonamide
#
loop_
_entity_poly.entity_id
_entity_poly.type
_entity_poly.pdbx_seq_one_letter_code
_entity_poly.pdbx_strand_id
1 'polypeptide(L)'
;METFEISDFKEHAKKKSMWAGALNKVTISGLMGVFTEDEDLMALPIHRDHCPALLKIFDELIVNATDHERACHNKTKKVT
YIKISFDKGVFSCENDGPGIPIVKHEQASLIAKRDVYVPEVASCYFLAGTNINKAKDCIKGGTNGVGLKLAMVHSQWAIL
TTADGSQKYVQHINQRLDNIEPPTITPSREMFTRIELMPVYQELGYAQPLSETEQADLSAWIYLRACQCAAYVGKGTTIY
YNDKPCSTSSVMALAKMYTLVTAPNSTIYTATIKADAKPYSLHPLQVAAVVSPKFKKFEHVSIINGVNCVKGEHVTFLKK
AINEMVVKKFQQTIKDKNRKTTLRDSCSNIFVVIVGSIPGIEWTGQRKDELSIAENVFKTHYSIPSSFLTSMTRSIVDIL
LQSISKKDNHKQIDVDKYTRARNAGGKKAQDCMLLAAEGDSALSLLRAGLTLGKSNPSGPSFDFCGMISLGGVIMNACKK
VTNITTDSGETIMVRNEQLTNNKVLQGIVQVLGLDFNCHYKTQEERAKLRYGCIVACVDQDLDGCGKILGLLLAYFHLFW
PQLIVHGFVKRLLTPLIRVYEKGNTVPVEFYYEQEFDAWAKKQTSLANHTVKYYKGLAAHDTHEVKSMFKHFDKMVYTFT
LDDSAKELFHIYFGGESELRKRELCTGVVPLTETQTQSIHSVRRIPCSLHLQVDTKAYKLDAIERQIPNFLDGMTRARRK
ILAGGLKCFASNNRERKVFQFGGYVADHMFYHHGDMSLNTSIIKAAQYYPGSSHLYPVFIGIGSFGSRHLGGKDAGSPRY
ISVQLASEFIKTMFPTEDSWLLPYVFEDGQRAEPEYYVPVLPLAIMEYGANPSEGWKYTTWARQLEDILALVRAYVDKNN
PKHELLHYAIDHKITVLPLRPSNYNFKGHLKRFGQYYYSYGTYVVSEQRNMITITELPLRVPTVAYIESIKKSSNRMAFI
EEIVDYSSSETIEILVKLKPNSLSRIMEEFKETEEQNSIENFLRLRNCLHSHLNFVKPKGGIIEFNSYYEILYAWLPYRR
DLYQKRLMRERAVLKLRLIMETAIVRYINESADLNLSHYEDEKEAGRILSEHGFPPLNQSLITSPEFATIEELNQKALQG
CYTYILSLQARELLIAAKTRRVEKIKKMQARLDKVEQLLQESPFPGASVWLEEIDAVEKAIIKGRNTQWKFHHH
;
A,B
2 'polydeoxyribonucleotide' (DG)(DA)(DT)(DT)(DG)(DG)(DA)(DT)(DA)(DG)(DC)(DT)(DA)(DT)(DT)(DC)(DA)(DC)(DG)(DG) C
3 'polydeoxyribonucleotide' (DC)(DC)(DG)(DT)(DG)(DA)(DA)(DT) D
4 'polydeoxyribonucleotide' (DA)(DG)(DC)(DT)(DA)(DT)(DC)(DC)(DA)(DA)(DT)(DC) E
#
# COMPACT_ATOMS: atom_id res chain seq x y z
N ASP A 416 -6.13 -16.59 -21.50
CA ASP A 416 -5.41 -17.58 -22.29
C ASP A 416 -4.07 -17.02 -22.76
N LYS A 417 -3.20 -16.68 -21.81
CA LYS A 417 -1.87 -16.18 -22.14
C LYS A 417 -1.05 -17.31 -22.74
N TYR A 418 -0.75 -17.21 -24.03
CA TYR A 418 -0.04 -18.26 -24.75
C TYR A 418 0.54 -17.67 -26.02
N THR A 419 1.86 -17.74 -26.16
CA THR A 419 2.56 -17.32 -27.37
C THR A 419 3.20 -18.57 -27.97
N ARG A 420 2.51 -19.17 -28.93
CA ARG A 420 2.96 -20.44 -29.49
C ARG A 420 4.31 -20.28 -30.19
N ALA A 421 5.14 -21.31 -30.07
CA ALA A 421 6.41 -21.33 -30.80
C ALA A 421 6.14 -21.49 -32.29
N ARG A 422 7.06 -20.95 -33.10
CA ARG A 422 6.85 -20.94 -34.55
C ARG A 422 6.80 -22.36 -35.10
N ASN A 423 7.71 -23.23 -34.65
CA ASN A 423 7.79 -24.58 -35.18
C ASN A 423 6.83 -25.56 -34.52
N ALA A 424 6.21 -25.17 -33.41
CA ALA A 424 5.30 -26.08 -32.72
C ALA A 424 4.05 -26.30 -33.55
N GLY A 425 3.53 -27.52 -33.51
CA GLY A 425 2.33 -27.84 -34.24
C GLY A 425 2.31 -29.23 -34.84
N GLY A 426 3.48 -29.82 -35.02
CA GLY A 426 3.55 -31.18 -35.55
C GLY A 426 4.69 -31.45 -36.50
N LYS A 427 5.42 -30.40 -36.89
CA LYS A 427 6.58 -30.55 -37.77
C LYS A 427 7.87 -30.69 -36.97
N LYS A 428 8.15 -29.73 -36.10
CA LYS A 428 9.29 -29.78 -35.20
C LYS A 428 8.83 -29.86 -33.75
N ALA A 429 7.77 -30.62 -33.50
CA ALA A 429 7.23 -30.73 -32.16
C ALA A 429 8.18 -31.44 -31.20
N GLN A 430 9.12 -32.24 -31.73
CA GLN A 430 10.00 -33.02 -30.86
C GLN A 430 11.16 -32.21 -30.31
N ASP A 431 11.44 -31.03 -30.83
CA ASP A 431 12.49 -30.18 -30.28
C ASP A 431 11.97 -28.87 -29.71
N CYS A 432 10.68 -28.60 -29.83
CA CYS A 432 10.10 -27.40 -29.23
C CYS A 432 9.80 -27.67 -27.75
N MET A 433 10.05 -26.67 -26.92
CA MET A 433 9.83 -26.76 -25.49
C MET A 433 8.84 -25.70 -25.06
N LEU A 434 8.04 -26.03 -24.04
CA LEU A 434 7.01 -25.15 -23.52
C LEU A 434 7.38 -24.71 -22.12
N LEU A 435 7.40 -23.41 -21.88
CA LEU A 435 7.76 -22.85 -20.60
C LEU A 435 6.49 -22.45 -19.85
N ALA A 436 6.24 -23.11 -18.72
CA ALA A 436 5.12 -22.77 -17.85
C ALA A 436 5.66 -21.92 -16.70
N ALA A 437 5.10 -20.73 -16.56
CA ALA A 437 5.59 -19.75 -15.60
C ALA A 437 4.54 -19.50 -14.52
N GLU A 438 4.91 -18.62 -13.58
CA GLU A 438 4.03 -18.27 -12.48
C GLU A 438 3.18 -17.03 -12.80
N GLY A 439 3.84 -15.93 -13.12
CA GLY A 439 3.14 -14.69 -13.39
C GLY A 439 3.77 -13.86 -14.48
N ASP A 440 3.30 -12.62 -14.67
CA ASP A 440 3.78 -11.78 -15.74
C ASP A 440 5.24 -11.40 -15.57
N SER A 441 5.78 -11.44 -14.35
CA SER A 441 7.19 -11.14 -14.15
C SER A 441 8.07 -12.18 -14.82
N ALA A 442 7.75 -13.46 -14.61
CA ALA A 442 8.47 -14.52 -15.30
C ALA A 442 8.30 -14.41 -16.81
N LEU A 443 7.10 -14.03 -17.25
CA LEU A 443 6.85 -13.82 -18.67
C LEU A 443 7.77 -12.75 -19.24
N SER A 444 7.92 -11.63 -18.53
CA SER A 444 8.78 -10.56 -19.00
C SER A 444 10.24 -11.00 -19.01
N LEU A 445 10.67 -11.72 -17.98
CA LEU A 445 12.04 -12.19 -17.95
C LEU A 445 12.35 -13.13 -19.11
N LEU A 446 11.44 -14.08 -19.35
CA LEU A 446 11.64 -15.02 -20.45
C LEU A 446 11.58 -14.32 -21.80
N ARG A 447 10.69 -13.33 -21.94
CA ARG A 447 10.62 -12.58 -23.19
C ARG A 447 11.91 -11.80 -23.44
N ALA A 448 12.43 -11.18 -22.40
CA ALA A 448 13.69 -10.45 -22.54
C ALA A 448 14.83 -11.38 -22.90
N GLY A 449 14.87 -12.56 -22.30
CA GLY A 449 15.90 -13.52 -22.65
C GLY A 449 15.77 -14.03 -24.08
N LEU A 450 14.56 -14.35 -24.50
CA LEU A 450 14.35 -14.93 -25.82
C LEU A 450 14.50 -13.92 -26.95
N THR A 451 14.24 -12.64 -26.67
CA THR A 451 14.30 -11.62 -27.71
C THR A 451 15.73 -11.31 -28.14
N LEU A 452 16.73 -11.83 -27.45
CA LEU A 452 18.11 -11.59 -27.83
C LEU A 452 18.37 -12.11 -29.24
N GLY A 453 19.05 -11.29 -30.04
CA GLY A 453 19.36 -11.64 -31.41
C GLY A 453 20.51 -10.81 -31.95
N LYS A 454 21.44 -11.48 -32.64
CA LYS A 454 22.69 -10.91 -33.17
C LYS A 454 23.65 -10.49 -32.06
N SER A 455 23.24 -10.57 -30.79
CA SER A 455 24.13 -10.44 -29.66
C SER A 455 24.29 -11.75 -28.89
N ASN A 456 23.46 -12.75 -29.19
CA ASN A 456 23.56 -14.07 -28.57
C ASN A 456 23.07 -15.09 -29.58
N PRO A 457 23.90 -15.40 -30.59
CA PRO A 457 23.41 -16.27 -31.67
C PRO A 457 23.15 -17.69 -31.21
N SER A 458 23.95 -18.22 -30.29
CA SER A 458 23.73 -19.54 -29.74
C SER A 458 22.86 -19.39 -28.50
N GLY A 459 21.55 -19.42 -28.71
CA GLY A 459 20.61 -19.26 -27.63
C GLY A 459 19.19 -19.57 -28.06
N PRO A 460 18.29 -19.69 -27.10
CA PRO A 460 16.90 -20.00 -27.43
C PRO A 460 16.17 -18.81 -28.02
N SER A 461 15.12 -19.12 -28.77
CA SER A 461 14.27 -18.11 -29.38
C SER A 461 12.87 -18.69 -29.54
N PHE A 462 11.95 -17.86 -30.02
CA PHE A 462 10.56 -18.30 -30.18
C PHE A 462 10.39 -19.32 -31.29
N ASP A 463 11.46 -19.69 -31.98
CA ASP A 463 11.37 -20.75 -32.97
C ASP A 463 11.03 -22.09 -32.34
N PHE A 464 11.62 -22.38 -31.17
CA PHE A 464 11.42 -23.66 -30.50
C PHE A 464 11.08 -23.51 -29.03
N CYS A 465 10.59 -22.35 -28.59
CA CYS A 465 10.27 -22.12 -27.20
C CYS A 465 8.84 -21.63 -27.07
N GLY A 466 8.05 -22.31 -26.25
CA GLY A 466 6.69 -21.90 -25.97
C GLY A 466 6.62 -20.88 -24.85
N MET A 467 5.39 -20.54 -24.48
CA MET A 467 5.15 -19.51 -23.48
C MET A 467 3.72 -19.65 -22.98
N ILE A 468 3.54 -19.80 -21.67
CA ILE A 468 2.20 -19.90 -21.12
C ILE A 468 2.27 -19.53 -19.64
N SER A 469 1.20 -18.89 -19.15
CA SER A 469 1.04 -18.57 -17.75
C SER A 469 -0.02 -19.47 -17.15
N LEU A 470 0.24 -19.98 -15.94
CA LEU A 470 -0.75 -20.82 -15.28
C LEU A 470 -2.03 -20.03 -14.99
N GLY A 471 -1.89 -18.80 -14.51
CA GLY A 471 -3.05 -17.96 -14.26
C GLY A 471 -4.02 -18.53 -13.26
N GLY A 472 -3.52 -19.22 -12.24
CA GLY A 472 -4.39 -19.85 -11.27
C GLY A 472 -3.59 -20.81 -10.40
N VAL A 473 -4.31 -21.66 -9.68
CA VAL A 473 -3.69 -22.67 -8.84
C VAL A 473 -4.10 -24.03 -9.37
N ILE A 474 -3.23 -25.02 -9.15
CA ILE A 474 -3.44 -26.37 -9.67
C ILE A 474 -4.30 -27.14 -8.68
N MET A 475 -5.34 -27.80 -9.19
CA MET A 475 -6.16 -28.65 -8.35
C MET A 475 -5.45 -29.96 -8.05
N ASN A 476 -5.74 -30.51 -6.87
CA ASN A 476 -5.21 -31.82 -6.49
C ASN A 476 -6.11 -32.89 -7.11
N ALA A 477 -5.65 -33.48 -8.22
CA ALA A 477 -6.49 -34.40 -8.96
C ALA A 477 -6.71 -35.71 -8.21
N CYS A 478 -5.78 -36.09 -7.34
CA CYS A 478 -5.87 -37.38 -6.67
C CYS A 478 -7.10 -37.49 -5.78
N LYS A 479 -7.65 -36.36 -5.35
CA LYS A 479 -8.85 -36.37 -4.50
C LYS A 479 -10.13 -36.17 -5.28
N LYS A 480 -10.06 -35.74 -6.53
CA LYS A 480 -11.24 -35.45 -7.34
C LYS A 480 -11.49 -36.50 -8.41
N VAL A 481 -10.98 -37.71 -8.22
CA VAL A 481 -11.15 -38.79 -9.19
C VAL A 481 -11.66 -40.02 -8.47
N THR A 482 -12.34 -40.89 -9.22
CA THR A 482 -12.89 -42.12 -8.68
C THR A 482 -12.43 -43.30 -9.52
N ASN A 483 -11.86 -44.31 -8.88
CA ASN A 483 -11.38 -45.49 -9.57
C ASN A 483 -12.43 -46.58 -9.49
N ILE A 484 -12.89 -47.05 -10.65
CA ILE A 484 -13.91 -48.08 -10.72
C ILE A 484 -13.45 -49.17 -11.69
N THR A 485 -13.64 -50.43 -11.30
CA THR A 485 -13.25 -51.57 -12.13
C THR A 485 -14.47 -52.07 -12.89
N THR A 486 -14.35 -52.10 -14.21
CA THR A 486 -15.44 -52.56 -15.06
C THR A 486 -15.44 -54.08 -15.14
N ASP A 487 -16.43 -54.63 -15.85
CA ASP A 487 -16.58 -56.08 -15.97
C ASP A 487 -15.44 -56.71 -16.78
N SER A 488 -14.74 -55.92 -17.59
CA SER A 488 -13.63 -56.43 -18.39
C SER A 488 -12.32 -56.47 -17.61
N GLY A 489 -12.37 -56.38 -16.29
CA GLY A 489 -11.16 -56.39 -15.49
C GLY A 489 -10.26 -55.20 -15.71
N GLU A 490 -10.83 -54.03 -15.98
CA GLU A 490 -10.06 -52.81 -16.24
C GLU A 490 -10.46 -51.76 -15.21
N THR A 491 -9.46 -51.18 -14.56
CA THR A 491 -9.69 -50.10 -13.60
C THR A 491 -9.58 -48.76 -14.32
N ILE A 492 -10.68 -48.02 -14.36
CA ILE A 492 -10.75 -46.74 -15.06
C ILE A 492 -11.03 -45.64 -14.04
N MET A 493 -10.40 -44.50 -14.24
CA MET A 493 -10.55 -43.34 -13.35
C MET A 493 -11.48 -42.34 -14.00
N VAL A 494 -12.59 -42.04 -13.33
CA VAL A 494 -13.56 -41.05 -13.80
C VAL A 494 -13.37 -39.77 -12.99
N ARG A 495 -13.24 -38.65 -13.69
CA ARG A 495 -13.03 -37.35 -13.07
C ARG A 495 -14.36 -36.67 -12.82
N ASN A 496 -14.48 -36.01 -11.67
CA ASN A 496 -15.73 -35.35 -11.33
C ASN A 496 -15.89 -34.07 -12.15
N GLU A 497 -16.98 -33.36 -11.91
CA GLU A 497 -17.31 -32.17 -12.69
C GLU A 497 -16.28 -31.07 -12.49
N GLN A 498 -15.86 -30.83 -11.24
CA GLN A 498 -14.96 -29.71 -10.97
C GLN A 498 -13.62 -29.91 -11.65
N LEU A 499 -13.09 -31.13 -11.63
CA LEU A 499 -11.82 -31.40 -12.30
C LEU A 499 -11.94 -31.17 -13.80
N THR A 500 -13.07 -31.60 -14.39
CA THR A 500 -13.25 -31.41 -15.82
C THR A 500 -13.42 -29.95 -16.20
N ASN A 501 -13.98 -29.14 -15.30
CA ASN A 501 -14.29 -27.76 -15.62
C ASN A 501 -13.20 -26.77 -15.21
N ASN A 502 -12.07 -27.24 -14.70
CA ASN A 502 -11.01 -26.32 -14.31
C ASN A 502 -10.37 -25.68 -15.54
N LYS A 503 -10.16 -24.37 -15.47
CA LYS A 503 -9.68 -23.64 -16.64
C LYS A 503 -8.21 -23.91 -16.90
N VAL A 504 -7.39 -23.91 -15.85
CA VAL A 504 -5.94 -24.05 -16.03
C VAL A 504 -5.59 -25.41 -16.60
N LEU A 505 -6.17 -26.48 -16.04
CA LEU A 505 -5.90 -27.81 -16.53
C LEU A 505 -6.42 -27.99 -17.95
N GLN A 506 -7.59 -27.43 -18.26
CA GLN A 506 -8.10 -27.50 -19.61
C GLN A 506 -7.17 -26.81 -20.59
N GLY A 507 -6.67 -25.62 -20.23
CA GLY A 507 -5.75 -24.93 -21.11
C GLY A 507 -4.46 -25.70 -21.32
N ILE A 508 -3.92 -26.28 -20.24
CA ILE A 508 -2.67 -27.04 -20.37
C ILE A 508 -2.89 -28.25 -21.27
N VAL A 509 -3.96 -29.00 -21.05
CA VAL A 509 -4.18 -30.21 -21.83
C VAL A 509 -4.52 -29.87 -23.28
N GLN A 510 -5.14 -28.71 -23.53
CA GLN A 510 -5.43 -28.31 -24.89
C GLN A 510 -4.16 -27.88 -25.62
N VAL A 511 -3.30 -27.11 -24.96
CA VAL A 511 -2.06 -26.68 -25.59
C VAL A 511 -1.17 -27.87 -25.88
N LEU A 512 -1.04 -28.77 -24.92
CA LEU A 512 -0.22 -29.96 -25.14
C LEU A 512 -0.93 -31.01 -25.97
N GLY A 513 -2.25 -30.95 -26.08
CA GLY A 513 -2.97 -31.95 -26.84
C GLY A 513 -2.87 -33.35 -26.26
N LEU A 514 -2.95 -33.46 -24.94
CA LEU A 514 -2.87 -34.75 -24.28
C LEU A 514 -4.18 -35.52 -24.41
N ASP A 515 -4.08 -36.83 -24.42
CA ASP A 515 -5.23 -37.72 -24.47
C ASP A 515 -5.27 -38.54 -23.18
N PHE A 516 -6.45 -38.58 -22.55
CA PHE A 516 -6.59 -39.32 -21.30
C PHE A 516 -6.80 -40.81 -21.52
N ASN A 517 -6.89 -41.26 -22.77
CA ASN A 517 -7.00 -42.69 -23.06
C ASN A 517 -5.68 -43.29 -23.52
N CYS A 518 -4.77 -42.49 -24.05
CA CYS A 518 -3.47 -42.99 -24.49
C CYS A 518 -2.50 -43.01 -23.32
N HIS A 519 -1.79 -44.13 -23.17
CA HIS A 519 -0.81 -44.26 -22.10
C HIS A 519 0.57 -43.78 -22.49
N TYR A 520 0.81 -43.46 -23.76
CA TYR A 520 2.08 -42.93 -24.22
C TYR A 520 3.25 -43.84 -23.82
N LYS A 521 3.05 -45.14 -23.97
CA LYS A 521 4.07 -46.10 -23.59
C LYS A 521 5.20 -46.23 -24.60
N THR A 522 5.05 -45.62 -25.78
CA THR A 522 6.04 -45.75 -26.83
C THR A 522 6.28 -44.40 -27.50
N GLN A 523 7.32 -44.33 -28.30
CA GLN A 523 7.68 -43.07 -28.96
C GLN A 523 6.63 -42.68 -30.01
N GLU A 524 5.95 -43.65 -30.60
CA GLU A 524 4.98 -43.34 -31.65
C GLU A 524 3.85 -42.46 -31.11
N GLU A 525 3.32 -42.81 -29.94
CA GLU A 525 2.27 -42.00 -29.34
C GLU A 525 2.81 -40.70 -28.76
N ARG A 526 4.06 -40.70 -28.31
CA ARG A 526 4.66 -39.48 -27.78
C ARG A 526 4.88 -38.45 -28.87
N ALA A 527 5.15 -38.89 -30.10
CA ALA A 527 5.37 -37.97 -31.21
C ALA A 527 4.11 -37.20 -31.56
N LYS A 528 2.93 -37.68 -31.14
CA LYS A 528 1.68 -36.98 -31.43
C LYS A 528 1.48 -35.73 -30.58
N LEU A 529 2.32 -35.51 -29.58
CA LEU A 529 2.18 -34.32 -28.74
C LEU A 529 2.66 -33.08 -29.48
N ARG A 530 2.09 -31.94 -29.10
CA ARG A 530 2.43 -30.69 -29.76
C ARG A 530 3.79 -30.15 -29.35
N TYR A 531 4.32 -30.57 -28.20
CA TYR A 531 5.62 -30.11 -27.74
C TYR A 531 6.47 -31.31 -27.31
N GLY A 532 7.78 -31.14 -27.43
CA GLY A 532 8.69 -32.21 -27.04
C GLY A 532 8.88 -32.35 -25.55
N CYS A 533 8.78 -31.25 -24.81
CA CYS A 533 8.92 -31.29 -23.37
C CYS A 533 8.26 -30.05 -22.78
N ILE A 534 7.92 -30.13 -21.50
CA ILE A 534 7.33 -29.02 -20.77
C ILE A 534 8.27 -28.66 -19.62
N VAL A 535 8.63 -27.39 -19.54
CA VAL A 535 9.59 -26.89 -18.56
C VAL A 535 8.85 -25.96 -17.62
N ALA A 536 8.95 -26.24 -16.32
CA ALA A 536 8.33 -25.42 -15.30
C ALA A 536 9.30 -24.34 -14.85
N CYS A 537 8.86 -23.09 -14.93
CA CYS A 537 9.68 -21.93 -14.56
C CYS A 537 8.99 -21.23 -13.39
N VAL A 538 9.30 -21.66 -12.18
CA VAL A 538 8.67 -21.14 -10.98
C VAL A 538 9.73 -20.49 -10.10
N ASP A 539 9.25 -19.74 -9.11
CA ASP A 539 10.14 -19.06 -8.18
C ASP A 539 10.85 -20.08 -7.29
N GLN A 540 11.89 -19.60 -6.61
CA GLN A 540 12.67 -20.45 -5.72
C GLN A 540 12.17 -20.44 -4.28
N ASP A 541 11.06 -19.74 -4.01
CA ASP A 541 10.51 -19.72 -2.67
C ASP A 541 9.87 -21.07 -2.35
N LEU A 542 9.36 -21.18 -1.12
CA LEU A 542 8.71 -22.42 -0.70
C LEU A 542 7.46 -22.70 -1.52
N ASP A 543 6.66 -21.66 -1.80
CA ASP A 543 5.41 -21.83 -2.51
C ASP A 543 5.65 -22.44 -3.89
N GLY A 544 6.37 -21.73 -4.75
CA GLY A 544 6.53 -22.18 -6.12
C GLY A 544 7.23 -23.51 -6.24
N CYS A 545 8.34 -23.69 -5.51
CA CYS A 545 9.09 -24.93 -5.59
C CYS A 545 8.29 -26.10 -5.03
N GLY A 546 7.69 -25.93 -3.86
CA GLY A 546 6.98 -27.02 -3.24
C GLY A 546 5.60 -27.28 -3.80
N LYS A 547 4.68 -26.34 -3.59
CA LYS A 547 3.26 -26.62 -3.82
C LYS A 547 2.97 -26.83 -5.31
N ILE A 548 3.34 -25.86 -6.14
CA ILE A 548 2.99 -25.92 -7.55
C ILE A 548 3.66 -27.09 -8.23
N LEU A 549 4.96 -27.26 -8.00
CA LEU A 549 5.68 -28.36 -8.64
C LEU A 549 5.19 -29.71 -8.16
N GLY A 550 4.91 -29.85 -6.86
CA GLY A 550 4.39 -31.11 -6.37
C GLY A 550 3.02 -31.43 -6.94
N LEU A 551 2.16 -30.42 -7.06
CA LEU A 551 0.84 -30.66 -7.62
C LEU A 551 0.93 -31.04 -9.09
N LEU A 552 1.79 -30.36 -9.85
CA LEU A 552 1.97 -30.72 -11.26
C LEU A 552 2.50 -32.13 -11.41
N LEU A 553 3.50 -32.50 -10.60
CA LEU A 553 4.05 -33.84 -10.67
C LEU A 553 3.02 -34.88 -10.27
N ALA A 554 2.19 -34.57 -9.26
CA ALA A 554 1.14 -35.48 -8.86
C ALA A 554 0.13 -35.68 -9.99
N TYR A 555 -0.23 -34.59 -10.67
CA TYR A 555 -1.13 -34.69 -11.82
C TYR A 555 -0.57 -35.62 -12.87
N PHE A 556 0.68 -35.37 -13.29
CA PHE A 556 1.27 -36.16 -14.35
C PHE A 556 1.43 -37.62 -13.94
N HIS A 557 1.87 -37.87 -12.71
CA HIS A 557 2.06 -39.23 -12.25
C HIS A 557 0.73 -39.97 -12.13
N LEU A 558 -0.32 -39.27 -11.71
CA LEU A 558 -1.62 -39.92 -11.62
C LEU A 558 -2.14 -40.30 -13.00
N PHE A 559 -1.93 -39.44 -13.99
CA PHE A 559 -2.53 -39.70 -15.30
C PHE A 559 -1.59 -40.37 -16.30
N TRP A 560 -0.38 -39.85 -16.48
CA TRP A 560 0.55 -40.34 -17.50
C TRP A 560 1.93 -40.53 -16.90
N PRO A 561 2.14 -41.63 -16.16
CA PRO A 561 3.46 -41.85 -15.55
C PRO A 561 4.59 -41.98 -16.56
N GLN A 562 4.31 -42.55 -17.74
CA GLN A 562 5.37 -42.78 -18.71
C GLN A 562 5.98 -41.48 -19.20
N LEU A 563 5.22 -40.40 -19.20
CA LEU A 563 5.77 -39.10 -19.58
C LEU A 563 6.87 -38.68 -18.61
N ILE A 564 6.63 -38.85 -17.31
CA ILE A 564 7.68 -38.59 -16.33
C ILE A 564 8.83 -39.57 -16.51
N VAL A 565 8.52 -40.82 -16.86
CA VAL A 565 9.56 -41.83 -17.03
C VAL A 565 10.52 -41.44 -18.16
N HIS A 566 9.97 -40.99 -19.29
CA HIS A 566 10.77 -40.66 -20.45
C HIS A 566 11.25 -39.22 -20.46
N GLY A 567 11.26 -38.55 -19.31
CA GLY A 567 11.80 -37.20 -19.23
C GLY A 567 11.02 -36.15 -19.98
N PHE A 568 9.69 -36.25 -20.00
CA PHE A 568 8.87 -35.24 -20.64
C PHE A 568 8.70 -33.99 -19.78
N VAL A 569 9.02 -34.07 -18.50
CA VAL A 569 8.82 -32.96 -17.57
C VAL A 569 10.19 -32.49 -17.08
N LYS A 570 10.44 -31.19 -17.22
CA LYS A 570 11.68 -30.59 -16.75
C LYS A 570 11.36 -29.32 -15.98
N ARG A 571 12.36 -28.82 -15.28
CA ARG A 571 12.22 -27.60 -14.50
C ARG A 571 13.42 -26.71 -14.74
N LEU A 572 13.22 -25.40 -14.54
CA LEU A 572 14.28 -24.41 -14.68
C LEU A 572 14.82 -24.10 -13.29
N LEU A 573 16.10 -24.39 -13.08
CA LEU A 573 16.73 -24.21 -11.78
C LEU A 573 17.48 -22.88 -11.78
N THR A 574 16.91 -21.88 -11.14
CA THR A 574 17.58 -20.59 -11.08
C THR A 574 18.22 -20.38 -9.70
N PRO A 575 19.37 -19.72 -9.64
CA PRO A 575 20.03 -19.51 -8.34
C PRO A 575 19.15 -18.69 -7.40
N LEU A 576 19.20 -19.04 -6.12
CA LEU A 576 18.44 -18.32 -5.11
C LEU A 576 19.24 -17.15 -4.53
N ILE A 577 20.50 -17.39 -4.17
CA ILE A 577 21.38 -16.37 -3.63
C ILE A 577 22.64 -16.35 -4.47
N ARG A 578 23.15 -15.14 -4.74
CA ARG A 578 24.41 -14.99 -5.46
C ARG A 578 25.32 -14.03 -4.71
N VAL A 579 26.57 -14.41 -4.54
CA VAL A 579 27.56 -13.53 -3.91
C VAL A 579 28.62 -13.18 -4.93
N TYR A 580 28.86 -11.89 -5.08
CA TYR A 580 29.82 -11.34 -6.02
C TYR A 580 31.12 -11.00 -5.30
N GLU A 581 32.24 -11.30 -5.95
CA GLU A 581 33.55 -10.90 -5.46
C GLU A 581 33.92 -9.59 -6.15
N LYS A 582 34.16 -8.54 -5.35
CA LYS A 582 34.49 -7.24 -5.90
C LYS A 582 35.77 -7.31 -6.72
N GLY A 583 35.76 -6.66 -7.88
CA GLY A 583 36.84 -6.76 -8.83
C GLY A 583 36.71 -7.91 -9.80
N ASN A 584 35.69 -8.76 -9.65
CA ASN A 584 35.46 -9.89 -10.53
C ASN A 584 34.06 -9.80 -11.11
N THR A 585 33.91 -10.34 -12.33
CA THR A 585 32.66 -10.30 -13.06
C THR A 585 31.89 -11.61 -12.96
N VAL A 586 32.36 -12.56 -12.15
CA VAL A 586 31.72 -13.86 -12.00
C VAL A 586 31.37 -14.07 -10.53
N PRO A 587 30.10 -14.17 -10.16
CA PRO A 587 29.75 -14.48 -8.77
C PRO A 587 29.65 -15.98 -8.55
N VAL A 588 29.27 -16.39 -7.35
CA VAL A 588 28.95 -17.79 -7.10
C VAL A 588 27.50 -17.86 -6.61
N GLU A 589 26.88 -19.02 -6.84
CA GLU A 589 25.44 -19.19 -6.68
C GLU A 589 25.13 -20.31 -5.69
N PHE A 590 24.09 -20.10 -4.89
CA PHE A 590 23.56 -21.09 -3.98
C PHE A 590 22.06 -21.20 -4.20
N TYR A 591 21.56 -22.44 -4.23
CA TYR A 591 20.14 -22.69 -4.45
C TYR A 591 19.36 -22.93 -3.17
N TYR A 592 20.05 -23.18 -2.06
CA TYR A 592 19.40 -23.35 -0.76
C TYR A 592 20.06 -22.42 0.25
N GLU A 593 19.26 -21.97 1.22
CA GLU A 593 19.80 -21.07 2.23
C GLU A 593 20.81 -21.76 3.12
N GLN A 594 20.65 -23.07 3.35
CA GLN A 594 21.59 -23.80 4.19
C GLN A 594 22.96 -23.89 3.53
N GLU A 595 23.00 -24.10 2.21
CA GLU A 595 24.28 -24.17 1.51
C GLU A 595 25.01 -22.84 1.59
N PHE A 596 24.29 -21.74 1.38
CA PHE A 596 24.92 -20.42 1.48
C PHE A 596 25.40 -20.16 2.90
N ASP A 597 24.59 -20.53 3.90
CA ASP A 597 24.97 -20.31 5.28
C ASP A 597 26.23 -21.10 5.63
N ALA A 598 26.30 -22.36 5.22
CA ALA A 598 27.47 -23.17 5.49
C ALA A 598 28.71 -22.61 4.80
N TRP A 599 28.56 -22.21 3.53
CA TRP A 599 29.70 -21.66 2.82
C TRP A 599 30.18 -20.36 3.45
N ALA A 600 29.24 -19.49 3.84
CA ALA A 600 29.62 -18.21 4.46
C ALA A 600 30.30 -18.42 5.80
N LYS A 601 29.78 -19.33 6.63
CA LYS A 601 30.42 -19.60 7.91
C LYS A 601 31.80 -20.20 7.70
N LYS A 602 31.94 -21.11 6.74
CA LYS A 602 33.25 -21.66 6.43
C LYS A 602 34.18 -20.60 5.84
N GLN A 603 33.63 -19.66 5.08
CA GLN A 603 34.45 -18.62 4.48
C GLN A 603 35.06 -17.73 5.57
N THR A 604 36.33 -17.38 5.37
CA THR A 604 37.05 -16.60 6.37
C THR A 604 36.48 -15.19 6.50
N SER A 605 36.32 -14.49 5.38
CA SER A 605 35.84 -13.11 5.40
C SER A 605 34.96 -12.87 4.19
N LEU A 606 34.02 -11.92 4.34
CA LEU A 606 33.13 -11.56 3.26
C LEU A 606 32.94 -10.05 3.14
N ALA A 607 33.88 -9.25 3.68
CA ALA A 607 33.77 -7.81 3.57
C ALA A 607 33.87 -7.36 2.12
N ASN A 608 34.69 -8.03 1.33
CA ASN A 608 34.81 -7.75 -0.09
C ASN A 608 33.81 -8.54 -0.93
N HIS A 609 32.90 -9.27 -0.29
CA HIS A 609 31.88 -10.07 -0.96
C HIS A 609 30.53 -9.39 -0.78
N THR A 610 29.74 -9.37 -1.86
CA THR A 610 28.42 -8.74 -1.86
C THR A 610 27.36 -9.81 -2.09
N VAL A 611 26.50 -10.00 -1.10
CA VAL A 611 25.44 -11.02 -1.18
C VAL A 611 24.19 -10.39 -1.77
N LYS A 612 23.46 -11.17 -2.58
CA LYS A 612 22.23 -10.72 -3.19
C LYS A 612 21.22 -11.86 -3.15
N TYR A 613 20.06 -11.60 -2.55
CA TYR A 613 18.96 -12.54 -2.51
C TYR A 613 18.07 -12.33 -3.74
N TYR A 614 17.56 -13.43 -4.28
CA TYR A 614 16.67 -13.40 -5.43
C TYR A 614 15.34 -14.02 -5.01
N LYS A 615 14.45 -13.19 -4.47
CA LYS A 615 13.12 -13.66 -4.10
C LYS A 615 12.30 -13.88 -5.35
N GLY A 616 12.33 -15.11 -5.88
CA GLY A 616 11.80 -15.36 -7.20
C GLY A 616 12.76 -14.86 -8.26
N LEU A 617 12.34 -14.99 -9.51
CA LEU A 617 13.14 -14.53 -10.64
C LEU A 617 12.66 -13.20 -11.19
N ALA A 618 11.75 -12.52 -10.49
CA ALA A 618 11.28 -11.22 -10.92
C ALA A 618 12.34 -10.13 -10.82
N ALA A 619 13.42 -10.39 -10.09
CA ALA A 619 14.47 -9.39 -9.87
C ALA A 619 15.81 -9.97 -10.29
N HIS A 620 16.30 -9.57 -11.46
CA HIS A 620 17.61 -9.98 -11.93
C HIS A 620 18.17 -8.90 -12.84
N ASP A 621 19.49 -8.89 -12.97
CA ASP A 621 20.17 -7.92 -13.81
C ASP A 621 20.03 -8.30 -15.28
N THR A 622 20.10 -7.28 -16.14
CA THR A 622 20.08 -7.53 -17.57
C THR A 622 21.29 -8.35 -18.02
N HIS A 623 22.47 -8.01 -17.48
CA HIS A 623 23.64 -8.84 -17.75
C HIS A 623 23.46 -10.24 -17.19
N GLU A 624 22.78 -10.36 -16.05
CA GLU A 624 22.54 -11.66 -15.46
C GLU A 624 21.70 -12.53 -16.38
N VAL A 625 20.56 -12.01 -16.85
CA VAL A 625 19.70 -12.79 -17.74
C VAL A 625 20.41 -13.02 -19.06
N LYS A 626 21.27 -12.08 -19.49
CA LYS A 626 22.06 -12.30 -20.69
C LYS A 626 22.96 -13.51 -20.53
N SER A 627 23.61 -13.64 -19.38
CA SER A 627 24.45 -14.81 -19.11
C SER A 627 23.60 -16.08 -19.03
N MET A 628 22.44 -16.01 -18.37
CA MET A 628 21.59 -17.17 -18.25
C MET A 628 21.18 -17.71 -19.61
N PHE A 629 20.81 -16.82 -20.53
CA PHE A 629 20.44 -17.27 -21.85
C PHE A 629 21.65 -17.52 -22.74
N LYS A 630 22.83 -17.03 -22.35
CA LYS A 630 24.06 -17.46 -23.01
C LYS A 630 24.33 -18.93 -22.73
N HIS A 631 24.10 -19.37 -21.49
CA HIS A 631 24.20 -20.78 -21.12
C HIS A 631 22.82 -21.23 -20.66
N PHE A 632 21.97 -21.58 -21.61
CA PHE A 632 20.57 -21.88 -21.31
C PHE A 632 20.36 -23.34 -20.91
N ASP A 633 20.98 -24.26 -21.62
CA ASP A 633 20.81 -25.68 -21.34
C ASP A 633 21.43 -26.10 -20.02
N LYS A 634 22.18 -25.22 -19.37
CA LYS A 634 22.76 -25.52 -18.07
C LYS A 634 21.77 -25.37 -16.93
N MET A 635 20.56 -24.88 -17.20
CA MET A 635 19.58 -24.61 -16.16
C MET A 635 18.29 -25.41 -16.34
N VAL A 636 18.30 -26.45 -17.16
CA VAL A 636 17.14 -27.30 -17.37
C VAL A 636 17.44 -28.67 -16.76
N TYR A 637 16.58 -29.13 -15.86
CA TYR A 637 16.75 -30.40 -15.17
C TYR A 637 15.52 -31.26 -15.41
N THR A 638 15.74 -32.49 -15.87
CA THR A 638 14.63 -33.39 -16.15
C THR A 638 14.27 -34.22 -14.93
N PHE A 639 12.98 -34.42 -14.71
CA PHE A 639 12.51 -35.23 -13.60
C PHE A 639 12.46 -36.70 -14.01
N THR A 640 12.88 -37.57 -13.10
CA THR A 640 12.90 -39.00 -13.36
C THR A 640 12.16 -39.73 -12.25
N LEU A 641 11.54 -40.86 -12.62
CA LEU A 641 10.75 -41.66 -11.71
C LEU A 641 11.58 -42.81 -11.15
N ASP A 642 11.10 -43.34 -10.02
CA ASP A 642 11.73 -44.50 -9.40
C ASP A 642 10.64 -45.34 -8.74
N ASP A 643 11.07 -46.41 -8.07
CA ASP A 643 10.12 -47.37 -7.52
C ASP A 643 9.40 -46.80 -6.30
N SER A 644 10.13 -46.13 -5.41
CA SER A 644 9.54 -45.66 -4.16
C SER A 644 8.45 -44.62 -4.42
N ALA A 645 8.69 -43.71 -5.37
CA ALA A 645 7.80 -42.57 -5.56
C ALA A 645 6.36 -43.00 -5.77
N LYS A 646 6.15 -44.19 -6.34
CA LYS A 646 4.79 -44.67 -6.58
C LYS A 646 3.93 -44.58 -5.32
N GLU A 647 4.49 -44.97 -4.18
CA GLU A 647 3.73 -44.84 -2.95
C GLU A 647 3.90 -43.47 -2.31
N LEU A 648 5.05 -42.82 -2.53
CA LEU A 648 5.31 -41.54 -1.88
C LEU A 648 4.27 -40.50 -2.27
N PHE A 649 3.92 -40.44 -3.56
CA PHE A 649 2.85 -39.55 -3.98
C PHE A 649 1.58 -39.79 -3.18
N HIS A 650 1.21 -41.06 -3.00
CA HIS A 650 0.00 -41.38 -2.27
C HIS A 650 0.07 -40.87 -0.83
N ILE A 651 1.28 -40.77 -0.28
CA ILE A 651 1.41 -40.23 1.07
C ILE A 651 1.11 -38.74 1.08
N TYR A 652 1.61 -38.02 0.08
CA TYR A 652 1.55 -36.56 0.11
C TYR A 652 0.30 -35.98 -0.52
N PHE A 653 -0.40 -36.74 -1.36
CA PHE A 653 -1.57 -36.20 -2.04
C PHE A 653 -2.75 -37.18 -2.06
N GLY A 654 -2.68 -38.27 -1.32
CA GLY A 654 -3.77 -39.23 -1.30
C GLY A 654 -4.92 -38.76 -0.43
N GLY A 655 -5.94 -39.62 -0.36
CA GLY A 655 -7.13 -39.33 0.40
C GLY A 655 -7.07 -39.69 1.87
N GLU A 656 -5.93 -40.16 2.35
CA GLU A 656 -5.76 -40.57 3.74
C GLU A 656 -4.94 -39.52 4.47
N SER A 657 -5.56 -38.83 5.41
CA SER A 657 -4.84 -37.84 6.21
C SER A 657 -3.97 -38.47 7.28
N GLU A 658 -4.21 -39.74 7.62
CA GLU A 658 -3.41 -40.39 8.65
C GLU A 658 -1.97 -40.57 8.20
N LEU A 659 -1.76 -40.86 6.92
CA LEU A 659 -0.40 -40.98 6.41
C LEU A 659 0.32 -39.64 6.52
N ARG A 660 -0.36 -38.54 6.24
CA ARG A 660 0.26 -37.23 6.41
C ARG A 660 0.51 -36.92 7.88
N LYS A 661 -0.37 -37.37 8.77
CA LYS A 661 -0.12 -37.22 10.20
C LYS A 661 1.15 -37.95 10.61
N ARG A 662 1.34 -39.16 10.10
CA ARG A 662 2.50 -39.96 10.47
C ARG A 662 3.77 -39.44 9.82
N GLU A 663 3.65 -38.81 8.65
CA GLU A 663 4.80 -38.35 7.88
C GLU A 663 5.27 -36.96 8.30
N LEU A 664 4.34 -36.04 8.56
CA LEU A 664 4.68 -34.66 8.82
C LEU A 664 5.07 -34.42 10.28
N CYS A 665 5.09 -35.45 11.12
CA CYS A 665 5.44 -35.31 12.52
C CYS A 665 6.95 -35.27 12.75
N THR A 666 7.74 -35.03 11.71
CA THR A 666 9.19 -34.97 11.83
C THR A 666 9.74 -34.01 10.81
N GLY A 667 10.98 -33.57 11.04
CA GLY A 667 11.59 -32.59 10.18
C GLY A 667 12.05 -33.18 8.85
N VAL A 668 12.51 -32.28 7.98
CA VAL A 668 12.96 -32.65 6.65
C VAL A 668 14.45 -32.98 6.69
N VAL A 669 14.81 -34.14 6.17
CA VAL A 669 16.20 -34.59 6.12
C VAL A 669 16.84 -34.00 4.86
N PRO A 670 17.90 -33.21 4.98
CA PRO A 670 18.50 -32.59 3.80
C PRO A 670 19.23 -33.60 2.93
N LEU A 671 19.42 -33.22 1.67
CA LEU A 671 20.11 -34.07 0.71
C LEU A 671 21.59 -34.19 1.07
N THR A 672 22.13 -35.40 0.91
CA THR A 672 23.54 -35.61 1.19
C THR A 672 24.39 -35.06 0.04
N GLU A 673 25.69 -34.95 0.31
CA GLU A 673 26.61 -34.33 -0.65
C GLU A 673 26.68 -35.14 -1.94
N THR A 674 26.72 -36.46 -1.83
CA THR A 674 26.80 -37.29 -3.03
C THR A 674 25.56 -37.13 -3.91
N GLN A 675 24.39 -37.07 -3.29
CA GLN A 675 23.15 -36.95 -4.05
C GLN A 675 23.11 -35.64 -4.83
N THR A 676 23.40 -34.52 -4.15
CA THR A 676 23.37 -33.24 -4.84
C THR A 676 24.48 -33.13 -5.88
N GLN A 677 25.63 -33.75 -5.62
CA GLN A 677 26.70 -33.76 -6.62
C GLN A 677 26.26 -34.49 -7.87
N SER A 678 25.64 -35.65 -7.70
CA SER A 678 25.14 -36.40 -8.86
C SER A 678 24.06 -35.61 -9.59
N ILE A 679 23.17 -34.96 -8.84
CA ILE A 679 22.09 -34.19 -9.46
C ILE A 679 22.66 -33.05 -10.29
N HIS A 680 23.64 -32.33 -9.75
CA HIS A 680 24.22 -31.22 -10.49
C HIS A 680 25.14 -31.69 -11.62
N SER A 681 25.63 -32.92 -11.55
CA SER A 681 26.48 -33.43 -12.63
C SER A 681 25.65 -33.91 -13.82
N VAL A 682 24.70 -34.81 -13.57
CA VAL A 682 23.90 -35.37 -14.66
C VAL A 682 22.66 -34.56 -14.98
N ARG A 683 22.33 -33.56 -14.16
CA ARG A 683 21.18 -32.67 -14.39
C ARG A 683 19.88 -33.46 -14.49
N ARG A 684 19.71 -34.44 -13.60
CA ARG A 684 18.48 -35.19 -13.47
C ARG A 684 18.06 -35.22 -12.02
N ILE A 685 16.76 -35.02 -11.77
CA ILE A 685 16.23 -34.94 -10.42
C ILE A 685 15.25 -36.09 -10.21
N PRO A 686 15.46 -36.97 -9.24
CA PRO A 686 14.43 -37.96 -8.91
C PRO A 686 13.25 -37.28 -8.24
N CYS A 687 12.05 -37.68 -8.66
CA CYS A 687 10.85 -37.04 -8.13
C CYS A 687 10.66 -37.34 -6.65
N SER A 688 11.09 -38.51 -6.19
CA SER A 688 10.95 -38.85 -4.78
C SER A 688 11.76 -37.89 -3.91
N LEU A 689 12.97 -37.54 -4.34
CA LEU A 689 13.77 -36.59 -3.58
C LEU A 689 13.11 -35.22 -3.53
N HIS A 690 12.55 -34.78 -4.66
CA HIS A 690 11.86 -33.49 -4.68
C HIS A 690 10.68 -33.50 -3.72
N LEU A 691 9.90 -34.57 -3.72
CA LEU A 691 8.78 -34.67 -2.78
C LEU A 691 9.26 -34.66 -1.34
N GLN A 692 10.34 -35.41 -1.06
CA GLN A 692 10.82 -35.50 0.31
C GLN A 692 11.47 -34.22 0.80
N VAL A 693 11.89 -33.33 -0.10
CA VAL A 693 12.51 -32.10 0.35
C VAL A 693 11.57 -30.91 0.23
N ASP A 694 11.22 -30.54 -1.01
CA ASP A 694 10.54 -29.26 -1.22
C ASP A 694 9.09 -29.31 -0.76
N THR A 695 8.37 -30.35 -1.15
CA THR A 695 6.97 -30.46 -0.75
C THR A 695 6.84 -30.61 0.76
N LYS A 696 7.73 -31.40 1.38
CA LYS A 696 7.67 -31.56 2.82
C LYS A 696 7.96 -30.24 3.52
N ALA A 697 8.94 -29.48 3.02
CA ALA A 697 9.23 -28.18 3.63
C ALA A 697 8.03 -27.25 3.51
N TYR A 698 7.39 -27.22 2.33
CA TYR A 698 6.23 -26.36 2.17
C TYR A 698 5.09 -26.76 3.10
N LYS A 699 4.84 -28.06 3.21
CA LYS A 699 3.74 -28.52 4.07
C LYS A 699 4.02 -28.20 5.54
N LEU A 700 5.27 -28.36 5.96
CA LEU A 700 5.63 -28.00 7.34
C LEU A 700 5.43 -26.51 7.57
N ASP A 701 5.81 -25.68 6.60
CA ASP A 701 5.60 -24.24 6.75
C ASP A 701 4.11 -23.90 6.81
N ALA A 702 3.30 -24.58 6.01
CA ALA A 702 1.86 -24.34 6.05
C ALA A 702 1.28 -24.71 7.41
N ILE A 703 1.72 -25.84 7.96
CA ILE A 703 1.29 -26.21 9.31
C ILE A 703 1.70 -25.13 10.30
N GLU A 704 2.93 -24.64 10.18
CA GLU A 704 3.43 -23.65 11.12
C GLU A 704 2.64 -22.35 11.06
N ARG A 705 2.24 -21.94 9.86
CA ARG A 705 1.58 -20.65 9.70
C ARG A 705 0.06 -20.74 9.68
N GLN A 706 -0.54 -21.92 9.82
CA GLN A 706 -1.99 -22.03 9.82
C GLN A 706 -2.58 -22.57 11.11
N ILE A 707 -1.76 -22.92 12.10
CA ILE A 707 -2.27 -23.46 13.35
C ILE A 707 -1.75 -22.63 14.52
N PRO A 708 -2.60 -22.21 15.45
CA PRO A 708 -2.16 -21.29 16.49
C PRO A 708 -1.20 -21.94 17.48
N ASN A 709 -0.41 -21.10 18.12
CA ASN A 709 0.43 -21.53 19.23
C ASN A 709 -0.42 -21.69 20.48
N PHE A 710 -0.16 -22.77 21.23
CA PHE A 710 -1.01 -23.05 22.38
C PHE A 710 -0.75 -22.09 23.54
N LEU A 711 0.37 -21.37 23.54
CA LEU A 711 0.62 -20.35 24.54
C LEU A 711 0.02 -19.02 24.12
N ASP A 712 0.43 -18.51 22.98
CA ASP A 712 -0.05 -17.22 22.49
C ASP A 712 -1.53 -17.27 22.16
N GLY A 713 -1.98 -18.33 21.51
CA GLY A 713 -3.34 -18.42 21.03
C GLY A 713 -3.57 -17.88 19.65
N MET A 714 -2.55 -17.34 18.99
CA MET A 714 -2.69 -16.74 17.67
C MET A 714 -1.67 -17.34 16.72
N THR A 715 -1.92 -17.14 15.42
CA THR A 715 -1.03 -17.62 14.38
C THR A 715 0.08 -16.60 14.12
N ARG A 716 0.96 -16.95 13.17
CA ARG A 716 2.09 -16.08 12.87
C ARG A 716 1.63 -14.73 12.31
N ALA A 717 0.68 -14.74 11.38
CA ALA A 717 0.20 -13.50 10.81
C ALA A 717 -0.48 -12.62 11.86
N ARG A 718 -1.28 -13.22 12.72
CA ARG A 718 -1.96 -12.45 13.75
C ARG A 718 -0.95 -11.90 14.77
N ARG A 719 0.08 -12.67 15.08
CA ARG A 719 1.12 -12.16 15.97
C ARG A 719 1.84 -10.97 15.35
N LYS A 720 2.16 -11.06 14.06
CA LYS A 720 2.78 -9.93 13.37
C LYS A 720 1.86 -8.71 13.41
N ILE A 721 0.56 -8.93 13.18
CA ILE A 721 -0.39 -7.82 13.19
C ILE A 721 -0.44 -7.17 14.57
N LEU A 722 -0.49 -7.98 15.63
CA LEU A 722 -0.54 -7.43 16.98
C LEU A 722 0.72 -6.64 17.31
N ALA A 723 1.89 -7.19 16.98
CA ALA A 723 3.12 -6.48 17.27
C ALA A 723 3.20 -5.18 16.48
N GLY A 724 2.80 -5.21 15.20
CA GLY A 724 2.80 -4.00 14.41
C GLY A 724 1.85 -2.95 14.95
N GLY A 725 0.68 -3.36 15.39
CA GLY A 725 -0.25 -2.43 16.00
C GLY A 725 0.30 -1.81 17.27
N LEU A 726 0.94 -2.64 18.11
CA LEU A 726 1.56 -2.13 19.32
C LEU A 726 2.61 -1.08 19.00
N LYS A 727 3.43 -1.35 17.98
CA LYS A 727 4.47 -0.39 17.62
C LYS A 727 3.87 0.88 17.02
N CYS A 728 2.83 0.74 16.20
CA CYS A 728 2.31 1.88 15.45
C CYS A 728 1.47 2.81 16.33
N PHE A 729 0.50 2.26 17.05
CA PHE A 729 -0.41 3.09 17.83
C PHE A 729 0.17 3.51 19.17
N ALA A 730 1.49 3.37 19.36
CA ALA A 730 2.08 3.75 20.63
C ALA A 730 2.10 5.27 20.79
N SER A 731 2.45 5.99 19.73
CA SER A 731 2.52 7.45 19.81
C SER A 731 1.16 8.06 20.07
N ASN A 732 0.13 7.59 19.35
CA ASN A 732 -1.21 8.13 19.50
C ASN A 732 -2.20 7.09 19.02
N ASN A 733 -3.36 7.05 19.66
CA ASN A 733 -4.40 6.08 19.34
C ASN A 733 -5.33 6.57 18.24
N ARG A 734 -4.87 7.49 17.40
CA ARG A 734 -5.70 8.00 16.31
C ARG A 734 -5.99 6.88 15.32
N GLU A 735 -7.24 6.83 14.86
CA GLU A 735 -7.66 5.77 13.95
C GLU A 735 -6.94 5.87 12.62
N ARG A 736 -6.76 4.72 11.98
CA ARG A 736 -6.13 4.64 10.67
C ARG A 736 -6.93 3.71 9.78
N LYS A 737 -6.83 3.93 8.47
CA LYS A 737 -7.47 3.04 7.52
C LYS A 737 -6.82 1.67 7.56
N VAL A 738 -7.61 0.64 7.25
CA VAL A 738 -7.11 -0.73 7.36
C VAL A 738 -5.97 -0.98 6.39
N PHE A 739 -6.10 -0.50 5.15
CA PHE A 739 -5.06 -0.76 4.17
C PHE A 739 -3.76 -0.05 4.53
N GLN A 740 -3.85 1.18 5.05
CA GLN A 740 -2.65 1.90 5.48
C GLN A 740 -1.96 1.18 6.63
N PHE A 741 -2.74 0.72 7.60
CA PHE A 741 -2.17 -0.02 8.73
C PHE A 741 -1.53 -1.32 8.26
N GLY A 742 -2.17 -2.00 7.29
CA GLY A 742 -1.57 -3.20 6.74
C GLY A 742 -0.26 -2.92 6.04
N GLY A 743 -0.20 -1.82 5.29
CA GLY A 743 1.07 -1.43 4.68
C GLY A 743 2.14 -1.16 5.71
N TYR A 744 1.77 -0.48 6.80
CA TYR A 744 2.73 -0.25 7.88
C TYR A 744 3.24 -1.55 8.46
N VAL A 745 2.33 -2.50 8.72
CA VAL A 745 2.72 -3.77 9.31
C VAL A 745 3.66 -4.53 8.36
N ALA A 746 3.32 -4.55 7.07
CA ALA A 746 4.17 -5.23 6.11
C ALA A 746 5.54 -4.58 6.02
N ASP A 747 5.59 -3.26 6.11
CA ASP A 747 6.87 -2.57 6.03
C ASP A 747 7.75 -2.83 7.24
N HIS A 748 7.18 -2.76 8.43
CA HIS A 748 8.00 -2.73 9.64
C HIS A 748 8.31 -4.10 10.21
N MET A 749 7.53 -5.13 9.88
CA MET A 749 7.79 -6.47 10.40
C MET A 749 7.98 -7.51 9.29
N PHE A 750 8.34 -7.06 8.09
CA PHE A 750 8.85 -7.94 7.04
C PHE A 750 7.84 -9.03 6.68
N TYR A 751 6.61 -8.63 6.42
CA TYR A 751 5.61 -9.54 5.89
C TYR A 751 5.82 -9.65 4.40
N HIS A 752 6.23 -10.84 3.94
CA HIS A 752 6.64 -11.06 2.55
C HIS A 752 5.56 -11.75 1.74
N HIS A 753 4.30 -11.41 1.97
CA HIS A 753 3.19 -12.01 1.24
C HIS A 753 2.26 -10.91 0.76
N GLY A 754 1.15 -11.33 0.15
CA GLY A 754 0.24 -10.36 -0.45
C GLY A 754 -0.45 -9.49 0.59
N ASP A 755 -0.81 -8.29 0.17
CA ASP A 755 -1.45 -7.35 1.08
C ASP A 755 -2.92 -7.69 1.32
N MET A 756 -3.60 -8.32 0.36
CA MET A 756 -5.00 -8.65 0.55
C MET A 756 -5.18 -9.64 1.69
N SER A 757 -4.26 -10.61 1.80
CA SER A 757 -4.33 -11.56 2.91
C SER A 757 -4.18 -10.85 4.24
N LEU A 758 -3.24 -9.90 4.33
CA LEU A 758 -3.05 -9.17 5.58
C LEU A 758 -4.27 -8.33 5.92
N ASN A 759 -4.87 -7.68 4.91
CA ASN A 759 -6.06 -6.89 5.16
C ASN A 759 -7.20 -7.76 5.66
N THR A 760 -7.38 -8.94 5.05
CA THR A 760 -8.43 -9.85 5.50
C THR A 760 -8.17 -10.30 6.93
N SER A 761 -6.91 -10.60 7.26
CA SER A 761 -6.59 -11.02 8.62
C SER A 761 -6.87 -9.91 9.62
N ILE A 762 -6.53 -8.67 9.29
CA ILE A 762 -6.80 -7.56 10.19
C ILE A 762 -8.30 -7.39 10.40
N ILE A 763 -9.06 -7.45 9.31
CA ILE A 763 -10.52 -7.31 9.42
C ILE A 763 -11.09 -8.41 10.30
N LYS A 764 -10.64 -9.65 10.10
CA LYS A 764 -11.12 -10.74 10.94
C LYS A 764 -10.72 -10.56 12.39
N ALA A 765 -9.55 -9.98 12.64
CA ALA A 765 -9.11 -9.77 14.02
C ALA A 765 -9.90 -8.67 14.71
N ALA A 766 -10.42 -7.70 13.95
CA ALA A 766 -11.15 -6.58 14.53
C ALA A 766 -12.65 -6.82 14.64
N GLN A 767 -13.16 -7.94 14.15
CA GLN A 767 -14.59 -8.17 14.14
C GLN A 767 -15.11 -8.40 15.56
N TYR A 768 -16.40 -8.13 15.76
CA TYR A 768 -17.03 -8.36 17.05
C TYR A 768 -18.54 -8.44 16.87
N TYR A 769 -19.12 -9.58 17.21
CA TYR A 769 -20.56 -9.79 17.20
C TYR A 769 -20.86 -11.08 17.96
N PRO A 770 -22.11 -11.31 18.33
CA PRO A 770 -22.44 -12.56 19.03
C PRO A 770 -22.08 -13.77 18.19
N GLY A 771 -21.40 -14.72 18.82
CA GLY A 771 -20.97 -15.93 18.14
C GLY A 771 -19.72 -15.78 17.31
N SER A 772 -19.05 -14.63 17.34
CA SER A 772 -17.86 -14.44 16.54
C SER A 772 -16.71 -15.25 17.10
N SER A 773 -15.63 -15.32 16.32
CA SER A 773 -14.48 -16.13 16.74
C SER A 773 -13.71 -15.49 17.86
N HIS A 774 -13.78 -14.18 18.00
CA HIS A 774 -13.00 -13.43 18.98
C HIS A 774 -13.92 -12.85 20.03
N LEU A 775 -13.89 -13.43 21.23
CA LEU A 775 -14.63 -12.85 22.35
C LEU A 775 -13.97 -11.58 22.84
N TYR A 776 -12.65 -11.47 22.68
CA TYR A 776 -11.88 -10.32 23.17
C TYR A 776 -10.97 -9.82 22.05
N PRO A 777 -11.52 -9.08 21.10
CA PRO A 777 -10.68 -8.56 20.01
C PRO A 777 -9.61 -7.61 20.54
N VAL A 778 -8.49 -7.58 19.83
CA VAL A 778 -7.37 -6.71 20.21
C VAL A 778 -7.46 -5.41 19.44
N PHE A 779 -8.62 -5.15 18.84
CA PHE A 779 -8.79 -3.95 18.04
C PHE A 779 -10.19 -3.40 18.25
N ILE A 780 -10.31 -2.08 18.12
CA ILE A 780 -11.59 -1.38 18.06
C ILE A 780 -11.82 -0.99 16.62
N GLY A 781 -12.95 -1.42 16.06
CA GLY A 781 -13.23 -1.14 14.67
C GLY A 781 -14.27 -0.06 14.46
N ILE A 782 -13.89 0.98 13.74
CA ILE A 782 -14.80 2.06 13.39
C ILE A 782 -15.29 1.82 11.96
N GLY A 783 -16.58 1.58 11.81
CA GLY A 783 -17.16 1.21 10.55
C GLY A 783 -18.02 -0.04 10.65
N SER A 784 -18.15 -0.78 9.56
CA SER A 784 -18.92 -2.01 9.54
C SER A 784 -17.97 -3.19 9.45
N PHE A 785 -18.14 -4.14 10.38
CA PHE A 785 -17.28 -5.32 10.46
C PHE A 785 -18.12 -6.59 10.51
N GLY A 786 -19.22 -6.61 9.77
CA GLY A 786 -20.07 -7.77 9.71
C GLY A 786 -21.00 -7.86 10.91
N SER A 787 -21.92 -8.81 10.84
CA SER A 787 -22.93 -8.99 11.88
C SER A 787 -23.20 -10.48 12.03
N ARG A 788 -24.15 -10.80 12.92
CA ARG A 788 -24.45 -12.20 13.19
C ARG A 788 -24.94 -12.91 11.94
N HIS A 789 -25.79 -12.25 11.17
CA HIS A 789 -26.20 -12.79 9.87
C HIS A 789 -25.03 -12.75 8.91
N LEU A 790 -25.07 -13.63 7.92
CA LEU A 790 -24.03 -13.79 6.90
C LEU A 790 -22.70 -14.25 7.48
N GLY A 791 -22.66 -14.60 8.76
CA GLY A 791 -21.45 -15.14 9.36
C GLY A 791 -20.29 -14.18 9.45
N GLY A 792 -20.52 -12.88 9.24
CA GLY A 792 -19.46 -11.91 9.31
C GLY A 792 -18.77 -11.57 8.00
N LYS A 793 -19.31 -12.02 6.88
CA LYS A 793 -18.74 -11.72 5.57
C LYS A 793 -19.28 -10.44 4.96
N ASP A 794 -20.16 -9.73 5.66
CA ASP A 794 -20.76 -8.50 5.15
C ASP A 794 -20.01 -7.25 5.59
N ALA A 795 -18.72 -7.36 5.91
CA ALA A 795 -17.95 -6.20 6.29
C ALA A 795 -17.63 -5.34 5.07
N GLY A 796 -17.23 -4.09 5.33
CA GLY A 796 -16.90 -3.17 4.27
C GLY A 796 -15.52 -3.41 3.70
N SER A 797 -15.18 -2.58 2.72
CA SER A 797 -13.87 -2.69 2.09
C SER A 797 -12.78 -2.20 3.05
N PRO A 798 -11.57 -2.75 2.94
CA PRO A 798 -10.48 -2.31 3.82
C PRO A 798 -10.06 -0.87 3.61
N ARG A 799 -10.43 -0.25 2.49
CA ARG A 799 -10.04 1.13 2.23
C ARG A 799 -10.94 2.15 2.91
N TYR A 800 -12.08 1.72 3.47
CA TYR A 800 -13.06 2.66 3.98
C TYR A 800 -13.51 2.36 5.41
N ILE A 801 -12.83 1.46 6.12
CA ILE A 801 -13.12 1.20 7.52
C ILE A 801 -11.83 1.39 8.32
N SER A 802 -11.97 1.95 9.51
CA SER A 802 -10.82 2.30 10.32
C SER A 802 -10.69 1.35 11.52
N VAL A 803 -9.47 1.25 12.03
CA VAL A 803 -9.18 0.42 13.18
C VAL A 803 -8.29 1.20 14.15
N GLN A 804 -8.34 0.82 15.41
CA GLN A 804 -7.45 1.40 16.40
C GLN A 804 -7.20 0.40 17.50
N LEU A 805 -6.17 0.66 18.30
CA LEU A 805 -5.76 -0.28 19.34
C LEU A 805 -6.68 -0.18 20.55
N ALA A 806 -7.14 -1.33 21.03
CA ALA A 806 -7.88 -1.40 22.29
C ALA A 806 -6.85 -1.30 23.41
N SER A 807 -6.51 -0.07 23.78
CA SER A 807 -5.34 0.17 24.61
C SER A 807 -5.47 -0.47 25.99
N GLU A 808 -6.63 -0.33 26.62
CA GLU A 808 -6.79 -0.83 27.98
C GLU A 808 -6.64 -2.35 28.03
N PHE A 809 -7.38 -3.05 27.19
CA PHE A 809 -7.34 -4.51 27.20
C PHE A 809 -5.96 -5.03 26.84
N ILE A 810 -5.33 -4.42 25.83
CA ILE A 810 -3.99 -4.86 25.41
C ILE A 810 -2.98 -4.64 26.52
N LYS A 811 -3.02 -3.46 27.14
CA LYS A 811 -2.05 -3.16 28.19
C LYS A 811 -2.25 -4.07 29.41
N THR A 812 -3.49 -4.41 29.74
CA THR A 812 -3.73 -5.28 30.88
C THR A 812 -3.50 -6.75 30.58
N MET A 813 -3.60 -7.16 29.32
CA MET A 813 -3.46 -8.57 28.97
C MET A 813 -2.03 -8.94 28.62
N PHE A 814 -1.38 -8.16 27.75
CA PHE A 814 0.03 -8.34 27.43
C PHE A 814 0.82 -7.25 28.12
N PRO A 815 1.42 -7.53 29.28
CA PRO A 815 2.17 -6.48 29.99
C PRO A 815 3.30 -5.95 29.12
N THR A 816 3.51 -4.63 29.19
CA THR A 816 4.45 -3.98 28.29
C THR A 816 5.89 -4.37 28.61
N GLU A 817 6.20 -4.55 29.89
CA GLU A 817 7.58 -4.87 30.26
C GLU A 817 7.96 -6.27 29.79
N ASP A 818 7.03 -7.22 29.88
CA ASP A 818 7.35 -8.60 29.51
C ASP A 818 7.76 -8.70 28.04
N SER A 819 7.32 -7.76 27.21
CA SER A 819 7.69 -7.78 25.80
C SER A 819 9.19 -7.64 25.59
N TRP A 820 9.92 -7.06 26.55
CA TRP A 820 11.37 -6.99 26.43
C TRP A 820 12.05 -8.34 26.67
N LEU A 821 11.33 -9.34 27.16
CA LEU A 821 11.95 -10.58 27.61
C LEU A 821 11.53 -11.80 26.80
N LEU A 822 10.71 -11.63 25.79
CA LEU A 822 10.31 -12.79 25.02
C LEU A 822 11.38 -13.15 24.00
N PRO A 823 11.47 -14.41 23.61
CA PRO A 823 12.30 -14.76 22.45
C PRO A 823 11.73 -14.16 21.18
N TYR A 824 12.62 -13.81 20.25
CA TYR A 824 12.24 -13.04 19.08
C TYR A 824 12.64 -13.75 17.80
N VAL A 825 11.97 -13.37 16.72
CA VAL A 825 12.23 -13.89 15.38
C VAL A 825 13.05 -12.85 14.63
N PHE A 826 14.14 -13.30 14.01
CA PHE A 826 15.08 -12.40 13.35
C PHE A 826 15.02 -12.60 11.85
N GLU A 827 14.88 -11.49 11.12
CA GLU A 827 14.94 -11.48 9.67
C GLU A 827 16.14 -10.65 9.25
N ASP A 828 17.00 -11.23 8.41
CA ASP A 828 18.21 -10.60 7.88
C ASP A 828 18.97 -9.82 8.95
N GLY A 829 19.02 -10.36 10.17
CA GLY A 829 19.71 -9.69 11.25
C GLY A 829 18.93 -8.57 11.91
N GLN A 830 17.64 -8.42 11.61
CA GLN A 830 16.81 -7.39 12.21
C GLN A 830 15.66 -8.05 12.98
N ARG A 831 15.18 -7.34 13.99
CA ARG A 831 14.12 -7.88 14.83
C ARG A 831 12.78 -7.84 14.10
N ALA A 832 11.89 -8.73 14.53
CA ALA A 832 10.56 -8.85 13.96
C ALA A 832 9.61 -9.13 15.13
N GLU A 833 8.43 -9.63 14.82
CA GLU A 833 7.46 -9.96 15.86
C GLU A 833 8.04 -11.02 16.79
N PRO A 834 7.57 -11.08 18.04
CA PRO A 834 8.11 -12.07 18.97
C PRO A 834 7.84 -13.48 18.51
N GLU A 835 8.64 -14.41 19.04
CA GLU A 835 8.40 -15.82 18.75
C GLU A 835 7.04 -16.26 19.25
N TYR A 836 6.67 -15.83 20.45
CA TYR A 836 5.33 -16.04 20.98
C TYR A 836 5.11 -15.07 22.13
N TYR A 837 3.85 -14.85 22.46
CA TYR A 837 3.45 -14.05 23.61
C TYR A 837 3.03 -14.98 24.75
N VAL A 838 3.08 -14.45 25.97
CA VAL A 838 2.61 -15.19 27.13
C VAL A 838 1.59 -14.32 27.86
N PRO A 839 0.31 -14.39 27.49
CA PRO A 839 -0.68 -13.51 28.11
C PRO A 839 -0.96 -13.90 29.56
N VAL A 840 -1.57 -12.95 30.28
CA VAL A 840 -1.87 -13.16 31.70
C VAL A 840 -2.84 -14.31 31.87
N LEU A 841 -3.87 -14.37 31.05
CA LEU A 841 -4.80 -15.48 31.06
C LEU A 841 -4.65 -16.30 29.80
N PRO A 842 -4.89 -17.62 29.85
CA PRO A 842 -4.61 -18.45 28.68
C PRO A 842 -5.59 -18.20 27.56
N LEU A 843 -5.18 -17.44 26.55
CA LEU A 843 -6.07 -17.06 25.47
C LEU A 843 -6.37 -18.21 24.51
N ALA A 844 -5.67 -19.33 24.63
CA ALA A 844 -5.88 -20.42 23.70
C ALA A 844 -7.25 -21.08 23.88
N ILE A 845 -7.79 -21.05 25.09
CA ILE A 845 -9.04 -21.74 25.39
C ILE A 845 -10.14 -20.74 25.76
N MET A 846 -9.98 -19.47 25.42
CA MET A 846 -11.00 -18.46 25.68
C MET A 846 -11.57 -17.86 24.41
N GLU A 847 -11.30 -18.46 23.25
CA GLU A 847 -11.81 -17.97 21.98
C GLU A 847 -12.42 -19.13 21.21
N TYR A 848 -13.08 -18.79 20.10
CA TYR A 848 -13.65 -19.77 19.19
C TYR A 848 -12.77 -19.85 17.96
N GLY A 849 -12.45 -21.06 17.53
CA GLY A 849 -11.63 -21.24 16.35
C GLY A 849 -11.97 -22.51 15.61
N ALA A 850 -11.84 -22.47 14.29
CA ALA A 850 -12.06 -23.67 13.48
C ALA A 850 -11.45 -23.45 12.11
N ASN A 851 -10.43 -24.24 11.77
CA ASN A 851 -9.84 -24.18 10.44
C ASN A 851 -8.96 -25.40 10.23
N PRO A 852 -8.77 -25.84 8.99
CA PRO A 852 -7.91 -26.99 8.72
C PRO A 852 -6.48 -26.57 8.42
N SER A 853 -5.63 -27.58 8.25
CA SER A 853 -4.26 -27.39 7.80
C SER A 853 -3.75 -28.74 7.35
N GLU A 854 -2.56 -28.74 6.75
CA GLU A 854 -2.02 -29.96 6.17
C GLU A 854 -1.92 -31.06 7.20
N GLY A 855 -2.76 -32.08 7.07
CA GLY A 855 -2.72 -33.24 7.94
C GLY A 855 -3.42 -33.07 9.27
N TRP A 856 -4.03 -31.92 9.55
CA TRP A 856 -4.62 -31.72 10.87
C TRP A 856 -5.77 -30.72 10.77
N LYS A 857 -6.60 -30.70 11.81
CA LYS A 857 -7.67 -29.72 11.93
C LYS A 857 -7.63 -29.12 13.32
N TYR A 858 -7.93 -27.82 13.41
CA TYR A 858 -7.94 -27.12 14.68
C TYR A 858 -9.36 -26.62 14.93
N THR A 859 -9.91 -26.94 16.10
CA THR A 859 -11.26 -26.53 16.46
C THR A 859 -11.34 -26.40 17.97
N THR A 860 -11.70 -25.21 18.43
CA THR A 860 -11.73 -24.88 19.85
C THR A 860 -12.98 -24.10 20.17
N TRP A 861 -13.68 -24.51 21.22
CA TRP A 861 -14.83 -23.80 21.76
C TRP A 861 -14.45 -23.13 23.07
N ALA A 862 -14.79 -21.85 23.20
CA ALA A 862 -14.33 -21.06 24.33
C ALA A 862 -14.87 -21.60 25.65
N ARG A 863 -14.05 -21.50 26.70
CA ARG A 863 -14.43 -21.93 28.03
C ARG A 863 -15.04 -20.78 28.81
N GLN A 864 -15.74 -21.13 29.90
CA GLN A 864 -16.35 -20.12 30.74
C GLN A 864 -15.28 -19.30 31.44
N LEU A 865 -15.46 -17.97 31.44
CA LEU A 865 -14.48 -17.10 32.05
C LEU A 865 -14.38 -17.33 33.55
N GLU A 866 -15.51 -17.56 34.21
CA GLU A 866 -15.51 -17.71 35.67
C GLU A 866 -14.72 -18.95 36.10
N ASP A 867 -14.90 -20.07 35.40
CA ASP A 867 -14.16 -21.27 35.75
C ASP A 867 -12.67 -21.08 35.56
N ILE A 868 -12.27 -20.41 34.48
CA ILE A 868 -10.87 -20.13 34.24
C ILE A 868 -10.30 -19.27 35.34
N LEU A 869 -11.02 -18.22 35.72
CA LEU A 869 -10.56 -17.34 36.79
C LEU A 869 -10.40 -18.11 38.09
N ALA A 870 -11.38 -18.96 38.42
CA ALA A 870 -11.31 -19.73 39.66
C ALA A 870 -10.12 -20.67 39.65
N LEU A 871 -9.89 -21.36 38.52
CA LEU A 871 -8.78 -22.29 38.43
C LEU A 871 -7.45 -21.57 38.61
N VAL A 872 -7.25 -20.47 37.87
CA VAL A 872 -5.98 -19.77 37.95
C VAL A 872 -5.77 -19.21 39.34
N ARG A 873 -6.81 -18.62 39.94
CA ARG A 873 -6.67 -18.07 41.28
C ARG A 873 -6.32 -19.15 42.28
N ALA A 874 -7.02 -20.30 42.22
CA ALA A 874 -6.69 -21.39 43.13
C ALA A 874 -5.27 -21.87 42.93
N TYR A 875 -4.76 -21.79 41.70
CA TYR A 875 -3.36 -22.17 41.48
C TYR A 875 -2.40 -21.13 42.03
N VAL A 876 -2.82 -19.88 42.12
CA VAL A 876 -1.91 -18.80 42.47
C VAL A 876 -2.18 -18.21 43.86
N ASP A 877 -3.41 -18.28 44.36
CA ASP A 877 -3.78 -17.51 45.55
C ASP A 877 -2.99 -17.94 46.78
N LYS A 878 -2.80 -19.26 46.97
CA LYS A 878 -2.06 -19.83 48.09
C LYS A 878 -2.84 -19.69 49.39
N ASN A 879 -3.94 -18.95 49.36
CA ASN A 879 -4.87 -18.87 50.48
C ASN A 879 -6.22 -19.46 50.15
N ASN A 880 -6.46 -19.79 48.89
CA ASN A 880 -7.71 -20.44 48.51
C ASN A 880 -7.78 -21.81 49.20
N PRO A 881 -8.93 -22.16 49.78
CA PRO A 881 -9.05 -23.50 50.38
C PRO A 881 -8.88 -24.62 49.37
N LYS A 882 -8.99 -24.33 48.08
CA LYS A 882 -8.76 -25.32 47.03
C LYS A 882 -7.33 -25.27 46.49
N HIS A 883 -6.46 -24.44 47.07
CA HIS A 883 -5.10 -24.32 46.53
C HIS A 883 -4.31 -25.60 46.73
N GLU A 884 -4.48 -26.27 47.87
CA GLU A 884 -3.63 -27.41 48.20
C GLU A 884 -3.86 -28.57 47.24
N LEU A 885 -5.11 -28.95 47.02
CA LEU A 885 -5.38 -30.09 46.16
C LEU A 885 -5.38 -29.73 44.69
N LEU A 886 -5.42 -28.43 44.35
CA LEU A 886 -5.20 -28.04 42.96
C LEU A 886 -3.78 -28.43 42.53
N HIS A 887 -2.81 -28.14 43.38
CA HIS A 887 -1.50 -28.78 43.24
C HIS A 887 -1.65 -30.26 43.60
N TYR A 888 -0.76 -31.07 43.07
CA TYR A 888 -0.90 -32.51 43.18
C TYR A 888 0.36 -33.12 43.78
N ALA A 889 0.23 -33.70 44.97
CA ALA A 889 1.28 -34.51 45.57
C ALA A 889 1.13 -35.98 45.23
N ILE A 890 0.09 -36.35 44.48
CA ILE A 890 -0.14 -37.72 44.04
C ILE A 890 0.15 -37.89 42.56
N ASP A 891 -0.48 -37.08 41.71
CA ASP A 891 -0.22 -37.06 40.28
C ASP A 891 -0.95 -35.85 39.69
N HIS A 892 -0.26 -35.12 38.81
CA HIS A 892 -0.84 -33.92 38.22
C HIS A 892 -1.54 -34.22 36.90
N LYS A 893 -2.39 -35.24 36.89
CA LYS A 893 -3.27 -35.56 35.76
C LYS A 893 -4.70 -35.74 36.21
N ILE A 894 -5.14 -34.98 37.22
CA ILE A 894 -6.48 -35.07 37.73
C ILE A 894 -7.16 -33.70 37.63
N THR A 895 -8.48 -33.72 37.52
CA THR A 895 -9.30 -32.52 37.44
C THR A 895 -10.14 -32.41 38.70
N VAL A 896 -10.11 -31.25 39.34
CA VAL A 896 -10.88 -31.01 40.55
C VAL A 896 -11.83 -29.83 40.43
N LEU A 897 -11.80 -29.07 39.34
CA LEU A 897 -12.66 -27.93 39.16
C LEU A 897 -13.34 -27.99 37.81
N PRO A 898 -14.55 -27.48 37.69
CA PRO A 898 -15.26 -27.54 36.41
C PRO A 898 -14.62 -26.65 35.37
N LEU A 899 -14.76 -27.07 34.11
CA LEU A 899 -14.33 -26.27 32.96
C LEU A 899 -15.42 -26.43 31.89
N ARG A 900 -16.39 -25.53 31.93
CA ARG A 900 -17.57 -25.67 31.10
C ARG A 900 -17.56 -24.67 29.96
N PRO A 901 -18.23 -24.96 28.85
CA PRO A 901 -18.28 -24.01 27.74
C PRO A 901 -18.94 -22.71 28.17
N SER A 902 -18.41 -21.60 27.66
CA SER A 902 -18.92 -20.28 28.00
C SER A 902 -20.24 -20.03 27.28
N ASN A 903 -21.17 -19.40 27.99
CA ASN A 903 -22.43 -18.93 27.41
C ASN A 903 -22.57 -17.47 27.80
N TYR A 904 -21.93 -16.58 27.05
CA TYR A 904 -22.02 -15.15 27.33
C TYR A 904 -23.09 -14.49 26.48
N ASN A 905 -22.96 -14.54 25.17
CA ASN A 905 -23.99 -14.05 24.25
C ASN A 905 -24.94 -15.16 23.85
N PHE A 906 -25.09 -16.18 24.67
CA PHE A 906 -25.91 -17.35 24.35
C PHE A 906 -27.09 -17.40 25.30
N LYS A 907 -28.30 -17.39 24.73
CA LYS A 907 -29.53 -17.55 25.51
C LYS A 907 -30.13 -18.94 25.38
N GLY A 908 -29.42 -19.86 24.72
CA GLY A 908 -29.87 -21.23 24.60
C GLY A 908 -29.49 -22.04 25.81
N HIS A 909 -29.42 -23.36 25.61
CA HIS A 909 -29.09 -24.28 26.68
C HIS A 909 -27.84 -25.08 26.32
N LEU A 910 -27.11 -25.51 27.35
CA LEU A 910 -25.97 -26.38 27.18
C LEU A 910 -26.18 -27.61 28.05
N LYS A 911 -26.11 -28.79 27.45
CA LYS A 911 -26.31 -30.03 28.18
C LYS A 911 -25.22 -31.02 27.82
N ARG A 912 -24.65 -31.66 28.83
CA ARG A 912 -23.58 -32.63 28.64
C ARG A 912 -24.17 -34.03 28.69
N PHE A 913 -23.97 -34.80 27.62
CA PHE A 913 -24.44 -36.19 27.54
C PHE A 913 -23.23 -37.06 27.22
N GLY A 914 -22.97 -38.04 28.09
CA GLY A 914 -21.83 -38.91 27.90
C GLY A 914 -20.53 -38.15 27.84
N GLN A 915 -19.95 -38.07 26.66
CA GLN A 915 -18.68 -37.37 26.45
C GLN A 915 -18.82 -36.18 25.51
N TYR A 916 -20.02 -35.64 25.35
CA TYR A 916 -20.22 -34.57 24.38
C TYR A 916 -21.18 -33.51 24.92
N TYR A 917 -20.82 -32.26 24.70
CA TYR A 917 -21.69 -31.13 25.03
C TYR A 917 -22.55 -30.78 23.83
N TYR A 918 -23.82 -30.46 24.09
CA TYR A 918 -24.76 -30.08 23.05
C TYR A 918 -25.36 -28.73 23.40
N SER A 919 -25.48 -27.89 22.37
CA SER A 919 -26.09 -26.57 22.48
C SER A 919 -27.46 -26.60 21.83
N TYR A 920 -28.46 -26.10 22.55
CA TYR A 920 -29.84 -26.10 22.08
C TYR A 920 -30.34 -24.66 21.96
N GLY A 921 -31.13 -24.41 20.93
CA GLY A 921 -31.85 -23.15 20.83
C GLY A 921 -33.11 -23.15 21.68
N THR A 922 -33.74 -21.98 21.76
CA THR A 922 -34.94 -21.79 22.56
C THR A 922 -36.12 -21.48 21.65
N TYR A 923 -37.22 -22.18 21.86
CA TYR A 923 -38.41 -22.04 21.04
C TYR A 923 -39.64 -21.98 21.94
N VAL A 924 -40.67 -21.29 21.44
CA VAL A 924 -41.97 -21.24 22.10
C VAL A 924 -43.06 -21.57 21.10
N VAL A 925 -44.19 -22.02 21.63
CA VAL A 925 -45.32 -22.48 20.83
C VAL A 925 -46.56 -21.73 21.27
N SER A 926 -47.42 -21.39 20.32
CA SER A 926 -48.73 -20.83 20.62
C SER A 926 -49.79 -21.64 19.88
N GLU A 927 -50.84 -22.04 20.60
CA GLU A 927 -51.83 -22.96 20.03
C GLU A 927 -52.98 -22.26 19.34
N GLN A 928 -53.23 -20.97 19.62
CA GLN A 928 -54.33 -20.26 18.98
C GLN A 928 -54.11 -20.10 17.48
N ARG A 929 -52.89 -20.30 17.01
CA ARG A 929 -52.59 -20.39 15.59
C ARG A 929 -51.65 -21.55 15.32
N ASN A 930 -51.01 -22.10 16.35
CA ASN A 930 -49.89 -23.03 16.26
C ASN A 930 -48.71 -22.28 15.65
N MET A 931 -48.40 -21.12 16.21
CA MET A 931 -47.23 -20.36 15.81
C MET A 931 -46.00 -20.91 16.52
N ILE A 932 -44.96 -21.17 15.75
CA ILE A 932 -43.68 -21.65 16.27
C ILE A 932 -42.70 -20.49 16.20
N THR A 933 -42.15 -20.11 17.35
CA THR A 933 -41.25 -18.97 17.43
C THR A 933 -39.90 -19.45 17.92
N ILE A 934 -38.87 -19.22 17.10
CA ILE A 934 -37.48 -19.54 17.44
C ILE A 934 -36.84 -18.28 18.00
N THR A 935 -36.40 -18.34 19.26
CA THR A 935 -35.79 -17.20 19.91
C THR A 935 -34.26 -17.29 19.96
N GLU A 936 -33.69 -18.45 19.67
CA GLU A 936 -32.24 -18.59 19.72
C GLU A 936 -31.81 -19.75 18.84
N LEU A 937 -30.65 -19.60 18.21
CA LEU A 937 -29.98 -20.64 17.46
C LEU A 937 -28.80 -21.17 18.26
N PRO A 938 -28.33 -22.38 17.96
CA PRO A 938 -27.14 -22.90 18.65
C PRO A 938 -25.92 -22.03 18.41
N LEU A 939 -24.81 -22.37 19.05
CA LEU A 939 -23.62 -21.52 18.98
C LEU A 939 -23.06 -21.47 17.57
N ARG A 940 -22.81 -20.25 17.08
CA ARG A 940 -22.06 -20.01 15.86
C ARG A 940 -22.74 -20.64 14.64
N VAL A 941 -23.96 -20.20 14.38
CA VAL A 941 -24.64 -20.56 13.13
C VAL A 941 -25.25 -19.30 12.53
N PRO A 942 -24.84 -18.89 11.34
CA PRO A 942 -25.44 -17.70 10.73
C PRO A 942 -26.90 -17.95 10.39
N THR A 943 -27.68 -16.87 10.40
CA THR A 943 -29.11 -16.99 10.16
C THR A 943 -29.42 -17.42 8.74
N VAL A 944 -28.73 -16.84 7.76
CA VAL A 944 -29.02 -17.13 6.36
C VAL A 944 -28.75 -18.61 6.05
N ALA A 945 -27.62 -19.13 6.54
CA ALA A 945 -27.30 -20.53 6.30
C ALA A 945 -28.33 -21.44 6.96
N TYR A 946 -28.79 -21.09 8.16
CA TYR A 946 -29.80 -21.90 8.83
C TYR A 946 -31.11 -21.89 8.05
N ILE A 947 -31.50 -20.74 7.53
CA ILE A 947 -32.72 -20.66 6.74
C ILE A 947 -32.60 -21.51 5.49
N GLU A 948 -31.46 -21.43 4.81
CA GLU A 948 -31.27 -22.24 3.60
C GLU A 948 -31.28 -23.73 3.94
N SER A 949 -30.68 -24.10 5.08
CA SER A 949 -30.66 -25.50 5.47
C SER A 949 -32.06 -26.01 5.78
N ILE A 950 -32.86 -25.22 6.49
CA ILE A 950 -34.21 -25.67 6.82
C ILE A 950 -35.08 -25.72 5.57
N LYS A 951 -34.79 -24.86 4.59
CA LYS A 951 -35.54 -24.90 3.33
C LYS A 951 -35.11 -26.06 2.45
N LYS A 952 -33.86 -26.49 2.55
CA LYS A 952 -33.34 -27.49 1.62
C LYS A 952 -34.00 -28.85 1.82
N SER A 953 -34.12 -29.30 3.07
CA SER A 953 -34.65 -30.63 3.34
C SER A 953 -36.15 -30.66 3.06
N SER A 954 -36.57 -31.58 2.19
CA SER A 954 -37.96 -31.59 1.74
C SER A 954 -38.90 -32.00 2.87
N ASN A 955 -38.56 -33.04 3.61
CA ASN A 955 -39.45 -33.60 4.61
C ASN A 955 -39.75 -32.62 5.74
N ARG A 956 -38.94 -31.58 5.90
CA ARG A 956 -39.18 -30.60 6.95
C ARG A 956 -40.12 -29.49 6.49
N MET A 957 -39.75 -28.76 5.43
CA MET A 957 -40.56 -27.62 5.03
C MET A 957 -41.75 -28.02 4.18
N ALA A 958 -41.91 -29.31 3.87
CA ALA A 958 -43.13 -29.76 3.21
C ALA A 958 -44.35 -29.51 4.07
N PHE A 959 -44.17 -29.36 5.39
CA PHE A 959 -45.26 -29.10 6.31
C PHE A 959 -45.34 -27.62 6.70
N ILE A 960 -44.58 -26.77 6.03
CA ILE A 960 -44.50 -25.35 6.36
C ILE A 960 -44.77 -24.56 5.08
N GLU A 961 -45.67 -23.57 5.17
CA GLU A 961 -45.88 -22.69 4.03
C GLU A 961 -44.83 -21.59 3.98
N GLU A 962 -44.58 -20.91 5.10
CA GLU A 962 -43.72 -19.76 5.11
C GLU A 962 -42.86 -19.73 6.37
N ILE A 963 -41.77 -18.98 6.29
CA ILE A 963 -40.98 -18.61 7.46
C ILE A 963 -40.62 -17.14 7.35
N VAL A 964 -40.63 -16.44 8.48
CA VAL A 964 -40.36 -15.01 8.49
C VAL A 964 -39.45 -14.69 9.66
N ASP A 965 -38.68 -13.60 9.51
CA ASP A 965 -37.70 -13.22 10.52
C ASP A 965 -37.50 -11.71 10.47
N TYR A 966 -37.83 -11.04 11.56
CA TYR A 966 -37.52 -9.62 11.74
C TYR A 966 -36.29 -9.43 12.62
N SER A 967 -35.32 -10.33 12.50
CA SER A 967 -34.18 -10.35 13.41
C SER A 967 -33.41 -9.03 13.34
N SER A 968 -33.08 -8.49 14.51
CA SER A 968 -32.28 -7.28 14.61
C SER A 968 -30.80 -7.66 14.50
N SER A 969 -29.92 -6.70 14.81
CA SER A 969 -28.49 -6.95 14.69
C SER A 969 -27.98 -7.96 15.72
N GLU A 970 -28.71 -8.19 16.81
CA GLU A 970 -28.23 -9.08 17.85
C GLU A 970 -29.30 -10.00 18.43
N THR A 971 -30.49 -10.03 17.85
CA THR A 971 -31.59 -10.85 18.37
C THR A 971 -32.07 -11.83 17.31
N ILE A 972 -32.58 -12.97 17.78
CA ILE A 972 -33.03 -14.04 16.90
C ILE A 972 -34.51 -14.29 17.16
N GLU A 973 -35.31 -14.22 16.10
CA GLU A 973 -36.71 -14.60 16.16
C GLU A 973 -37.15 -15.08 14.79
N ILE A 974 -37.65 -16.30 14.73
CA ILE A 974 -38.13 -16.92 13.51
C ILE A 974 -39.57 -17.35 13.74
N LEU A 975 -40.48 -16.91 12.88
CA LEU A 975 -41.86 -17.33 12.95
C LEU A 975 -42.12 -18.33 11.83
N VAL A 976 -42.62 -19.51 12.19
CA VAL A 976 -42.79 -20.60 11.26
C VAL A 976 -44.28 -20.72 10.94
N LYS A 977 -44.69 -20.16 9.79
CA LYS A 977 -46.03 -20.35 9.26
C LYS A 977 -46.15 -21.76 8.70
N LEU A 978 -46.53 -22.72 9.54
CA LEU A 978 -46.64 -24.11 9.14
C LEU A 978 -48.11 -24.47 8.87
N LYS A 979 -48.33 -25.69 8.40
CA LYS A 979 -49.64 -26.10 7.94
C LYS A 979 -50.61 -26.22 9.12
N PRO A 980 -51.91 -25.98 8.87
CA PRO A 980 -52.90 -26.18 9.94
C PRO A 980 -53.02 -27.65 10.30
N ASN A 981 -53.30 -27.90 11.58
CA ASN A 981 -53.47 -29.25 12.11
C ASN A 981 -52.27 -30.13 11.76
N SER A 982 -51.07 -29.62 12.01
CA SER A 982 -49.84 -30.27 11.58
C SER A 982 -49.00 -30.83 12.72
N LEU A 983 -49.19 -30.35 13.96
CA LEU A 983 -48.31 -30.78 15.04
C LEU A 983 -48.27 -32.30 15.17
N SER A 984 -49.41 -32.96 14.93
CA SER A 984 -49.53 -34.39 15.21
C SER A 984 -48.46 -35.20 14.49
N ARG A 985 -48.32 -35.01 13.18
CA ARG A 985 -47.34 -35.84 12.49
C ARG A 985 -45.92 -35.31 12.65
N ILE A 986 -45.73 -34.09 13.18
CA ILE A 986 -44.40 -33.69 13.61
C ILE A 986 -43.95 -34.54 14.81
N MET A 987 -44.84 -34.70 15.80
CA MET A 987 -44.52 -35.66 16.86
C MET A 987 -44.39 -37.08 16.33
N GLU A 988 -45.27 -37.48 15.41
CA GLU A 988 -45.24 -38.86 14.93
C GLU A 988 -43.97 -39.18 14.16
N GLU A 989 -43.53 -38.28 13.28
CA GLU A 989 -42.39 -38.58 12.40
C GLU A 989 -41.06 -38.33 13.10
N PHE A 990 -40.81 -37.09 13.49
CA PHE A 990 -39.55 -36.73 14.14
C PHE A 990 -39.57 -37.27 15.57
N LYS A 991 -38.72 -38.25 15.83
CA LYS A 991 -38.75 -38.94 17.11
C LYS A 991 -38.35 -38.01 18.24
N GLU A 992 -39.03 -38.15 19.37
CA GLU A 992 -38.73 -37.40 20.58
C GLU A 992 -37.89 -38.30 21.50
N THR A 993 -36.61 -37.97 21.63
CA THR A 993 -35.71 -38.71 22.48
C THR A 993 -35.27 -37.85 23.66
N GLU A 994 -34.67 -38.51 24.66
CA GLU A 994 -34.20 -37.81 25.84
C GLU A 994 -33.08 -36.83 25.52
N GLU A 995 -32.33 -37.05 24.44
CA GLU A 995 -31.26 -36.13 24.08
C GLU A 995 -31.81 -34.85 23.48
N GLN A 996 -32.95 -34.94 22.78
CA GLN A 996 -33.51 -33.79 22.08
C GLN A 996 -34.95 -34.09 21.73
N ASN A 997 -35.82 -33.10 21.89
CA ASN A 997 -37.24 -33.35 21.67
C ASN A 997 -37.55 -33.38 20.19
N SER A 998 -38.81 -33.70 19.88
CA SER A 998 -39.25 -33.78 18.49
C SER A 998 -39.16 -32.43 17.80
N ILE A 999 -39.51 -31.36 18.51
CA ILE A 999 -39.50 -30.03 17.89
C ILE A 999 -38.09 -29.62 17.50
N GLU A 1000 -37.14 -29.84 18.41
CA GLU A 1000 -35.74 -29.52 18.10
C GLU A 1000 -35.23 -30.40 16.96
N ASN A 1001 -35.61 -31.68 16.95
CA ASN A 1001 -35.26 -32.55 15.85
C ASN A 1001 -35.85 -32.07 14.53
N PHE A 1002 -36.99 -31.38 14.60
CA PHE A 1002 -37.67 -30.93 13.40
C PHE A 1002 -37.17 -29.59 12.90
N LEU A 1003 -36.66 -28.74 13.78
CA LEU A 1003 -36.04 -27.48 13.37
C LEU A 1003 -34.51 -27.52 13.38
N ARG A 1004 -33.91 -28.64 13.76
CA ARG A 1004 -32.46 -28.78 13.82
C ARG A 1004 -31.82 -27.69 14.69
N LEU A 1005 -32.32 -27.57 15.91
CA LEU A 1005 -31.85 -26.57 16.85
C LEU A 1005 -30.85 -27.13 17.85
N ARG A 1006 -30.25 -28.28 17.56
CA ARG A 1006 -29.28 -28.92 18.43
C ARG A 1006 -27.95 -29.02 17.70
N ASN A 1007 -26.87 -28.68 18.40
CA ASN A 1007 -25.53 -28.73 17.84
C ASN A 1007 -24.60 -29.46 18.79
N CYS A 1008 -23.62 -30.15 18.23
CA CYS A 1008 -22.61 -30.86 19.01
C CYS A 1008 -21.29 -30.12 18.94
N LEU A 1009 -20.62 -29.97 20.08
CA LEU A 1009 -19.37 -29.22 20.17
C LEU A 1009 -18.21 -30.21 20.12
N HIS A 1010 -17.69 -30.44 18.93
CA HIS A 1010 -16.51 -31.27 18.74
C HIS A 1010 -15.27 -30.41 18.80
N SER A 1011 -14.25 -30.91 19.50
CA SER A 1011 -13.01 -30.18 19.69
C SER A 1011 -11.85 -30.96 19.11
N HIS A 1012 -11.01 -30.28 18.32
CA HIS A 1012 -9.79 -30.85 17.77
C HIS A 1012 -8.63 -29.99 18.27
N LEU A 1013 -8.08 -30.37 19.41
CA LEU A 1013 -7.08 -29.54 20.09
C LEU A 1013 -5.68 -29.94 19.63
N ASN A 1014 -5.30 -29.42 18.47
CA ASN A 1014 -3.97 -29.60 17.93
C ASN A 1014 -3.33 -28.22 17.79
N PHE A 1015 -2.16 -28.04 18.41
CA PHE A 1015 -1.51 -26.75 18.45
C PHE A 1015 -0.06 -26.88 18.00
N VAL A 1016 0.65 -25.76 18.01
CA VAL A 1016 2.03 -25.68 17.55
C VAL A 1016 2.93 -25.39 18.75
N LYS A 1017 3.97 -26.19 18.91
CA LYS A 1017 4.90 -26.02 20.02
C LYS A 1017 5.71 -24.74 19.85
N PRO A 1018 6.22 -24.18 20.95
CA PRO A 1018 7.04 -22.95 20.83
C PRO A 1018 8.28 -23.12 19.99
N LYS A 1019 8.88 -24.30 19.95
CA LYS A 1019 10.11 -24.52 19.20
C LYS A 1019 9.86 -25.27 17.90
N GLY A 1020 8.73 -25.01 17.25
CA GLY A 1020 8.40 -25.68 16.01
C GLY A 1020 7.82 -27.07 16.23
N GLY A 1021 6.94 -27.50 15.35
CA GLY A 1021 6.32 -28.80 15.44
C GLY A 1021 4.87 -28.69 15.89
N ILE A 1022 4.23 -29.85 15.96
CA ILE A 1022 2.82 -29.94 16.33
C ILE A 1022 2.71 -30.74 17.62
N ILE A 1023 1.63 -30.50 18.35
CA ILE A 1023 1.36 -31.20 19.60
C ILE A 1023 -0.15 -31.39 19.70
N GLU A 1024 -0.56 -32.53 20.24
CA GLU A 1024 -1.98 -32.88 20.37
C GLU A 1024 -2.34 -33.02 21.84
N PHE A 1025 -3.44 -32.40 22.23
CA PHE A 1025 -3.94 -32.45 23.59
C PHE A 1025 -5.22 -33.27 23.65
N ASN A 1026 -5.58 -33.69 24.86
CA ASN A 1026 -6.78 -34.48 25.07
C ASN A 1026 -7.91 -33.73 25.76
N SER A 1027 -7.59 -32.67 26.51
CA SER A 1027 -8.62 -31.87 27.16
C SER A 1027 -8.04 -30.50 27.47
N TYR A 1028 -8.95 -29.56 27.75
CA TYR A 1028 -8.51 -28.19 28.03
C TYR A 1028 -7.68 -28.09 29.29
N TYR A 1029 -7.89 -29.02 30.24
CA TYR A 1029 -7.07 -29.04 31.43
C TYR A 1029 -5.60 -29.23 31.09
N GLU A 1030 -5.31 -30.06 30.09
CA GLU A 1030 -3.93 -30.25 29.67
C GLU A 1030 -3.34 -28.95 29.12
N ILE A 1031 -4.12 -28.21 28.35
CA ILE A 1031 -3.63 -26.95 27.80
C ILE A 1031 -3.33 -25.96 28.92
N LEU A 1032 -4.23 -25.86 29.90
CA LEU A 1032 -4.00 -24.95 31.02
C LEU A 1032 -2.77 -25.36 31.81
N TYR A 1033 -2.61 -26.66 32.07
CA TYR A 1033 -1.47 -27.15 32.84
C TYR A 1033 -0.17 -26.90 32.10
N ALA A 1034 -0.18 -27.03 30.77
CA ALA A 1034 1.02 -26.72 30.00
C ALA A 1034 1.31 -25.24 30.00
N TRP A 1035 0.28 -24.40 29.98
CA TRP A 1035 0.49 -22.96 29.89
C TRP A 1035 0.98 -22.34 31.19
N LEU A 1036 0.57 -22.88 32.34
CA LEU A 1036 0.92 -22.25 33.61
C LEU A 1036 2.42 -22.05 33.84
N PRO A 1037 3.28 -23.07 33.70
CA PRO A 1037 4.69 -22.86 34.05
C PRO A 1037 5.38 -21.79 33.22
N TYR A 1038 4.98 -21.62 31.96
CA TYR A 1038 5.58 -20.58 31.14
C TYR A 1038 5.34 -19.20 31.75
N ARG A 1039 4.11 -18.93 32.14
CA ARG A 1039 3.79 -17.65 32.76
C ARG A 1039 4.54 -17.48 34.08
N ARG A 1040 4.60 -18.54 34.89
CA ARG A 1040 5.31 -18.43 36.16
C ARG A 1040 6.79 -18.09 35.95
N ASP A 1041 7.44 -18.80 35.03
CA ASP A 1041 8.85 -18.55 34.77
C ASP A 1041 9.06 -17.16 34.19
N LEU A 1042 8.15 -16.69 33.34
CA LEU A 1042 8.28 -15.34 32.81
C LEU A 1042 8.19 -14.31 33.92
N TYR A 1043 7.29 -14.51 34.87
CA TYR A 1043 7.19 -13.58 36.00
C TYR A 1043 8.50 -13.55 36.79
N GLN A 1044 9.07 -14.73 37.06
CA GLN A 1044 10.31 -14.78 37.82
C GLN A 1044 11.44 -14.06 37.08
N LYS A 1045 11.59 -14.35 35.79
CA LYS A 1045 12.67 -13.74 35.02
C LYS A 1045 12.50 -12.23 34.97
N ARG A 1046 11.27 -11.76 34.80
CA ARG A 1046 11.01 -10.32 34.79
C ARG A 1046 11.44 -9.70 36.11
N LEU A 1047 11.10 -10.35 37.23
CA LEU A 1047 11.46 -9.78 38.53
C LEU A 1047 12.97 -9.70 38.70
N MET A 1048 13.70 -10.76 38.31
CA MET A 1048 15.15 -10.72 38.46
C MET A 1048 15.78 -9.63 37.60
N ARG A 1049 15.33 -9.50 36.34
CA ARG A 1049 15.92 -8.48 35.48
C ARG A 1049 15.65 -7.09 36.03
N GLU A 1050 14.44 -6.84 36.50
CA GLU A 1050 14.15 -5.53 37.10
C GLU A 1050 15.00 -5.27 38.34
N ARG A 1051 15.25 -6.29 39.15
CA ARG A 1051 16.12 -6.09 40.31
C ARG A 1051 17.53 -5.68 39.88
N ALA A 1052 18.10 -6.38 38.91
CA ALA A 1052 19.45 -6.04 38.47
C ALA A 1052 19.50 -4.63 37.87
N VAL A 1053 18.52 -4.30 37.05
CA VAL A 1053 18.48 -2.96 36.44
C VAL A 1053 18.37 -1.90 37.52
N LEU A 1054 17.55 -2.14 38.54
CA LEU A 1054 17.40 -1.18 39.61
C LEU A 1054 18.71 -0.96 40.36
N LYS A 1055 19.44 -2.04 40.62
CA LYS A 1055 20.73 -1.90 41.32
C LYS A 1055 21.70 -1.05 40.50
N LEU A 1056 21.81 -1.35 39.20
CA LEU A 1056 22.72 -0.59 38.36
C LEU A 1056 22.33 0.87 38.29
N ARG A 1057 21.04 1.15 38.14
CA ARG A 1057 20.57 2.53 38.06
C ARG A 1057 20.81 3.26 39.38
N LEU A 1058 20.64 2.57 40.51
CA LEU A 1058 20.93 3.21 41.79
C LEU A 1058 22.39 3.61 41.87
N ILE A 1059 23.30 2.74 41.45
CA ILE A 1059 24.71 3.09 41.47
C ILE A 1059 24.98 4.30 40.58
N MET A 1060 24.42 4.28 39.37
CA MET A 1060 24.67 5.39 38.43
C MET A 1060 24.18 6.71 38.99
N GLU A 1061 22.95 6.72 39.53
CA GLU A 1061 22.40 7.97 40.05
C GLU A 1061 23.14 8.44 41.29
N THR A 1062 23.61 7.53 42.15
CA THR A 1062 24.41 7.96 43.29
C THR A 1062 25.71 8.62 42.83
N ALA A 1063 26.37 8.04 41.83
CA ALA A 1063 27.58 8.68 41.30
C ALA A 1063 27.27 10.03 40.69
N ILE A 1064 26.16 10.14 39.96
CA ILE A 1064 25.78 11.40 39.35
C ILE A 1064 25.54 12.46 40.41
N VAL A 1065 24.86 12.08 41.49
CA VAL A 1065 24.60 13.02 42.58
C VAL A 1065 25.90 13.48 43.21
N ARG A 1066 26.83 12.54 43.45
CA ARG A 1066 28.11 12.92 44.04
C ARG A 1066 28.86 13.91 43.15
N TYR A 1067 28.90 13.65 41.85
CA TYR A 1067 29.51 14.60 40.94
C TYR A 1067 28.84 15.95 41.04
N ILE A 1068 27.55 16.03 40.67
CA ILE A 1068 26.83 17.30 40.69
C ILE A 1068 27.02 18.02 42.01
N ASN A 1069 27.26 17.27 43.09
CA ASN A 1069 27.49 17.91 44.39
C ASN A 1069 28.87 18.56 44.45
N GLU A 1070 29.91 17.86 44.00
CA GLU A 1070 31.28 18.37 44.16
C GLU A 1070 31.90 18.84 42.85
N SER A 1071 31.08 19.17 41.85
CA SER A 1071 31.61 19.51 40.53
C SER A 1071 32.48 20.76 40.56
N ALA A 1072 32.07 21.78 41.32
CA ALA A 1072 32.84 23.01 41.36
C ALA A 1072 34.25 22.80 41.90
N ASP A 1073 34.48 21.71 42.62
CA ASP A 1073 35.82 21.45 43.15
C ASP A 1073 36.79 21.04 42.05
N LEU A 1074 36.37 20.13 41.16
CA LEU A 1074 37.31 19.59 40.19
C LEU A 1074 37.63 20.58 39.08
N ASN A 1075 36.68 21.45 38.73
CA ASN A 1075 36.89 22.50 37.72
C ASN A 1075 37.31 21.90 36.37
N LEU A 1076 36.36 21.17 35.78
CA LEU A 1076 36.62 20.41 34.56
C LEU A 1076 37.18 21.27 33.42
N SER A 1077 37.07 22.61 33.51
CA SER A 1077 37.56 23.45 32.43
C SER A 1077 39.07 23.38 32.29
N HIS A 1078 39.79 23.07 33.37
CA HIS A 1078 41.25 23.05 33.31
C HIS A 1078 41.76 21.96 32.38
N TYR A 1079 41.13 20.79 32.41
CA TYR A 1079 41.64 19.66 31.65
C TYR A 1079 41.41 19.85 30.15
N GLU A 1080 42.22 19.14 29.37
CA GLU A 1080 42.35 19.46 27.95
C GLU A 1080 41.27 18.79 27.11
N ASP A 1081 41.17 17.46 27.17
CA ASP A 1081 40.30 16.72 26.27
C ASP A 1081 39.62 15.60 27.05
N GLU A 1082 38.97 14.70 26.32
CA GLU A 1082 38.18 13.64 26.95
C GLU A 1082 39.05 12.67 27.73
N LYS A 1083 40.21 12.30 27.20
CA LYS A 1083 41.04 11.31 27.86
C LYS A 1083 41.55 11.82 29.19
N GLU A 1084 41.97 13.09 29.25
CA GLU A 1084 42.43 13.65 30.52
C GLU A 1084 41.30 13.67 31.55
N ALA A 1085 40.10 14.04 31.12
CA ALA A 1085 38.96 14.06 32.04
C ALA A 1085 38.65 12.65 32.55
N GLY A 1086 38.68 11.66 31.66
CA GLY A 1086 38.44 10.30 32.10
C GLY A 1086 39.49 9.82 33.09
N ARG A 1087 40.76 10.13 32.82
CA ARG A 1087 41.83 9.72 33.71
C ARG A 1087 41.68 10.36 35.08
N ILE A 1088 41.38 11.67 35.13
CA ILE A 1088 41.25 12.33 36.41
C ILE A 1088 40.01 11.85 37.16
N LEU A 1089 38.94 11.55 36.43
CA LEU A 1089 37.74 11.01 37.07
C LEU A 1089 38.02 9.65 37.68
N SER A 1090 38.74 8.79 36.96
CA SER A 1090 39.11 7.50 37.51
C SER A 1090 40.01 7.65 38.73
N GLU A 1091 40.94 8.62 38.68
CA GLU A 1091 41.78 8.88 39.84
C GLU A 1091 40.95 9.32 41.04
N HIS A 1092 39.91 10.10 40.79
CA HIS A 1092 39.04 10.54 41.88
C HIS A 1092 38.11 9.44 42.37
N GLY A 1093 37.96 8.35 41.63
CA GLY A 1093 37.22 7.19 42.09
C GLY A 1093 35.86 6.99 41.46
N PHE A 1094 35.47 7.79 40.49
CA PHE A 1094 34.17 7.60 39.85
C PHE A 1094 34.21 6.34 38.99
N PRO A 1095 33.23 5.45 39.13
CA PRO A 1095 33.28 4.16 38.45
C PRO A 1095 32.90 4.29 36.98
N PRO A 1096 33.53 3.52 36.10
CA PRO A 1096 33.15 3.55 34.68
C PRO A 1096 32.01 2.61 34.37
N LEU A 1097 30.92 3.15 33.84
CA LEU A 1097 29.72 2.37 33.55
C LEU A 1097 29.33 2.54 32.10
N ASN A 1098 28.33 1.76 31.68
CA ASN A 1098 27.77 1.84 30.34
C ASN A 1098 26.45 2.60 30.45
N GLN A 1099 26.51 3.92 30.27
CA GLN A 1099 25.33 4.76 30.47
C GLN A 1099 24.21 4.38 29.52
N SER A 1100 24.54 4.14 28.25
CA SER A 1100 23.51 3.81 27.27
C SER A 1100 22.81 2.51 27.61
N LEU A 1101 23.55 1.50 28.06
CA LEU A 1101 22.94 0.22 28.36
C LEU A 1101 22.04 0.31 29.59
N ILE A 1102 22.55 0.89 30.68
CA ILE A 1102 21.77 0.94 31.91
C ILE A 1102 20.56 1.84 31.74
N THR A 1103 20.68 2.92 30.97
CA THR A 1103 19.53 3.80 30.78
C THR A 1103 18.42 3.13 30.00
N SER A 1104 18.75 2.26 29.05
CA SER A 1104 17.73 1.63 28.23
C SER A 1104 18.22 0.33 27.62
N PRO A 1105 18.30 -0.76 28.39
CA PRO A 1105 18.78 -2.03 27.81
C PRO A 1105 17.83 -2.59 26.76
N GLU A 1106 16.60 -2.82 27.20
CA GLU A 1106 15.45 -3.18 26.38
C GLU A 1106 15.51 -4.58 25.79
N PHE A 1107 16.68 -5.21 25.77
CA PHE A 1107 16.72 -6.60 25.30
C PHE A 1107 17.75 -7.43 26.03
N ALA A 1108 18.65 -6.77 26.77
CA ALA A 1108 19.78 -7.46 27.37
C ALA A 1108 19.31 -8.42 28.45
N THR A 1109 19.91 -9.62 28.46
CA THR A 1109 19.61 -10.60 29.50
C THR A 1109 20.30 -10.21 30.79
N ILE A 1110 20.01 -10.99 31.85
CA ILE A 1110 20.53 -10.65 33.17
C ILE A 1110 22.05 -10.76 33.20
N GLU A 1111 22.60 -11.74 32.50
CA GLU A 1111 24.06 -11.87 32.43
C GLU A 1111 24.67 -10.82 31.52
N GLU A 1112 23.95 -10.38 30.49
CA GLU A 1112 24.46 -9.32 29.62
C GLU A 1112 24.68 -8.03 30.40
N LEU A 1113 23.78 -7.73 31.34
CA LEU A 1113 23.95 -6.54 32.16
C LEU A 1113 25.26 -6.59 32.94
N ASN A 1114 25.55 -7.74 33.55
CA ASN A 1114 26.77 -7.87 34.32
C ASN A 1114 28.00 -7.82 33.43
N GLN A 1115 27.97 -8.55 32.33
CA GLN A 1115 29.11 -8.57 31.41
C GLN A 1115 29.42 -7.23 30.76
N LYS A 1116 28.41 -6.42 30.50
CA LYS A 1116 28.64 -5.14 29.86
C LYS A 1116 28.56 -3.97 30.83
N ALA A 1117 28.43 -4.24 32.13
CA ALA A 1117 28.44 -3.15 33.09
C ALA A 1117 29.84 -2.62 33.33
N LEU A 1118 30.81 -3.52 33.57
CA LEU A 1118 32.15 -3.06 33.94
C LEU A 1118 32.86 -2.41 32.75
N GLN A 1119 32.64 -2.92 31.54
CA GLN A 1119 33.22 -2.30 30.35
C GLN A 1119 32.32 -1.15 29.91
N GLY A 1120 32.78 0.06 30.13
CA GLY A 1120 32.03 1.26 29.79
C GLY A 1120 32.94 2.44 29.61
N CYS A 1121 32.38 3.63 29.83
CA CYS A 1121 33.10 4.88 29.64
C CYS A 1121 32.73 5.79 30.81
N TYR A 1122 33.02 7.08 30.66
CA TYR A 1122 32.59 8.10 31.60
C TYR A 1122 31.59 9.05 30.93
N THR A 1123 30.74 8.48 30.07
CA THR A 1123 29.79 9.28 29.32
C THR A 1123 28.75 9.94 30.23
N TYR A 1124 28.38 9.28 31.32
CA TYR A 1124 27.30 9.79 32.16
C TYR A 1124 27.68 11.08 32.87
N ILE A 1125 28.95 11.42 32.91
CA ILE A 1125 29.37 12.69 33.51
C ILE A 1125 29.54 13.77 32.45
N LEU A 1126 30.21 13.44 31.35
CA LEU A 1126 30.52 14.42 30.32
C LEU A 1126 29.30 14.85 29.52
N SER A 1127 28.19 14.12 29.61
CA SER A 1127 26.97 14.49 28.93
C SER A 1127 25.99 15.25 29.81
N LEU A 1128 26.42 15.69 30.98
CA LEU A 1128 25.55 16.45 31.88
C LEU A 1128 25.49 17.90 31.44
N GLN A 1129 24.27 18.44 31.38
CA GLN A 1129 24.06 19.81 30.96
C GLN A 1129 24.12 20.75 32.16
N ALA A 1130 24.20 22.05 31.86
CA ALA A 1130 24.30 23.04 32.92
C ALA A 1130 23.05 23.09 33.77
N ARG A 1131 21.88 22.88 33.17
CA ARG A 1131 20.62 22.96 33.91
C ARG A 1131 20.58 21.95 35.05
N GLU A 1132 21.25 20.81 34.89
CA GLU A 1132 21.26 19.82 35.95
C GLU A 1132 22.08 20.26 37.15
N LEU A 1133 22.98 21.21 36.97
CA LEU A 1133 23.84 21.64 38.07
C LEU A 1133 23.10 22.45 39.12
N LEU A 1134 21.85 22.83 38.85
CA LEU A 1134 21.09 23.67 39.77
C LEU A 1134 20.58 22.84 40.95
N ILE A 1135 20.06 23.55 41.96
CA ILE A 1135 19.64 22.88 43.19
C ILE A 1135 18.39 22.04 42.95
N ALA A 1136 17.45 22.56 42.15
CA ALA A 1136 16.19 21.84 41.94
C ALA A 1136 16.42 20.49 41.28
N ALA A 1137 17.32 20.45 40.30
CA ALA A 1137 17.62 19.19 39.64
C ALA A 1137 18.23 18.18 40.61
N LYS A 1138 19.12 18.63 41.49
CA LYS A 1138 19.70 17.73 42.47
C LYS A 1138 18.65 17.22 43.44
N THR A 1139 17.72 18.09 43.86
CA THR A 1139 16.66 17.65 44.76
C THR A 1139 15.76 16.61 44.08
N ARG A 1140 15.40 16.84 42.83
CA ARG A 1140 14.60 15.86 42.10
C ARG A 1140 15.37 14.55 41.95
N ARG A 1141 16.68 14.63 41.74
CA ARG A 1141 17.49 13.42 41.60
C ARG A 1141 17.50 12.63 42.90
N VAL A 1142 17.66 13.30 44.04
CA VAL A 1142 17.70 12.57 45.30
C VAL A 1142 16.33 11.99 45.63
N GLU A 1143 15.25 12.68 45.25
CA GLU A 1143 13.93 12.10 45.42
C GLU A 1143 13.77 10.85 44.56
N LYS A 1144 14.27 10.90 43.32
CA LYS A 1144 14.24 9.72 42.47
C LYS A 1144 15.04 8.58 43.08
N ILE A 1145 16.17 8.88 43.70
CA ILE A 1145 16.97 7.86 44.35
C ILE A 1145 16.18 7.20 45.48
N LYS A 1146 15.49 8.01 46.29
CA LYS A 1146 14.66 7.45 47.35
C LYS A 1146 13.58 6.54 46.78
N LYS A 1147 12.92 6.99 45.72
CA LYS A 1147 11.87 6.18 45.12
C LYS A 1147 12.42 4.87 44.57
N MET A 1148 13.60 4.92 43.95
CA MET A 1148 14.19 3.70 43.41
C MET A 1148 14.57 2.74 44.53
N GLN A 1149 15.06 3.25 45.66
CA GLN A 1149 15.36 2.39 46.78
C GLN A 1149 14.11 1.70 47.31
N ALA A 1150 13.00 2.46 47.41
CA ALA A 1150 11.75 1.86 47.85
C ALA A 1150 11.28 0.78 46.89
N ARG A 1151 11.34 1.04 45.60
CA ARG A 1151 10.97 0.02 44.63
C ARG A 1151 11.90 -1.18 44.70
N LEU A 1152 13.18 -0.96 44.97
CA LEU A 1152 14.14 -2.05 45.02
C LEU A 1152 13.84 -3.00 46.17
N ASP A 1153 13.66 -2.45 47.38
CA ASP A 1153 13.38 -3.38 48.47
C ASP A 1153 11.96 -3.95 48.39
N LYS A 1154 11.03 -3.26 47.73
CA LYS A 1154 9.74 -3.89 47.45
C LYS A 1154 9.90 -5.10 46.53
N VAL A 1155 10.71 -4.97 45.49
CA VAL A 1155 10.96 -6.08 44.59
C VAL A 1155 11.66 -7.22 45.33
N GLU A 1156 12.59 -6.87 46.21
CA GLU A 1156 13.28 -7.89 47.00
C GLU A 1156 12.30 -8.65 47.88
N GLN A 1157 11.34 -7.95 48.47
CA GLN A 1157 10.28 -8.63 49.22
C GLN A 1157 9.46 -9.53 48.30
N LEU A 1158 9.15 -9.05 47.10
CA LEU A 1158 8.35 -9.85 46.17
C LEU A 1158 9.07 -11.12 45.73
N LEU A 1159 10.41 -11.09 45.70
CA LEU A 1159 11.15 -12.25 45.22
C LEU A 1159 10.93 -13.47 46.10
N GLN A 1160 10.93 -13.28 47.42
CA GLN A 1160 10.67 -14.36 48.36
C GLN A 1160 9.18 -14.39 48.64
N GLU A 1161 8.47 -15.30 47.96
CA GLU A 1161 7.02 -15.35 48.07
C GLU A 1161 6.54 -16.72 47.63
N SER A 1162 5.91 -17.46 48.55
CA SER A 1162 5.36 -18.75 48.18
C SER A 1162 4.06 -18.57 47.40
N PRO A 1163 3.75 -19.46 46.46
CA PRO A 1163 4.53 -20.64 46.06
C PRO A 1163 5.72 -20.30 45.17
N PHE A 1164 5.61 -19.27 44.35
CA PHE A 1164 6.67 -18.84 43.45
C PHE A 1164 6.74 -17.33 43.47
N PRO A 1165 7.89 -16.76 43.09
CA PRO A 1165 8.03 -15.29 43.13
C PRO A 1165 7.00 -14.60 42.26
N GLY A 1166 6.55 -13.44 42.73
CA GLY A 1166 5.61 -12.62 41.99
C GLY A 1166 4.21 -13.20 41.83
N ALA A 1167 3.69 -13.86 42.87
CA ALA A 1167 2.33 -14.35 42.80
C ALA A 1167 1.31 -13.22 42.97
N SER A 1168 1.58 -12.31 43.92
CA SER A 1168 0.66 -11.20 44.13
C SER A 1168 0.59 -10.30 42.91
N VAL A 1169 1.71 -10.12 42.21
CA VAL A 1169 1.69 -9.35 40.97
C VAL A 1169 0.76 -10.00 39.96
N TRP A 1170 0.82 -11.33 39.86
CA TRP A 1170 -0.09 -12.05 38.98
C TRP A 1170 -1.53 -11.83 39.38
N LEU A 1171 -1.82 -11.85 40.70
CA LEU A 1171 -3.19 -11.63 41.14
C LEU A 1171 -3.68 -10.24 40.78
N GLU A 1172 -2.85 -9.22 41.00
CA GLU A 1172 -3.26 -7.86 40.65
C GLU A 1172 -3.51 -7.72 39.15
N GLU A 1173 -2.63 -8.31 38.34
CA GLU A 1173 -2.83 -8.22 36.90
C GLU A 1173 -4.09 -8.98 36.46
N ILE A 1174 -4.40 -10.09 37.12
CA ILE A 1174 -5.64 -10.79 36.83
C ILE A 1174 -6.84 -9.91 37.14
N ASP A 1175 -6.82 -9.23 38.29
CA ASP A 1175 -7.93 -8.34 38.62
C ASP A 1175 -8.05 -7.20 37.62
N ALA A 1176 -6.92 -6.63 37.21
CA ALA A 1176 -6.95 -5.54 36.25
C ALA A 1176 -7.52 -5.98 34.92
N VAL A 1177 -7.09 -7.14 34.42
CA VAL A 1177 -7.60 -7.61 33.14
C VAL A 1177 -9.07 -7.99 33.25
N GLU A 1178 -9.50 -8.50 34.40
CA GLU A 1178 -10.93 -8.79 34.58
C GLU A 1178 -11.76 -7.52 34.55
N LYS A 1179 -11.28 -6.46 35.22
CA LYS A 1179 -12.00 -5.19 35.18
C LYS A 1179 -12.06 -4.63 33.76
N ALA A 1180 -10.95 -4.73 33.03
CA ALA A 1180 -10.95 -4.26 31.64
C ALA A 1180 -11.93 -5.06 30.79
N ILE A 1181 -11.99 -6.37 31.00
CA ILE A 1181 -12.91 -7.20 30.24
C ILE A 1181 -14.35 -6.82 30.55
N ILE A 1182 -14.66 -6.59 31.82
CA ILE A 1182 -16.02 -6.20 32.18
C ILE A 1182 -16.38 -4.85 31.55
N LYS A 1183 -15.46 -3.89 31.61
CA LYS A 1183 -15.71 -2.59 31.01
C LYS A 1183 -15.94 -2.72 29.50
N GLY A 1184 -15.15 -3.55 28.83
CA GLY A 1184 -15.37 -3.77 27.42
C GLY A 1184 -16.70 -4.42 27.12
N ARG A 1185 -17.11 -5.38 27.94
CA ARG A 1185 -18.39 -6.04 27.73
C ARG A 1185 -19.55 -5.08 27.91
N ASN A 1186 -19.47 -4.19 28.90
CA ASN A 1186 -20.55 -3.25 29.14
C ASN A 1186 -20.72 -2.23 28.02
N THR A 1187 -19.67 -1.94 27.27
CA THR A 1187 -19.73 -0.97 26.19
C THR A 1187 -19.70 -1.61 24.81
N GLN A 1188 -20.08 -2.89 24.72
CA GLN A 1188 -20.08 -3.63 23.45
C GLN A 1188 -18.71 -3.59 22.79
N TRP A 1189 -17.67 -3.68 23.61
CA TRP A 1189 -16.28 -3.63 23.15
C TRP A 1189 -16.02 -2.40 22.30
N LYS A 1190 -16.55 -1.27 22.75
CA LYS A 1190 -16.26 0.04 22.15
C LYS A 1190 -15.95 0.98 23.30
N PHE A 1191 -14.69 1.02 23.69
CA PHE A 1191 -14.26 1.86 24.80
C PHE A 1191 -14.33 3.32 24.39
N HIS A 1192 -14.73 4.17 25.33
CA HIS A 1192 -14.93 5.60 25.12
C HIS A 1192 -15.64 5.89 23.80
N HIS A 1193 -16.61 5.05 23.45
CA HIS A 1193 -17.40 5.24 22.24
C HIS A 1193 -18.87 4.92 22.48
N HIS A 1194 -19.30 4.88 23.73
CA HIS A 1194 -20.66 4.49 24.06
C HIS A 1194 -21.47 5.71 24.51
N ASP B 416 -23.93 -4.88 -13.99
CA ASP B 416 -25.32 -4.63 -13.65
C ASP B 416 -25.57 -4.85 -12.16
N LYS B 417 -25.33 -3.80 -11.37
CA LYS B 417 -25.53 -3.87 -9.93
C LYS B 417 -26.91 -3.38 -9.51
N TYR B 418 -27.92 -3.57 -10.35
CA TYR B 418 -29.27 -3.10 -10.06
C TYR B 418 -29.85 -3.87 -8.88
N THR B 419 -30.48 -3.14 -7.97
CA THR B 419 -31.24 -3.71 -6.86
C THR B 419 -32.66 -3.16 -6.95
N ARG B 420 -33.57 -3.97 -7.48
CA ARG B 420 -34.90 -3.49 -7.82
C ARG B 420 -35.69 -3.16 -6.56
N ALA B 421 -36.73 -2.35 -6.76
CA ALA B 421 -37.71 -2.06 -5.72
C ALA B 421 -38.91 -2.97 -5.91
N ARG B 422 -39.58 -3.28 -4.79
CA ARG B 422 -40.72 -4.19 -4.85
C ARG B 422 -41.85 -3.63 -5.69
N ASN B 423 -42.05 -2.31 -5.65
CA ASN B 423 -43.15 -1.67 -6.38
C ASN B 423 -42.69 -1.06 -7.69
N ALA B 424 -41.45 -1.28 -8.10
CA ALA B 424 -40.94 -0.68 -9.32
C ALA B 424 -41.61 -1.33 -10.54
N GLY B 425 -42.16 -0.49 -11.41
CA GLY B 425 -42.82 -0.96 -12.60
C GLY B 425 -44.26 -1.37 -12.43
N GLY B 426 -44.78 -1.35 -11.20
CA GLY B 426 -46.15 -1.74 -10.94
C GLY B 426 -47.09 -0.55 -10.92
N LYS B 427 -48.22 -0.74 -10.24
CA LYS B 427 -49.19 0.35 -10.11
C LYS B 427 -48.67 1.49 -9.26
N LYS B 428 -47.62 1.26 -8.47
CA LYS B 428 -47.00 2.29 -7.65
C LYS B 428 -45.67 2.75 -8.21
N ALA B 429 -45.53 2.73 -9.54
CA ALA B 429 -44.27 3.13 -10.15
C ALA B 429 -44.03 4.63 -9.98
N GLN B 430 -45.08 5.43 -10.05
CA GLN B 430 -44.95 6.89 -10.08
C GLN B 430 -44.64 7.48 -8.71
N ASP B 431 -44.28 6.66 -7.72
CA ASP B 431 -43.81 7.18 -6.44
C ASP B 431 -42.52 6.51 -5.98
N CYS B 432 -42.04 5.50 -6.70
CA CYS B 432 -40.75 4.90 -6.37
C CYS B 432 -39.62 5.85 -6.75
N MET B 433 -38.44 5.55 -6.22
CA MET B 433 -37.26 6.38 -6.46
C MET B 433 -36.11 5.48 -6.92
N LEU B 434 -35.28 6.01 -7.80
CA LEU B 434 -34.08 5.32 -8.27
C LEU B 434 -32.86 6.10 -7.81
N LEU B 435 -31.95 5.42 -7.12
CA LEU B 435 -30.75 6.04 -6.59
C LEU B 435 -29.56 5.63 -7.45
N ALA B 436 -28.88 6.62 -8.02
CA ALA B 436 -27.69 6.39 -8.83
C ALA B 436 -26.46 6.77 -8.00
N ALA B 437 -25.57 5.81 -7.79
CA ALA B 437 -24.39 6.01 -6.97
C ALA B 437 -23.17 6.27 -7.83
N GLU B 438 -22.33 7.21 -7.39
CA GLU B 438 -21.11 7.53 -8.13
C GLU B 438 -20.18 6.33 -8.21
N GLY B 439 -20.03 5.60 -7.12
CA GLY B 439 -19.16 4.45 -7.09
C GLY B 439 -19.69 3.33 -6.23
N ASP B 440 -18.83 2.74 -5.40
CA ASP B 440 -19.21 1.64 -4.54
C ASP B 440 -19.39 2.04 -3.09
N SER B 441 -18.64 3.04 -2.62
CA SER B 441 -18.86 3.56 -1.27
C SER B 441 -20.25 4.15 -1.14
N ALA B 442 -20.69 4.89 -2.15
CA ALA B 442 -22.05 5.41 -2.15
C ALA B 442 -23.06 4.26 -2.16
N LEU B 443 -22.77 3.19 -2.91
CA LEU B 443 -23.65 2.04 -2.94
C LEU B 443 -23.81 1.45 -1.54
N SER B 444 -22.69 1.26 -0.84
CA SER B 444 -22.75 0.68 0.49
C SER B 444 -23.49 1.59 1.46
N LEU B 445 -23.23 2.89 1.38
CA LEU B 445 -23.92 3.83 2.27
C LEU B 445 -25.42 3.82 2.02
N LEU B 446 -25.83 3.81 0.75
CA LEU B 446 -27.25 3.77 0.44
C LEU B 446 -27.89 2.48 0.93
N ARG B 447 -27.22 1.35 0.74
CA ARG B 447 -27.77 0.08 1.22
C ARG B 447 -27.91 0.08 2.73
N ALA B 448 -26.90 0.58 3.43
CA ALA B 448 -26.96 0.63 4.89
C ALA B 448 -28.09 1.52 5.36
N GLY B 449 -28.26 2.68 4.74
CA GLY B 449 -29.36 3.56 5.11
C GLY B 449 -30.71 2.95 4.83
N LEU B 450 -30.85 2.29 3.69
CA LEU B 450 -32.14 1.68 3.33
C LEU B 450 -32.49 0.55 4.28
N THR B 451 -31.50 -0.25 4.68
CA THR B 451 -31.76 -1.37 5.57
C THR B 451 -31.85 -0.91 7.02
N LEU B 452 -32.69 0.09 7.28
CA LEU B 452 -32.94 0.57 8.63
C LEU B 452 -34.41 0.41 9.02
N GLY B 453 -35.12 -0.52 8.39
CA GLY B 453 -36.51 -0.72 8.71
C GLY B 453 -36.71 -1.25 10.11
N LYS B 454 -37.94 -1.09 10.60
CA LYS B 454 -38.39 -1.49 11.92
C LYS B 454 -37.78 -0.65 13.03
N SER B 455 -36.87 0.28 12.71
CA SER B 455 -36.37 1.24 13.68
C SER B 455 -37.02 2.61 13.53
N ASN B 456 -37.62 2.89 12.38
CA ASN B 456 -38.36 4.12 12.13
C ASN B 456 -39.39 3.86 11.03
N PRO B 457 -40.68 3.94 11.33
CA PRO B 457 -41.69 3.71 10.28
C PRO B 457 -41.56 4.69 9.12
N SER B 458 -41.21 5.94 9.40
CA SER B 458 -40.94 6.91 8.36
C SER B 458 -39.55 6.70 7.80
N GLY B 459 -39.39 7.03 6.51
CA GLY B 459 -38.12 6.90 5.86
C GLY B 459 -38.16 5.94 4.69
N PRO B 460 -37.18 6.04 3.80
CA PRO B 460 -37.15 5.18 2.61
C PRO B 460 -36.81 3.74 2.96
N SER B 461 -37.21 2.83 2.08
CA SER B 461 -36.93 1.42 2.24
C SER B 461 -36.94 0.78 0.85
N PHE B 462 -36.57 -0.50 0.79
CA PHE B 462 -36.40 -1.18 -0.48
C PHE B 462 -37.70 -1.43 -1.21
N ASP B 463 -38.85 -1.23 -0.56
CA ASP B 463 -40.12 -1.40 -1.25
C ASP B 463 -40.46 -0.21 -2.13
N PHE B 464 -39.72 0.89 -2.03
CA PHE B 464 -40.02 2.09 -2.82
C PHE B 464 -38.78 2.75 -3.40
N CYS B 465 -37.61 2.13 -3.29
CA CYS B 465 -36.38 2.76 -3.76
C CYS B 465 -35.56 1.77 -4.57
N GLY B 466 -34.82 2.30 -5.56
CA GLY B 466 -33.94 1.51 -6.38
C GLY B 466 -32.49 1.76 -6.01
N MET B 467 -31.60 1.03 -6.67
CA MET B 467 -30.19 1.07 -6.35
C MET B 467 -29.39 0.65 -7.57
N ILE B 468 -28.43 1.48 -7.97
CA ILE B 468 -27.63 1.23 -9.16
C ILE B 468 -26.35 2.05 -9.07
N SER B 469 -25.34 1.64 -9.82
CA SER B 469 -24.02 2.27 -9.79
C SER B 469 -23.65 2.78 -11.18
N LEU B 470 -23.09 3.99 -11.23
CA LEU B 470 -22.65 4.58 -12.49
C LEU B 470 -21.27 4.12 -12.91
N GLY B 471 -20.44 3.66 -11.98
CA GLY B 471 -19.12 3.17 -12.31
C GLY B 471 -18.16 4.25 -12.76
N GLY B 472 -17.78 5.14 -11.84
CA GLY B 472 -16.79 6.14 -12.17
C GLY B 472 -17.28 7.14 -13.21
N VAL B 473 -16.38 7.53 -14.10
CA VAL B 473 -16.69 8.56 -15.09
C VAL B 473 -17.63 7.99 -16.15
N ILE B 474 -18.66 8.76 -16.49
CA ILE B 474 -19.60 8.39 -17.53
C ILE B 474 -19.23 9.11 -18.80
N MET B 475 -19.77 8.64 -19.92
CA MET B 475 -19.38 9.18 -21.21
C MET B 475 -20.07 10.50 -21.48
N ASN B 476 -19.49 11.28 -22.40
CA ASN B 476 -20.02 12.57 -22.80
C ASN B 476 -20.80 12.40 -24.09
N ALA B 477 -22.11 12.52 -24.02
CA ALA B 477 -22.96 12.31 -25.19
C ALA B 477 -22.93 13.49 -26.15
N CYS B 478 -22.68 14.71 -25.65
CA CYS B 478 -22.77 15.89 -26.49
C CYS B 478 -21.75 15.87 -27.62
N LYS B 479 -20.64 15.16 -27.45
CA LYS B 479 -19.63 15.06 -28.49
C LYS B 479 -19.88 13.90 -29.44
N LYS B 480 -20.44 12.79 -28.95
CA LYS B 480 -20.59 11.61 -29.78
C LYS B 480 -21.75 11.75 -30.77
N VAL B 481 -22.83 12.42 -30.37
CA VAL B 481 -24.01 12.50 -31.22
C VAL B 481 -23.75 13.43 -32.39
N THR B 482 -24.47 13.21 -33.49
CA THR B 482 -24.39 14.07 -34.67
C THR B 482 -25.79 14.39 -35.17
N ASN B 483 -26.07 15.66 -35.40
CA ASN B 483 -27.39 16.12 -35.80
C ASN B 483 -27.46 16.23 -37.32
N ILE B 484 -28.50 15.66 -37.91
CA ILE B 484 -28.72 15.74 -39.35
C ILE B 484 -30.19 16.07 -39.60
N THR B 485 -30.44 16.92 -40.59
CA THR B 485 -31.80 17.28 -40.95
C THR B 485 -32.35 16.31 -41.98
N THR B 486 -33.66 16.09 -41.93
CA THR B 486 -34.35 15.20 -42.85
C THR B 486 -34.97 15.99 -43.99
N ASP B 487 -35.71 15.30 -44.85
CA ASP B 487 -36.35 15.96 -45.99
C ASP B 487 -37.40 16.96 -45.54
N SER B 488 -38.19 16.60 -44.53
CA SER B 488 -39.26 17.46 -44.04
C SER B 488 -38.79 18.51 -43.06
N GLY B 489 -37.48 18.77 -42.98
CA GLY B 489 -36.94 19.75 -42.07
C GLY B 489 -36.73 19.26 -40.65
N GLU B 490 -37.10 18.02 -40.35
CA GLU B 490 -36.88 17.47 -39.02
C GLU B 490 -35.40 17.24 -38.78
N THR B 491 -34.92 17.66 -37.61
CA THR B 491 -33.52 17.47 -37.22
C THR B 491 -33.46 16.30 -36.23
N ILE B 492 -32.86 15.20 -36.67
CA ILE B 492 -32.73 14.00 -35.86
C ILE B 492 -31.28 13.83 -35.45
N MET B 493 -31.07 13.31 -34.25
CA MET B 493 -29.74 13.11 -33.69
C MET B 493 -29.37 11.64 -33.81
N VAL B 494 -28.40 11.34 -34.66
CA VAL B 494 -27.85 10.00 -34.80
C VAL B 494 -26.79 9.81 -33.73
N ARG B 495 -26.93 8.73 -32.96
CA ARG B 495 -26.01 8.44 -31.88
C ARG B 495 -24.84 7.62 -32.39
N ASN B 496 -23.65 7.92 -31.87
CA ASN B 496 -22.43 7.26 -32.29
C ASN B 496 -22.46 5.78 -31.93
N GLU B 497 -21.68 4.99 -32.67
CA GLU B 497 -21.61 3.56 -32.40
C GLU B 497 -21.09 3.28 -31.00
N GLN B 498 -20.04 4.00 -30.59
CA GLN B 498 -19.53 3.85 -29.23
C GLN B 498 -20.56 4.30 -28.20
N LEU B 499 -21.38 5.30 -28.54
CA LEU B 499 -22.40 5.77 -27.61
C LEU B 499 -23.43 4.70 -27.32
N THR B 500 -23.83 3.94 -28.35
CA THR B 500 -24.85 2.92 -28.15
C THR B 500 -24.33 1.70 -27.41
N ASN B 501 -23.01 1.49 -27.41
CA ASN B 501 -22.43 0.29 -26.80
C ASN B 501 -21.96 0.50 -25.38
N ASN B 502 -22.16 1.68 -24.80
CA ASN B 502 -21.76 1.91 -23.42
C ASN B 502 -22.67 1.15 -22.47
N LYS B 503 -22.06 0.40 -21.55
CA LYS B 503 -22.85 -0.47 -20.68
C LYS B 503 -23.64 0.32 -19.65
N VAL B 504 -23.04 1.36 -19.07
CA VAL B 504 -23.70 2.10 -18.00
C VAL B 504 -24.95 2.79 -18.50
N LEU B 505 -24.84 3.49 -19.63
CA LEU B 505 -25.98 4.20 -20.19
C LEU B 505 -27.07 3.23 -20.63
N GLN B 506 -26.68 2.10 -21.22
CA GLN B 506 -27.66 1.09 -21.59
C GLN B 506 -28.40 0.57 -20.38
N GLY B 507 -27.67 0.29 -19.30
CA GLY B 507 -28.33 -0.16 -18.08
C GLY B 507 -29.27 0.86 -17.51
N ILE B 508 -28.87 2.13 -17.52
CA ILE B 508 -29.74 3.19 -17.00
C ILE B 508 -31.01 3.28 -17.83
N VAL B 509 -30.87 3.30 -19.15
CA VAL B 509 -32.05 3.46 -20.00
C VAL B 509 -32.94 2.24 -19.94
N GLN B 510 -32.38 1.05 -19.70
CA GLN B 510 -33.19 -0.14 -19.57
C GLN B 510 -33.93 -0.16 -18.23
N VAL B 511 -33.24 0.18 -17.15
CA VAL B 511 -33.86 0.18 -15.83
C VAL B 511 -34.99 1.20 -15.77
N LEU B 512 -34.74 2.40 -16.28
CA LEU B 512 -35.78 3.41 -16.29
C LEU B 512 -36.77 3.23 -17.42
N GLY B 513 -36.46 2.42 -18.42
CA GLY B 513 -37.36 2.24 -19.54
C GLY B 513 -37.58 3.50 -20.34
N LEU B 514 -36.52 4.28 -20.56
CA LEU B 514 -36.63 5.50 -21.33
C LEU B 514 -36.67 5.19 -22.81
N ASP B 515 -37.31 6.10 -23.56
CA ASP B 515 -37.43 5.99 -25.00
C ASP B 515 -36.79 7.21 -25.65
N PHE B 516 -36.03 6.98 -26.72
CA PHE B 516 -35.34 8.06 -27.40
C PHE B 516 -36.22 8.81 -28.39
N ASN B 517 -37.49 8.42 -28.51
CA ASN B 517 -38.43 9.09 -29.41
C ASN B 517 -39.47 9.92 -28.69
N CYS B 518 -39.95 9.47 -27.54
CA CYS B 518 -40.95 10.22 -26.79
C CYS B 518 -40.31 11.42 -26.11
N HIS B 519 -40.96 12.58 -26.24
CA HIS B 519 -40.46 13.80 -25.62
C HIS B 519 -40.97 14.00 -24.20
N TYR B 520 -41.93 13.19 -23.75
CA TYR B 520 -42.48 13.26 -22.39
C TYR B 520 -43.01 14.66 -22.10
N LYS B 521 -43.69 15.25 -23.07
CA LYS B 521 -44.28 16.58 -22.90
C LYS B 521 -45.52 16.57 -22.03
N THR B 522 -46.10 15.40 -21.76
CA THR B 522 -47.34 15.32 -21.01
C THR B 522 -47.21 14.23 -19.93
N GLN B 523 -48.07 14.35 -18.91
CA GLN B 523 -47.96 13.48 -17.74
C GLN B 523 -48.28 12.03 -18.08
N GLU B 524 -49.11 11.78 -19.09
CA GLU B 524 -49.42 10.40 -19.45
C GLU B 524 -48.18 9.70 -20.01
N GLU B 525 -47.38 10.42 -20.80
CA GLU B 525 -46.12 9.84 -21.26
C GLU B 525 -45.15 9.64 -20.11
N ARG B 526 -45.14 10.57 -19.15
CA ARG B 526 -44.28 10.42 -17.98
C ARG B 526 -44.73 9.26 -17.10
N ALA B 527 -45.99 8.84 -17.21
CA ALA B 527 -46.47 7.70 -16.45
C ALA B 527 -45.90 6.38 -16.94
N LYS B 528 -45.28 6.36 -18.12
CA LYS B 528 -44.76 5.13 -18.69
C LYS B 528 -43.39 4.75 -18.15
N LEU B 529 -42.70 5.66 -17.46
CA LEU B 529 -41.41 5.31 -16.89
C LEU B 529 -41.59 4.37 -15.70
N ARG B 530 -40.55 3.58 -15.44
CA ARG B 530 -40.61 2.58 -14.39
C ARG B 530 -40.35 3.16 -13.01
N TYR B 531 -39.90 4.40 -12.90
CA TYR B 531 -39.63 5.03 -11.62
C TYR B 531 -40.20 6.44 -11.61
N GLY B 532 -40.54 6.91 -10.42
CA GLY B 532 -41.08 8.25 -10.29
C GLY B 532 -40.05 9.33 -10.60
N CYS B 533 -38.81 9.15 -10.14
CA CYS B 533 -37.76 10.11 -10.37
C CYS B 533 -36.42 9.43 -10.15
N ILE B 534 -35.36 10.05 -10.67
CA ILE B 534 -34.01 9.55 -10.52
C ILE B 534 -33.22 10.51 -9.64
N VAL B 535 -32.60 9.96 -8.60
CA VAL B 535 -31.85 10.74 -7.62
C VAL B 535 -30.38 10.33 -7.70
N ALA B 536 -29.52 11.33 -7.86
CA ALA B 536 -28.09 11.09 -7.98
C ALA B 536 -27.42 11.29 -6.62
N CYS B 537 -26.66 10.29 -6.19
CA CYS B 537 -25.92 10.34 -4.94
C CYS B 537 -24.44 10.33 -5.25
N VAL B 538 -23.78 11.49 -5.09
CA VAL B 538 -22.38 11.65 -5.41
C VAL B 538 -21.67 12.34 -4.26
N ASP B 539 -20.35 12.24 -4.25
CA ASP B 539 -19.55 12.88 -3.22
C ASP B 539 -19.62 14.40 -3.37
N GLN B 540 -19.19 15.09 -2.33
CA GLN B 540 -19.16 16.55 -2.33
C GLN B 540 -17.86 17.11 -2.88
N ASP B 541 -16.94 16.25 -3.30
CA ASP B 541 -15.70 16.74 -3.89
C ASP B 541 -15.96 17.34 -5.27
N LEU B 542 -14.91 17.92 -5.85
CA LEU B 542 -15.07 18.58 -7.15
C LEU B 542 -15.42 17.57 -8.23
N ASP B 543 -14.80 16.40 -8.22
CA ASP B 543 -15.02 15.43 -9.28
C ASP B 543 -16.48 14.95 -9.29
N GLY B 544 -17.01 14.61 -8.13
CA GLY B 544 -18.37 14.10 -8.08
C GLY B 544 -19.42 15.14 -8.44
N CYS B 545 -19.28 16.34 -7.88
CA CYS B 545 -20.30 17.36 -8.10
C CYS B 545 -20.20 18.03 -9.46
N GLY B 546 -19.00 18.19 -9.98
CA GLY B 546 -18.82 18.96 -11.20
C GLY B 546 -18.76 18.14 -12.48
N LYS B 547 -18.09 16.99 -12.43
CA LYS B 547 -17.90 16.20 -13.64
C LYS B 547 -19.01 15.17 -13.83
N ILE B 548 -19.16 14.26 -12.87
CA ILE B 548 -20.12 13.17 -13.03
C ILE B 548 -21.55 13.71 -13.07
N LEU B 549 -21.90 14.55 -12.10
CA LEU B 549 -23.23 15.13 -12.08
C LEU B 549 -23.44 16.03 -13.28
N GLY B 550 -22.41 16.79 -13.65
CA GLY B 550 -22.52 17.64 -14.84
C GLY B 550 -22.73 16.83 -16.10
N LEU B 551 -22.00 15.73 -16.26
CA LEU B 551 -22.16 14.89 -17.44
C LEU B 551 -23.54 14.24 -17.48
N LEU B 552 -24.03 13.78 -16.33
CA LEU B 552 -25.38 13.21 -16.30
C LEU B 552 -26.42 14.25 -16.67
N LEU B 553 -26.29 15.46 -16.15
CA LEU B 553 -27.22 16.53 -16.51
C LEU B 553 -27.14 16.85 -17.99
N ALA B 554 -25.93 16.86 -18.55
CA ALA B 554 -25.77 17.12 -19.97
C ALA B 554 -26.46 16.05 -20.80
N TYR B 555 -26.29 14.78 -20.41
CA TYR B 555 -26.96 13.68 -21.09
C TYR B 555 -28.47 13.88 -21.10
N PHE B 556 -29.04 14.10 -19.92
CA PHE B 556 -30.50 14.23 -19.82
C PHE B 556 -30.99 15.46 -20.58
N HIS B 557 -30.27 16.57 -20.49
CA HIS B 557 -30.68 17.78 -21.21
C HIS B 557 -30.60 17.58 -22.72
N LEU B 558 -29.58 16.88 -23.19
CA LEU B 558 -29.43 16.67 -24.62
C LEU B 558 -30.54 15.79 -25.16
N PHE B 559 -30.90 14.73 -24.44
CA PHE B 559 -31.83 13.79 -25.04
C PHE B 559 -33.29 14.06 -24.67
N TRP B 560 -33.58 14.31 -23.40
CA TRP B 560 -34.94 14.55 -22.93
C TRP B 560 -34.96 15.82 -22.09
N PRO B 561 -34.90 16.98 -22.72
CA PRO B 561 -34.91 18.24 -21.94
C PRO B 561 -36.16 18.42 -21.11
N GLN B 562 -37.30 17.90 -21.55
CA GLN B 562 -38.55 18.13 -20.83
C GLN B 562 -38.56 17.44 -19.47
N LEU B 563 -37.77 16.38 -19.30
CA LEU B 563 -37.75 15.69 -18.02
C LEU B 563 -37.21 16.57 -16.92
N ILE B 564 -36.20 17.39 -17.21
CA ILE B 564 -35.65 18.29 -16.21
C ILE B 564 -36.68 19.34 -15.82
N VAL B 565 -37.49 19.78 -16.77
CA VAL B 565 -38.47 20.84 -16.50
C VAL B 565 -39.47 20.37 -15.46
N HIS B 566 -39.95 19.14 -15.58
CA HIS B 566 -40.96 18.59 -14.68
C HIS B 566 -40.36 17.94 -13.44
N GLY B 567 -39.11 18.27 -13.11
CA GLY B 567 -38.51 17.79 -11.87
C GLY B 567 -38.30 16.29 -11.79
N PHE B 568 -37.90 15.66 -12.89
CA PHE B 568 -37.61 14.24 -12.87
C PHE B 568 -36.21 13.93 -12.35
N VAL B 569 -35.33 14.92 -12.29
CA VAL B 569 -33.93 14.72 -11.90
C VAL B 569 -33.70 15.40 -10.56
N LYS B 570 -33.22 14.64 -9.60
CA LYS B 570 -32.96 15.13 -8.26
C LYS B 570 -31.58 14.66 -7.81
N ARG B 571 -31.05 15.33 -6.81
CA ARG B 571 -29.75 15.00 -6.26
C ARG B 571 -29.82 14.96 -4.75
N LEU B 572 -28.91 14.19 -4.15
CA LEU B 572 -28.82 14.03 -2.71
C LEU B 572 -27.71 14.94 -2.21
N LEU B 573 -28.09 16.05 -1.57
CA LEU B 573 -27.13 17.03 -1.10
C LEU B 573 -26.66 16.68 0.30
N THR B 574 -25.36 16.39 0.44
CA THR B 574 -24.77 16.06 1.71
C THR B 574 -23.61 17.02 2.01
N PRO B 575 -23.51 17.51 3.24
CA PRO B 575 -22.41 18.43 3.57
C PRO B 575 -21.07 17.73 3.57
N LEU B 576 -20.03 18.50 3.27
CA LEU B 576 -18.67 18.02 3.43
C LEU B 576 -18.00 18.58 4.67
N ILE B 577 -18.57 19.61 5.29
CA ILE B 577 -18.02 20.16 6.53
C ILE B 577 -19.11 20.15 7.59
N ARG B 578 -18.80 19.61 8.76
CA ARG B 578 -19.70 19.64 9.90
C ARG B 578 -18.97 20.17 11.11
N VAL B 579 -19.50 21.22 11.73
CA VAL B 579 -18.91 21.80 12.94
C VAL B 579 -19.82 21.45 14.10
N TYR B 580 -19.28 20.73 15.07
CA TYR B 580 -19.99 20.31 16.26
C TYR B 580 -19.56 21.15 17.46
N GLU B 581 -20.50 21.39 18.36
CA GLU B 581 -20.23 22.05 19.63
C GLU B 581 -20.69 21.13 20.75
N LYS B 582 -19.76 20.75 21.63
CA LYS B 582 -20.09 19.88 22.74
C LYS B 582 -21.13 20.54 23.64
N GLY B 583 -22.10 19.75 24.08
CA GLY B 583 -23.24 20.25 24.81
C GLY B 583 -24.46 20.50 23.94
N ASN B 584 -24.28 20.52 22.62
CA ASN B 584 -25.38 20.67 21.67
C ASN B 584 -25.32 19.51 20.69
N THR B 585 -26.44 18.81 20.54
CA THR B 585 -26.46 17.57 19.76
C THR B 585 -26.52 17.79 18.26
N VAL B 586 -26.84 18.99 17.80
CA VAL B 586 -26.96 19.28 16.37
C VAL B 586 -25.74 20.06 15.93
N PRO B 587 -25.13 19.73 14.81
CA PRO B 587 -24.01 20.51 14.27
C PRO B 587 -24.50 21.55 13.26
N VAL B 588 -23.55 22.36 12.80
CA VAL B 588 -23.79 23.28 11.70
C VAL B 588 -23.04 22.75 10.47
N GLU B 589 -23.75 22.65 9.36
CA GLU B 589 -23.24 21.99 8.17
C GLU B 589 -22.94 23.00 7.07
N PHE B 590 -21.79 22.83 6.43
CA PHE B 590 -21.35 23.66 5.31
C PHE B 590 -21.10 22.77 4.10
N TYR B 591 -21.63 23.21 2.96
CA TYR B 591 -21.48 22.53 1.67
C TYR B 591 -20.41 23.14 0.79
N TYR B 592 -19.89 24.31 1.14
CA TYR B 592 -18.74 24.90 0.45
C TYR B 592 -17.78 25.44 1.49
N GLU B 593 -16.49 25.41 1.16
CA GLU B 593 -15.48 25.89 2.10
C GLU B 593 -15.57 27.39 2.32
N GLN B 594 -16.07 28.14 1.33
CA GLN B 594 -16.14 29.59 1.46
C GLN B 594 -17.05 29.99 2.61
N GLU B 595 -18.28 29.47 2.62
CA GLU B 595 -19.18 29.80 3.71
C GLU B 595 -18.65 29.29 5.05
N PHE B 596 -18.00 28.14 5.06
CA PHE B 596 -17.45 27.60 6.30
C PHE B 596 -16.42 28.55 6.89
N ASP B 597 -15.43 28.96 6.08
CA ASP B 597 -14.37 29.78 6.64
C ASP B 597 -14.84 31.21 6.91
N ALA B 598 -15.83 31.69 6.14
CA ALA B 598 -16.42 32.98 6.46
C ALA B 598 -17.11 32.93 7.82
N TRP B 599 -17.87 31.87 8.09
CA TRP B 599 -18.50 31.73 9.40
C TRP B 599 -17.46 31.58 10.50
N ALA B 600 -16.38 30.84 10.21
CA ALA B 600 -15.34 30.63 11.22
C ALA B 600 -14.66 31.94 11.59
N LYS B 601 -14.25 32.72 10.59
CA LYS B 601 -13.62 34.01 10.86
C LYS B 601 -14.61 34.99 11.47
N LYS B 602 -15.91 34.81 11.19
CA LYS B 602 -16.91 35.64 11.84
C LYS B 602 -16.94 35.40 13.35
N GLN B 603 -16.82 34.14 13.76
CA GLN B 603 -16.86 33.81 15.17
C GLN B 603 -15.53 34.15 15.84
N THR B 604 -15.61 34.49 17.13
CA THR B 604 -14.42 34.92 17.86
C THR B 604 -13.46 33.76 18.09
N SER B 605 -13.95 32.60 18.51
CA SER B 605 -13.09 31.48 18.82
C SER B 605 -13.87 30.19 18.64
N LEU B 606 -13.26 29.22 17.95
CA LEU B 606 -13.85 27.90 17.75
C LEU B 606 -13.09 26.82 18.51
N ALA B 607 -12.33 27.19 19.54
CA ALA B 607 -11.59 26.21 20.32
C ALA B 607 -12.52 25.23 21.03
N ASN B 608 -13.75 25.65 21.35
CA ASN B 608 -14.73 24.76 21.97
C ASN B 608 -15.47 23.91 20.95
N HIS B 609 -15.33 24.20 19.66
CA HIS B 609 -15.99 23.44 18.61
C HIS B 609 -15.04 22.39 18.04
N THR B 610 -15.54 21.61 17.09
CA THR B 610 -14.75 20.61 16.40
C THR B 610 -15.23 20.50 14.96
N VAL B 611 -14.30 20.59 14.02
CA VAL B 611 -14.62 20.56 12.59
C VAL B 611 -14.37 19.16 12.06
N LYS B 612 -15.23 18.73 11.14
CA LYS B 612 -15.11 17.41 10.52
C LYS B 612 -15.28 17.56 9.02
N TYR B 613 -14.29 17.10 8.27
CA TYR B 613 -14.36 17.03 6.82
C TYR B 613 -14.82 15.65 6.38
N TYR B 614 -15.48 15.60 5.23
CA TYR B 614 -15.98 14.34 4.68
C TYR B 614 -15.52 14.23 3.23
N LYS B 615 -14.44 13.49 3.01
CA LYS B 615 -13.91 13.27 1.66
C LYS B 615 -14.69 12.11 1.03
N GLY B 616 -15.87 12.44 0.53
CA GLY B 616 -16.73 11.45 -0.06
C GLY B 616 -17.66 10.81 0.95
N LEU B 617 -18.47 9.88 0.46
CA LEU B 617 -19.48 9.21 1.27
C LEU B 617 -18.91 8.03 2.06
N ALA B 618 -17.59 7.97 2.22
CA ALA B 618 -16.94 6.97 3.05
C ALA B 618 -16.85 7.43 4.51
N ALA B 619 -17.76 8.29 4.92
CA ALA B 619 -17.76 8.89 6.25
C ALA B 619 -19.20 8.90 6.72
N HIS B 620 -19.52 9.74 7.69
CA HIS B 620 -20.85 9.79 8.30
C HIS B 620 -21.19 8.45 8.96
N ASP B 621 -20.46 8.19 10.04
CA ASP B 621 -20.63 6.98 10.85
C ASP B 621 -22.10 6.72 11.17
N THR B 622 -22.43 5.46 11.45
CA THR B 622 -23.80 4.95 11.54
C THR B 622 -24.75 5.91 12.26
N HIS B 623 -24.26 6.61 13.28
CA HIS B 623 -25.09 7.61 13.93
C HIS B 623 -25.47 8.72 12.96
N GLU B 624 -24.49 9.23 12.21
CA GLU B 624 -24.77 10.28 11.24
C GLU B 624 -25.64 9.74 10.10
N VAL B 625 -25.40 8.50 9.67
CA VAL B 625 -26.23 7.92 8.62
C VAL B 625 -27.69 7.84 9.07
N LYS B 626 -27.91 7.38 10.31
CA LYS B 626 -29.27 7.30 10.84
C LYS B 626 -29.90 8.69 10.94
N SER B 627 -29.12 9.67 11.41
CA SER B 627 -29.65 11.03 11.54
C SER B 627 -30.05 11.59 10.18
N MET B 628 -29.22 11.39 9.15
CA MET B 628 -29.54 11.88 7.83
C MET B 628 -30.75 11.15 7.25
N PHE B 629 -30.81 9.83 7.41
CA PHE B 629 -31.92 9.08 6.85
C PHE B 629 -33.23 9.32 7.59
N LYS B 630 -33.17 9.81 8.82
CA LYS B 630 -34.41 10.19 9.51
C LYS B 630 -35.10 11.33 8.77
N HIS B 631 -34.36 12.39 8.45
CA HIS B 631 -34.88 13.49 7.65
C HIS B 631 -34.46 13.33 6.18
N PHE B 632 -34.94 12.24 5.59
CA PHE B 632 -34.55 11.92 4.22
C PHE B 632 -35.05 12.97 3.23
N ASP B 633 -36.28 13.43 3.41
CA ASP B 633 -36.86 14.37 2.45
C ASP B 633 -36.18 15.73 2.49
N LYS B 634 -35.42 16.02 3.53
CA LYS B 634 -34.72 17.30 3.62
C LYS B 634 -33.42 17.32 2.82
N MET B 635 -33.00 16.20 2.25
CA MET B 635 -31.76 16.13 1.51
C MET B 635 -31.95 16.08 0.01
N VAL B 636 -33.16 15.84 -0.48
CA VAL B 636 -33.42 15.70 -1.90
C VAL B 636 -33.65 17.08 -2.50
N TYR B 637 -32.90 17.41 -3.54
CA TYR B 637 -33.03 18.68 -4.24
C TYR B 637 -33.36 18.43 -5.70
N THR B 638 -34.34 19.16 -6.23
CA THR B 638 -34.82 18.96 -7.58
C THR B 638 -34.16 19.97 -8.52
N PHE B 639 -33.65 19.47 -9.65
CA PHE B 639 -33.08 20.36 -10.64
C PHE B 639 -34.16 21.01 -11.49
N THR B 640 -33.91 22.24 -11.91
CA THR B 640 -34.85 22.97 -12.75
C THR B 640 -34.11 23.64 -13.89
N LEU B 641 -34.84 23.93 -14.95
CA LEU B 641 -34.28 24.44 -16.19
C LEU B 641 -34.72 25.89 -16.41
N ASP B 642 -33.83 26.68 -17.01
CA ASP B 642 -34.13 28.05 -17.39
C ASP B 642 -33.68 28.27 -18.83
N ASP B 643 -33.85 29.50 -19.32
CA ASP B 643 -33.58 29.78 -20.71
C ASP B 643 -32.08 29.82 -21.00
N SER B 644 -31.31 30.46 -20.11
CA SER B 644 -29.89 30.65 -20.38
C SER B 644 -29.13 29.33 -20.38
N ALA B 645 -29.54 28.38 -19.52
CA ALA B 645 -28.78 27.16 -19.31
C ALA B 645 -28.49 26.44 -20.62
N LYS B 646 -29.41 26.52 -21.58
CA LYS B 646 -29.17 25.93 -22.90
C LYS B 646 -27.81 26.33 -23.44
N GLU B 647 -27.60 27.63 -23.65
CA GLU B 647 -26.33 28.06 -24.23
C GLU B 647 -25.17 27.83 -23.27
N LEU B 648 -25.43 27.58 -21.99
CA LEU B 648 -24.36 27.20 -21.09
C LEU B 648 -23.94 25.76 -21.34
N PHE B 649 -24.90 24.87 -21.56
CA PHE B 649 -24.57 23.46 -21.73
C PHE B 649 -23.70 23.25 -22.96
N HIS B 650 -23.87 24.07 -23.99
CA HIS B 650 -23.03 23.98 -25.17
C HIS B 650 -21.61 24.44 -24.87
N ILE B 651 -21.44 25.40 -23.96
CA ILE B 651 -20.11 25.94 -23.70
C ILE B 651 -19.26 24.92 -22.96
N TYR B 652 -19.83 24.27 -21.95
CA TYR B 652 -19.06 23.40 -21.07
C TYR B 652 -18.95 21.97 -21.58
N PHE B 653 -19.74 21.57 -22.56
CA PHE B 653 -19.68 20.19 -23.04
C PHE B 653 -19.77 20.08 -24.55
N GLY B 654 -19.77 21.19 -25.27
CA GLY B 654 -19.87 21.14 -26.72
C GLY B 654 -18.57 20.79 -27.39
N GLY B 655 -18.61 20.74 -28.71
CA GLY B 655 -17.45 20.38 -29.51
C GLY B 655 -16.48 21.49 -29.80
N GLU B 656 -16.75 22.70 -29.34
CA GLU B 656 -15.88 23.85 -29.58
C GLU B 656 -15.07 24.12 -28.32
N SER B 657 -13.75 23.98 -28.44
CA SER B 657 -12.86 24.27 -27.31
C SER B 657 -12.55 25.75 -27.18
N GLU B 658 -12.84 26.55 -28.20
CA GLU B 658 -12.61 27.99 -28.11
C GLU B 658 -13.50 28.62 -27.05
N LEU B 659 -14.75 28.18 -26.96
CA LEU B 659 -15.64 28.68 -25.93
C LEU B 659 -15.12 28.34 -24.54
N ARG B 660 -14.60 27.12 -24.38
CA ARG B 660 -14.00 26.75 -23.10
C ARG B 660 -12.77 27.59 -22.80
N LYS B 661 -11.96 27.89 -23.83
CA LYS B 661 -10.80 28.75 -23.62
C LYS B 661 -11.22 30.12 -23.13
N ARG B 662 -12.27 30.69 -23.73
CA ARG B 662 -12.73 32.01 -23.32
C ARG B 662 -13.39 31.98 -21.94
N GLU B 663 -14.09 30.90 -21.61
CA GLU B 663 -14.79 30.82 -20.33
C GLU B 663 -13.84 30.56 -19.17
N LEU B 664 -12.82 29.74 -19.39
CA LEU B 664 -11.93 29.32 -18.32
C LEU B 664 -10.75 30.25 -18.10
N CYS B 665 -10.68 31.37 -18.84
CA CYS B 665 -9.60 32.32 -18.64
C CYS B 665 -9.80 33.20 -17.42
N THR B 666 -10.97 33.15 -16.80
CA THR B 666 -11.28 33.95 -15.62
C THR B 666 -11.63 33.04 -14.45
N GLY B 667 -11.89 33.66 -13.30
CA GLY B 667 -12.23 32.93 -12.10
C GLY B 667 -13.71 32.57 -12.05
N VAL B 668 -14.10 32.00 -10.92
CA VAL B 668 -15.48 31.57 -10.68
C VAL B 668 -16.12 32.52 -9.69
N VAL B 669 -17.24 33.11 -10.07
CA VAL B 669 -17.98 34.04 -9.23
C VAL B 669 -18.92 33.23 -8.34
N PRO B 670 -18.84 33.35 -7.02
CA PRO B 670 -19.72 32.58 -6.14
C PRO B 670 -21.13 33.14 -6.13
N LEU B 671 -22.05 32.33 -5.61
CA LEU B 671 -23.46 32.70 -5.56
C LEU B 671 -23.69 33.78 -4.50
N THR B 672 -24.64 34.68 -4.79
CA THR B 672 -25.02 35.68 -3.81
C THR B 672 -25.85 35.03 -2.71
N GLU B 673 -26.01 35.77 -1.61
CA GLU B 673 -26.75 35.24 -0.46
C GLU B 673 -28.21 34.99 -0.80
N THR B 674 -28.81 35.87 -1.59
CA THR B 674 -30.21 35.68 -1.96
C THR B 674 -30.41 34.40 -2.75
N GLN B 675 -29.49 34.09 -3.67
CA GLN B 675 -29.64 32.89 -4.49
C GLN B 675 -29.60 31.64 -3.65
N THR B 676 -28.61 31.52 -2.77
CA THR B 676 -28.52 30.33 -1.93
C THR B 676 -29.66 30.27 -0.92
N GLN B 677 -30.13 31.43 -0.45
CA GLN B 677 -31.28 31.42 0.44
C GLN B 677 -32.51 30.88 -0.27
N SER B 678 -32.76 31.32 -1.50
CA SER B 678 -33.88 30.78 -2.27
C SER B 678 -33.72 29.28 -2.50
N ILE B 679 -32.50 28.86 -2.85
CA ILE B 679 -32.26 27.45 -3.14
C ILE B 679 -32.54 26.60 -1.91
N HIS B 680 -32.04 27.03 -0.75
CA HIS B 680 -32.23 26.24 0.46
C HIS B 680 -33.66 26.32 0.99
N SER B 681 -34.37 27.41 0.75
CA SER B 681 -35.73 27.53 1.25
C SER B 681 -36.71 26.74 0.40
N VAL B 682 -36.49 26.67 -0.91
CA VAL B 682 -37.42 26.01 -1.80
C VAL B 682 -36.93 24.63 -2.25
N ARG B 683 -35.61 24.37 -2.16
CA ARG B 683 -35.02 23.10 -2.59
C ARG B 683 -35.24 22.85 -4.08
N ARG B 684 -35.00 23.88 -4.90
CA ARG B 684 -34.88 23.74 -6.34
C ARG B 684 -33.61 24.42 -6.80
N ILE B 685 -32.81 23.70 -7.57
CA ILE B 685 -31.50 24.17 -8.02
C ILE B 685 -31.59 24.45 -9.52
N PRO B 686 -31.34 25.68 -9.96
CA PRO B 686 -31.25 25.94 -11.41
C PRO B 686 -29.97 25.34 -11.96
N CYS B 687 -30.09 24.58 -13.05
CA CYS B 687 -28.94 23.89 -13.62
C CYS B 687 -27.91 24.88 -14.14
N SER B 688 -28.33 26.08 -14.54
CA SER B 688 -27.38 27.09 -14.98
C SER B 688 -26.44 27.48 -13.85
N LEU B 689 -26.97 27.65 -12.64
CA LEU B 689 -26.12 27.96 -11.50
C LEU B 689 -25.16 26.82 -11.19
N HIS B 690 -25.65 25.59 -11.29
CA HIS B 690 -24.79 24.43 -11.04
C HIS B 690 -23.63 24.40 -12.03
N LEU B 691 -23.92 24.63 -13.31
CA LEU B 691 -22.86 24.67 -14.30
C LEU B 691 -21.90 25.83 -14.04
N GLN B 692 -22.44 26.99 -13.66
CA GLN B 692 -21.59 28.16 -13.43
C GLN B 692 -20.67 27.97 -12.24
N VAL B 693 -21.07 27.17 -11.26
CA VAL B 693 -20.24 27.04 -10.07
C VAL B 693 -19.45 25.75 -10.06
N ASP B 694 -20.15 24.60 -9.98
CA ASP B 694 -19.46 23.35 -9.69
C ASP B 694 -18.65 22.87 -10.90
N THR B 695 -19.24 22.88 -12.08
CA THR B 695 -18.53 22.41 -13.26
C THR B 695 -17.36 23.31 -13.58
N LYS B 696 -17.53 24.63 -13.46
CA LYS B 696 -16.43 25.56 -13.70
C LYS B 696 -15.31 25.33 -12.71
N ALA B 697 -15.64 25.13 -11.43
CA ALA B 697 -14.61 24.86 -10.45
C ALA B 697 -13.86 23.58 -10.78
N TYR B 698 -14.57 22.53 -11.17
CA TYR B 698 -13.90 21.28 -11.51
C TYR B 698 -12.99 21.46 -12.71
N LYS B 699 -13.43 22.21 -13.72
CA LYS B 699 -12.60 22.38 -14.91
C LYS B 699 -11.35 23.18 -14.59
N LEU B 700 -11.48 24.21 -13.76
CA LEU B 700 -10.29 24.96 -13.34
C LEU B 700 -9.32 24.06 -12.57
N ASP B 701 -9.85 23.21 -11.68
CA ASP B 701 -8.98 22.30 -10.95
C ASP B 701 -8.30 21.31 -11.89
N ALA B 702 -9.03 20.82 -12.90
CA ALA B 702 -8.43 19.90 -13.86
C ALA B 702 -7.30 20.57 -14.63
N ILE B 703 -7.49 21.83 -15.02
CA ILE B 703 -6.41 22.57 -15.66
C ILE B 703 -5.21 22.66 -14.73
N GLU B 704 -5.46 22.97 -13.46
CA GLU B 704 -4.35 23.09 -12.51
C GLU B 704 -3.64 21.76 -12.30
N ARG B 705 -4.34 20.65 -12.43
CA ARG B 705 -3.75 19.34 -12.16
C ARG B 705 -3.03 18.75 -13.35
N GLN B 706 -3.49 18.99 -14.57
CA GLN B 706 -2.99 18.26 -15.74
C GLN B 706 -2.01 19.05 -16.59
N ILE B 707 -1.66 20.28 -16.21
CA ILE B 707 -0.75 21.09 -17.02
C ILE B 707 0.39 21.59 -16.14
N PRO B 708 1.64 21.42 -16.57
CA PRO B 708 2.77 21.73 -15.68
C PRO B 708 3.04 23.22 -15.56
N ASN B 709 3.70 23.57 -14.46
CA ASN B 709 4.15 24.93 -14.22
C ASN B 709 5.37 25.25 -15.07
N PHE B 710 5.44 26.47 -15.59
CA PHE B 710 6.51 26.81 -16.51
C PHE B 710 7.84 27.04 -15.81
N LEU B 711 7.84 27.24 -14.50
CA LEU B 711 9.09 27.35 -13.76
C LEU B 711 9.64 25.98 -13.38
N ASP B 712 8.78 25.12 -12.86
CA ASP B 712 9.17 23.81 -12.36
C ASP B 712 9.20 22.75 -13.46
N GLY B 713 8.25 22.82 -14.39
CA GLY B 713 8.13 21.80 -15.42
C GLY B 713 7.38 20.56 -15.00
N MET B 714 6.79 20.54 -13.81
CA MET B 714 6.11 19.35 -13.31
C MET B 714 4.73 19.72 -12.79
N THR B 715 3.82 18.75 -12.85
CA THR B 715 2.45 18.95 -12.40
C THR B 715 2.38 18.79 -10.88
N ARG B 716 1.18 18.98 -10.34
CA ARG B 716 0.99 18.92 -8.89
C ARG B 716 1.31 17.53 -8.35
N ALA B 717 0.84 16.49 -9.03
CA ALA B 717 1.09 15.12 -8.57
C ALA B 717 2.57 14.82 -8.57
N ARG B 718 3.28 15.21 -9.63
CA ARG B 718 4.71 14.93 -9.69
C ARG B 718 5.48 15.75 -8.67
N ARG B 719 5.04 16.97 -8.39
CA ARG B 719 5.68 17.76 -7.33
C ARG B 719 5.49 17.10 -5.97
N LYS B 720 4.29 16.60 -5.68
CA LYS B 720 4.06 15.86 -4.45
C LYS B 720 4.95 14.63 -4.39
N ILE B 721 5.09 13.92 -5.52
CA ILE B 721 5.93 12.74 -5.57
C ILE B 721 7.38 13.09 -5.26
N LEU B 722 7.89 14.18 -5.85
CA LEU B 722 9.27 14.56 -5.61
C LEU B 722 9.49 14.96 -4.15
N ALA B 723 8.58 15.73 -3.57
CA ALA B 723 8.74 16.14 -2.18
C ALA B 723 8.69 14.94 -1.25
N GLY B 724 7.74 14.03 -1.48
CA GLY B 724 7.66 12.83 -0.68
C GLY B 724 8.88 11.96 -0.82
N GLY B 725 9.43 11.87 -2.04
CA GLY B 725 10.64 11.10 -2.23
C GLY B 725 11.82 11.70 -1.49
N LEU B 726 11.95 13.02 -1.52
CA LEU B 726 13.02 13.67 -0.76
C LEU B 726 12.88 13.37 0.72
N LYS B 727 11.67 13.49 1.25
CA LYS B 727 11.45 13.19 2.68
C LYS B 727 11.76 11.74 3.00
N CYS B 728 11.32 10.81 2.15
CA CYS B 728 11.45 9.40 2.45
C CYS B 728 12.91 8.94 2.37
N PHE B 729 13.60 9.33 1.30
CA PHE B 729 14.96 8.87 1.07
C PHE B 729 16.01 9.81 1.63
N ALA B 730 15.61 10.83 2.39
CA ALA B 730 16.58 11.68 3.05
C ALA B 730 17.45 10.88 4.02
N SER B 731 16.84 9.99 4.79
CA SER B 731 17.60 9.21 5.77
C SER B 731 18.62 8.31 5.09
N ASN B 732 18.14 7.33 4.32
CA ASN B 732 19.01 6.40 3.63
C ASN B 732 18.39 6.03 2.29
N ASN B 733 19.21 6.02 1.24
CA ASN B 733 18.75 5.77 -0.11
C ASN B 733 18.68 4.27 -0.35
N ARG B 734 17.63 3.66 0.17
CA ARG B 734 17.39 2.23 0.03
C ARG B 734 16.13 2.01 -0.81
N GLU B 735 16.18 1.00 -1.67
CA GLU B 735 15.08 0.75 -2.60
C GLU B 735 13.82 0.39 -1.83
N ARG B 736 12.68 0.86 -2.36
CA ARG B 736 11.38 0.55 -1.80
C ARG B 736 10.43 0.15 -2.92
N LYS B 737 9.46 -0.70 -2.58
CA LYS B 737 8.44 -1.06 -3.55
C LYS B 737 7.62 0.18 -3.93
N VAL B 738 7.18 0.22 -5.18
CA VAL B 738 6.43 1.38 -5.67
C VAL B 738 5.16 1.55 -4.86
N PHE B 739 4.49 0.44 -4.51
CA PHE B 739 3.28 0.53 -3.72
C PHE B 739 3.55 1.16 -2.36
N GLN B 740 4.60 0.70 -1.68
CA GLN B 740 4.91 1.23 -0.36
C GLN B 740 5.27 2.71 -0.42
N PHE B 741 6.09 3.09 -1.41
CA PHE B 741 6.48 4.48 -1.54
C PHE B 741 5.27 5.36 -1.86
N GLY B 742 4.37 4.88 -2.74
CA GLY B 742 3.18 5.64 -3.04
C GLY B 742 2.28 5.80 -1.83
N GLY B 743 2.16 4.76 -1.02
CA GLY B 743 1.41 4.89 0.21
C GLY B 743 2.01 5.90 1.16
N TYR B 744 3.34 5.89 1.28
CA TYR B 744 4.02 6.88 2.11
C TYR B 744 3.75 8.30 1.61
N VAL B 745 3.83 8.49 0.29
CA VAL B 745 3.62 9.82 -0.29
C VAL B 745 2.19 10.28 -0.02
N ALA B 746 1.21 9.39 -0.23
CA ALA B 746 -0.18 9.76 0.01
C ALA B 746 -0.43 10.06 1.48
N ASP B 747 0.27 9.36 2.37
CA ASP B 747 0.10 9.61 3.80
C ASP B 747 0.69 10.96 4.21
N HIS B 748 1.89 11.28 3.71
CA HIS B 748 2.59 12.45 4.19
C HIS B 748 2.30 13.73 3.40
N MET B 749 1.99 13.60 2.11
CA MET B 749 1.75 14.76 1.27
C MET B 749 0.27 15.10 1.11
N PHE B 750 -0.61 14.38 1.79
CA PHE B 750 -2.05 14.64 1.76
C PHE B 750 -2.60 14.53 0.34
N TYR B 751 -2.43 13.33 -0.24
CA TYR B 751 -2.96 13.01 -1.55
C TYR B 751 -4.28 12.28 -1.36
N HIS B 752 -5.38 12.94 -1.69
CA HIS B 752 -6.73 12.43 -1.42
C HIS B 752 -7.37 11.80 -2.65
N HIS B 753 -6.60 11.13 -3.48
CA HIS B 753 -7.13 10.48 -4.67
C HIS B 753 -6.73 9.02 -4.66
N GLY B 754 -7.12 8.31 -5.72
CA GLY B 754 -6.85 6.88 -5.79
C GLY B 754 -5.36 6.58 -5.85
N ASP B 755 -4.98 5.48 -5.22
CA ASP B 755 -3.57 5.12 -5.13
C ASP B 755 -3.03 4.59 -6.46
N MET B 756 -3.88 4.01 -7.29
CA MET B 756 -3.40 3.46 -8.56
C MET B 756 -2.87 4.56 -9.47
N SER B 757 -3.53 5.72 -9.48
CA SER B 757 -3.04 6.82 -10.29
C SER B 757 -1.68 7.30 -9.79
N LEU B 758 -1.51 7.38 -8.47
CA LEU B 758 -0.22 7.79 -7.92
C LEU B 758 0.87 6.79 -8.29
N ASN B 759 0.57 5.49 -8.21
CA ASN B 759 1.56 4.49 -8.57
C ASN B 759 1.93 4.60 -10.05
N THR B 760 0.94 4.82 -10.90
CA THR B 760 1.22 4.98 -12.33
C THR B 760 2.09 6.21 -12.57
N SER B 761 1.81 7.30 -11.86
CA SER B 761 2.63 8.50 -12.02
C SER B 761 4.07 8.26 -11.58
N ILE B 762 4.25 7.53 -10.48
CA ILE B 762 5.59 7.20 -10.02
C ILE B 762 6.33 6.37 -11.07
N ILE B 763 5.65 5.35 -11.61
CA ILE B 763 6.27 4.51 -12.62
C ILE B 763 6.67 5.33 -13.84
N LYS B 764 5.79 6.23 -14.28
CA LYS B 764 6.12 7.08 -15.42
C LYS B 764 7.31 7.98 -15.10
N ALA B 765 7.37 8.50 -13.88
CA ALA B 765 8.46 9.41 -13.52
C ALA B 765 9.80 8.67 -13.44
N ALA B 766 9.79 7.38 -13.15
CA ALA B 766 11.03 6.64 -13.01
C ALA B 766 11.55 6.04 -14.30
N GLN B 767 10.79 6.12 -15.39
CA GLN B 767 11.20 5.46 -16.63
C GLN B 767 12.38 6.17 -17.28
N TYR B 768 13.15 5.42 -18.07
CA TYR B 768 14.27 6.00 -18.80
C TYR B 768 14.62 5.08 -19.97
N TYR B 769 14.46 5.59 -21.18
CA TYR B 769 14.86 4.89 -22.40
C TYR B 769 14.93 5.91 -23.53
N PRO B 770 15.57 5.59 -24.64
CA PRO B 770 15.60 6.53 -25.76
C PRO B 770 14.20 6.88 -26.23
N GLY B 771 13.93 8.18 -26.36
CA GLY B 771 12.62 8.66 -26.72
C GLY B 771 11.66 8.80 -25.56
N SER B 772 12.09 8.52 -24.33
CA SER B 772 11.21 8.66 -23.19
C SER B 772 10.91 10.12 -22.90
N SER B 773 9.88 10.35 -22.09
CA SER B 773 9.46 11.73 -21.81
C SER B 773 10.48 12.48 -20.97
N HIS B 774 11.20 11.78 -20.09
CA HIS B 774 12.14 12.41 -19.17
C HIS B 774 13.55 12.13 -19.62
N LEU B 775 14.27 13.19 -19.98
CA LEU B 775 15.70 13.06 -20.26
C LEU B 775 16.51 12.93 -18.98
N TYR B 776 16.04 13.53 -17.89
CA TYR B 776 16.73 13.51 -16.60
C TYR B 776 15.74 13.11 -15.52
N PRO B 777 15.39 11.83 -15.44
CA PRO B 777 14.44 11.40 -14.41
C PRO B 777 15.02 11.58 -13.01
N VAL B 778 14.13 11.81 -12.05
CA VAL B 778 14.54 12.09 -10.68
C VAL B 778 14.57 10.81 -9.87
N PHE B 779 14.44 9.67 -10.54
CA PHE B 779 14.42 8.38 -9.86
C PHE B 779 15.30 7.39 -10.61
N ILE B 780 15.80 6.41 -9.88
CA ILE B 780 16.50 5.26 -10.43
C ILE B 780 15.60 4.05 -10.21
N GLY B 781 15.26 3.36 -11.30
CA GLY B 781 14.33 2.25 -11.24
C GLY B 781 15.05 0.92 -11.25
N ILE B 782 14.67 0.04 -10.32
CA ILE B 782 15.16 -1.32 -10.24
C ILE B 782 13.99 -2.24 -10.57
N GLY B 783 14.13 -2.98 -11.67
CA GLY B 783 13.09 -3.83 -12.20
C GLY B 783 12.86 -3.50 -13.66
N SER B 784 11.69 -3.87 -14.15
CA SER B 784 11.30 -3.59 -15.53
C SER B 784 10.49 -2.30 -15.55
N PHE B 785 10.94 -1.32 -16.32
CA PHE B 785 10.33 0.00 -16.39
C PHE B 785 10.06 0.39 -17.84
N GLY B 786 9.50 -0.53 -18.61
CA GLY B 786 9.19 -0.25 -19.99
C GLY B 786 10.43 -0.30 -20.87
N SER B 787 10.20 -0.05 -22.16
CA SER B 787 11.26 -0.14 -23.15
C SER B 787 10.94 0.79 -24.30
N ARG B 788 11.89 0.91 -25.23
CA ARG B 788 11.69 1.75 -26.40
C ARG B 788 10.50 1.27 -27.22
N HIS B 789 10.40 -0.03 -27.43
CA HIS B 789 9.22 -0.60 -28.05
C HIS B 789 8.05 -0.55 -27.07
N LEU B 790 6.84 -0.67 -27.62
CA LEU B 790 5.59 -0.66 -26.86
C LEU B 790 5.36 0.66 -26.13
N GLY B 791 6.18 1.67 -26.38
CA GLY B 791 5.96 2.97 -25.78
C GLY B 791 6.09 3.03 -24.28
N GLY B 792 6.81 2.08 -23.68
CA GLY B 792 6.96 2.08 -22.24
C GLY B 792 5.78 1.56 -21.47
N LYS B 793 4.78 0.99 -22.14
CA LYS B 793 3.62 0.43 -21.46
C LYS B 793 3.85 -0.99 -20.97
N ASP B 794 5.02 -1.56 -21.23
CA ASP B 794 5.34 -2.92 -20.80
C ASP B 794 6.00 -2.96 -19.43
N ALA B 795 5.80 -1.93 -18.61
CA ALA B 795 6.40 -1.91 -17.29
C ALA B 795 5.70 -2.92 -16.38
N GLY B 796 6.41 -3.31 -15.32
CA GLY B 796 5.90 -4.27 -14.38
C GLY B 796 4.88 -3.67 -13.43
N SER B 797 4.37 -4.52 -12.56
CA SER B 797 3.38 -4.09 -11.58
C SER B 797 4.06 -3.31 -10.46
N PRO B 798 3.35 -2.35 -9.84
CA PRO B 798 3.94 -1.61 -8.71
C PRO B 798 4.26 -2.48 -7.52
N ARG B 799 3.71 -3.69 -7.43
CA ARG B 799 3.98 -4.56 -6.30
C ARG B 799 5.35 -5.23 -6.38
N TYR B 800 5.97 -5.26 -7.55
CA TYR B 800 7.19 -6.03 -7.74
C TYR B 800 8.37 -5.24 -8.27
N ILE B 801 8.25 -3.93 -8.46
CA ILE B 801 9.36 -3.12 -8.93
C ILE B 801 9.67 -2.05 -7.88
N SER B 802 10.90 -1.57 -7.89
CA SER B 802 11.38 -0.67 -6.86
C SER B 802 11.97 0.59 -7.47
N VAL B 803 11.97 1.66 -6.70
CA VAL B 803 12.56 2.92 -7.11
C VAL B 803 13.43 3.45 -5.97
N GLN B 804 14.39 4.30 -6.33
CA GLN B 804 15.20 4.96 -5.33
C GLN B 804 15.58 6.34 -5.85
N LEU B 805 16.02 7.19 -4.94
CA LEU B 805 16.31 8.58 -5.28
C LEU B 805 17.64 8.68 -6.02
N ALA B 806 17.64 9.42 -7.13
CA ALA B 806 18.87 9.76 -7.83
C ALA B 806 19.46 11.01 -7.17
N SER B 807 20.00 10.79 -5.96
CA SER B 807 20.40 11.91 -5.11
C SER B 807 21.49 12.76 -5.74
N GLU B 808 22.40 12.13 -6.50
CA GLU B 808 23.50 12.88 -7.08
C GLU B 808 23.01 13.97 -8.02
N PHE B 809 22.02 13.66 -8.85
CA PHE B 809 21.47 14.66 -9.76
C PHE B 809 20.55 15.63 -9.04
N ILE B 810 19.77 15.15 -8.07
CA ILE B 810 18.79 15.98 -7.40
C ILE B 810 19.47 17.07 -6.59
N LYS B 811 20.50 16.71 -5.83
CA LYS B 811 21.15 17.69 -4.96
C LYS B 811 21.82 18.81 -5.74
N THR B 812 22.06 18.62 -7.04
CA THR B 812 22.63 19.66 -7.87
C THR B 812 21.59 20.40 -8.69
N MET B 813 20.50 19.74 -9.08
CA MET B 813 19.47 20.42 -9.86
C MET B 813 18.56 21.26 -8.96
N PHE B 814 18.10 20.68 -7.85
CA PHE B 814 17.29 21.42 -6.88
C PHE B 814 18.12 21.60 -5.64
N PRO B 815 18.78 22.75 -5.46
CA PRO B 815 19.64 22.92 -4.29
C PRO B 815 18.86 22.78 -2.99
N THR B 816 19.46 22.11 -2.02
CA THR B 816 18.77 21.84 -0.76
C THR B 816 18.49 23.13 0.00
N GLU B 817 19.46 24.04 0.04
CA GLU B 817 19.31 25.24 0.85
C GLU B 817 18.25 26.18 0.29
N ASP B 818 17.87 26.01 -0.96
CA ASP B 818 16.84 26.86 -1.55
C ASP B 818 15.44 26.37 -1.26
N SER B 819 15.28 25.18 -0.67
CA SER B 819 13.96 24.64 -0.43
C SER B 819 13.24 25.37 0.71
N TRP B 820 14.00 25.96 1.63
CA TRP B 820 13.38 26.69 2.74
C TRP B 820 12.76 27.99 2.31
N LEU B 821 12.98 28.44 1.07
CA LEU B 821 12.59 29.78 0.65
C LEU B 821 11.46 29.78 -0.37
N LEU B 822 11.04 28.63 -0.86
CA LEU B 822 9.93 28.61 -1.79
C LEU B 822 8.60 28.80 -1.05
N PRO B 823 7.61 29.40 -1.69
CA PRO B 823 6.26 29.42 -1.12
C PRO B 823 5.69 28.02 -1.08
N TYR B 824 4.86 27.76 -0.07
CA TYR B 824 4.38 26.41 0.18
C TYR B 824 2.86 26.33 0.08
N VAL B 825 2.39 25.11 -0.17
CA VAL B 825 0.97 24.80 -0.21
C VAL B 825 0.55 24.27 1.15
N PHE B 826 -0.46 24.89 1.75
CA PHE B 826 -0.93 24.51 3.07
C PHE B 826 -2.28 23.80 2.96
N GLU B 827 -2.36 22.63 3.56
CA GLU B 827 -3.63 21.91 3.69
C GLU B 827 -3.98 21.82 5.17
N ASP B 828 -5.22 22.17 5.50
CA ASP B 828 -5.78 22.21 6.86
C ASP B 828 -4.79 22.71 7.90
N GLY B 829 -4.00 23.72 7.53
CA GLY B 829 -3.02 24.27 8.44
C GLY B 829 -1.72 23.52 8.54
N GLN B 830 -1.49 22.52 7.69
CA GLN B 830 -0.26 21.75 7.70
C GLN B 830 0.50 21.94 6.39
N ARG B 831 1.81 21.87 6.47
CA ARG B 831 2.64 22.06 5.29
C ARG B 831 2.56 20.86 4.36
N ALA B 832 2.54 21.14 3.07
CA ALA B 832 2.57 20.12 2.03
C ALA B 832 3.72 20.44 1.08
N GLU B 833 3.75 19.81 -0.08
CA GLU B 833 4.79 20.09 -1.05
C GLU B 833 4.78 21.58 -1.42
N PRO B 834 5.92 22.13 -1.82
CA PRO B 834 5.98 23.56 -2.13
C PRO B 834 5.10 23.90 -3.33
N GLU B 835 4.81 25.19 -3.46
CA GLU B 835 4.02 25.65 -4.60
C GLU B 835 4.72 25.35 -5.91
N TYR B 836 6.03 25.59 -5.97
CA TYR B 836 6.82 25.27 -7.15
C TYR B 836 8.29 25.32 -6.76
N TYR B 837 9.09 24.54 -7.47
CA TYR B 837 10.53 24.59 -7.32
C TYR B 837 11.12 25.58 -8.34
N VAL B 838 12.36 25.97 -8.11
CA VAL B 838 13.09 26.81 -9.06
C VAL B 838 14.41 26.13 -9.39
N PRO B 839 14.45 25.31 -10.43
CA PRO B 839 15.68 24.57 -10.74
C PRO B 839 16.79 25.49 -11.23
N VAL B 840 18.02 24.97 -11.15
CA VAL B 840 19.19 25.72 -11.58
C VAL B 840 19.12 26.00 -13.07
N LEU B 841 18.74 25.01 -13.86
CA LEU B 841 18.54 25.17 -15.29
C LEU B 841 17.06 25.01 -15.62
N PRO B 842 16.57 25.65 -16.69
CA PRO B 842 15.13 25.59 -16.97
C PRO B 842 14.69 24.21 -17.42
N LEU B 843 14.03 23.47 -16.53
CA LEU B 843 13.58 22.13 -16.85
C LEU B 843 12.33 22.11 -17.71
N ALA B 844 11.63 23.24 -17.83
CA ALA B 844 10.40 23.26 -18.61
C ALA B 844 10.67 22.99 -20.08
N ILE B 845 11.74 23.55 -20.62
CA ILE B 845 12.08 23.41 -22.02
C ILE B 845 13.24 22.44 -22.22
N MET B 846 13.46 21.54 -21.27
CA MET B 846 14.58 20.62 -21.32
C MET B 846 14.15 19.17 -21.46
N GLU B 847 12.85 18.89 -21.54
CA GLU B 847 12.35 17.52 -21.61
C GLU B 847 11.17 17.47 -22.56
N TYR B 848 10.69 16.25 -22.80
CA TYR B 848 9.56 16.02 -23.69
C TYR B 848 8.27 15.88 -22.89
N GLY B 849 7.16 16.27 -23.51
CA GLY B 849 5.88 16.07 -22.87
C GLY B 849 4.71 16.29 -23.81
N ALA B 850 3.59 15.62 -23.57
CA ALA B 850 2.41 15.80 -24.41
C ALA B 850 1.20 15.23 -23.70
N ASN B 851 0.20 16.07 -23.43
CA ASN B 851 -1.06 15.60 -22.88
C ASN B 851 -2.13 16.69 -22.97
N PRO B 852 -3.40 16.33 -23.01
CA PRO B 852 -4.48 17.32 -23.08
C PRO B 852 -4.96 17.73 -21.70
N SER B 853 -5.84 18.72 -21.69
CA SER B 853 -6.57 19.14 -20.50
C SER B 853 -7.81 19.89 -20.96
N GLU B 854 -8.52 20.49 -20.02
CA GLU B 854 -9.73 21.24 -20.35
C GLU B 854 -9.35 22.53 -21.06
N GLY B 855 -9.77 22.68 -22.30
CA GLY B 855 -9.55 23.92 -23.03
C GLY B 855 -8.24 24.02 -23.76
N TRP B 856 -7.16 23.51 -23.18
CA TRP B 856 -5.82 23.65 -23.74
C TRP B 856 -5.13 22.30 -23.80
N LYS B 857 -4.14 22.21 -24.69
CA LYS B 857 -3.29 21.03 -24.81
C LYS B 857 -1.84 21.45 -24.60
N TYR B 858 -1.05 20.56 -23.99
CA TYR B 858 0.35 20.84 -23.68
C TYR B 858 1.22 19.89 -24.47
N THR B 859 2.23 20.43 -25.14
CA THR B 859 3.18 19.63 -25.91
C THR B 859 4.50 20.37 -26.00
N THR B 860 5.59 19.66 -25.69
CA THR B 860 6.91 20.27 -25.59
C THR B 860 7.96 19.29 -26.09
N TRP B 861 8.81 19.75 -27.00
CA TRP B 861 9.98 19.01 -27.46
C TRP B 861 11.23 19.61 -26.85
N ALA B 862 12.09 18.75 -26.31
CA ALA B 862 13.24 19.22 -25.54
C ALA B 862 14.23 19.98 -26.42
N ARG B 863 14.98 20.87 -25.78
CA ARG B 863 15.99 21.68 -26.44
C ARG B 863 17.38 21.11 -26.21
N GLN B 864 18.33 21.57 -27.02
CA GLN B 864 19.71 21.11 -26.90
C GLN B 864 20.32 21.63 -25.61
N LEU B 865 21.01 20.74 -24.89
CA LEU B 865 21.62 21.13 -23.62
C LEU B 865 22.71 22.17 -23.83
N GLU B 866 23.53 22.01 -24.87
CA GLU B 866 24.63 22.94 -25.09
C GLU B 866 24.13 24.35 -25.36
N ASP B 867 23.07 24.49 -26.16
CA ASP B 867 22.52 25.81 -26.43
C ASP B 867 22.01 26.47 -25.15
N ILE B 868 21.33 25.70 -24.31
CA ILE B 868 20.82 26.26 -23.05
C ILE B 868 21.97 26.69 -22.16
N LEU B 869 23.00 25.86 -22.05
CA LEU B 869 24.15 26.22 -21.23
C LEU B 869 24.82 27.47 -21.75
N ALA B 870 24.97 27.58 -23.07
CA ALA B 870 25.58 28.78 -23.64
C ALA B 870 24.75 30.01 -23.35
N LEU B 871 23.43 29.90 -23.49
CA LEU B 871 22.55 31.05 -23.24
C LEU B 871 22.64 31.51 -21.80
N VAL B 872 22.55 30.56 -20.86
CA VAL B 872 22.57 30.95 -19.45
C VAL B 872 23.94 31.50 -19.06
N ARG B 873 25.01 30.88 -19.57
CA ARG B 873 26.35 31.38 -19.26
C ARG B 873 26.56 32.76 -19.85
N ALA B 874 25.98 33.05 -21.02
CA ALA B 874 26.04 34.40 -21.55
C ALA B 874 25.28 35.37 -20.66
N TYR B 875 24.13 34.95 -20.13
CA TYR B 875 23.34 35.85 -19.31
C TYR B 875 24.03 36.17 -17.99
N VAL B 876 24.70 35.20 -17.38
CA VAL B 876 25.22 35.36 -16.03
C VAL B 876 26.73 35.59 -15.98
N ASP B 877 27.44 35.46 -17.10
CA ASP B 877 28.91 35.40 -17.05
C ASP B 877 29.52 36.76 -16.74
N LYS B 878 29.05 37.82 -17.41
CA LYS B 878 29.60 39.17 -17.30
C LYS B 878 30.98 39.22 -17.93
N ASN B 879 31.50 38.07 -18.38
CA ASN B 879 32.75 37.99 -19.11
C ASN B 879 32.60 37.37 -20.47
N ASN B 880 31.45 36.77 -20.78
CA ASN B 880 31.23 36.24 -22.11
C ASN B 880 31.22 37.38 -23.13
N PRO B 881 31.81 37.20 -24.30
CA PRO B 881 31.76 38.25 -25.32
C PRO B 881 30.35 38.61 -25.75
N LYS B 882 29.37 37.74 -25.53
CA LYS B 882 27.99 38.01 -25.89
C LYS B 882 27.14 38.42 -24.70
N HIS B 883 27.75 38.61 -23.53
CA HIS B 883 26.97 38.95 -22.35
C HIS B 883 26.30 40.32 -22.48
N GLU B 884 27.04 41.30 -23.01
CA GLU B 884 26.50 42.65 -23.08
C GLU B 884 25.35 42.78 -24.06
N LEU B 885 25.36 41.99 -25.13
CA LEU B 885 24.27 42.06 -26.10
C LEU B 885 23.10 41.16 -25.74
N LEU B 886 23.33 40.11 -24.96
CA LEU B 886 22.22 39.30 -24.47
C LEU B 886 21.29 40.15 -23.61
N HIS B 887 21.85 40.91 -22.68
CA HIS B 887 21.09 41.95 -22.03
C HIS B 887 20.73 43.01 -23.05
N TYR B 888 19.50 43.49 -22.99
CA TYR B 888 18.94 44.31 -24.05
C TYR B 888 18.70 45.73 -23.56
N ALA B 889 19.22 46.70 -24.31
CA ALA B 889 18.90 48.11 -24.09
C ALA B 889 17.86 48.62 -25.08
N ILE B 890 17.34 47.76 -25.94
CA ILE B 890 16.36 48.14 -26.96
C ILE B 890 15.02 47.48 -26.69
N ASP B 891 14.97 46.14 -26.72
CA ASP B 891 13.75 45.38 -26.47
C ASP B 891 14.18 43.94 -26.20
N HIS B 892 13.26 43.16 -25.65
CA HIS B 892 13.59 41.79 -25.30
C HIS B 892 12.82 40.80 -26.17
N LYS B 893 12.79 41.05 -27.47
CA LYS B 893 12.27 40.09 -28.43
C LYS B 893 13.31 39.58 -29.40
N ILE B 894 14.43 40.29 -29.56
CA ILE B 894 15.45 39.87 -30.52
C ILE B 894 16.09 38.56 -30.07
N THR B 895 16.42 37.72 -31.03
CA THR B 895 17.11 36.45 -30.79
C THR B 895 18.55 36.57 -31.28
N VAL B 896 19.49 36.25 -30.41
CA VAL B 896 20.91 36.33 -30.75
C VAL B 896 21.64 35.01 -30.62
N LEU B 897 21.00 33.97 -30.08
CA LEU B 897 21.62 32.67 -29.90
C LEU B 897 20.65 31.59 -30.34
N PRO B 898 21.16 30.46 -30.84
CA PRO B 898 20.28 29.40 -31.31
C PRO B 898 19.76 28.54 -30.16
N LEU B 899 18.52 28.07 -30.34
CA LEU B 899 17.89 27.10 -29.45
C LEU B 899 17.33 25.98 -30.32
N ARG B 900 18.15 25.04 -30.61
CA ARG B 900 17.78 23.96 -31.51
C ARG B 900 17.33 22.74 -30.73
N PRO B 901 16.47 21.91 -31.31
CA PRO B 901 16.04 20.69 -30.63
C PRO B 901 17.22 19.77 -30.35
N SER B 902 17.17 19.11 -29.20
CA SER B 902 18.24 18.21 -28.82
C SER B 902 18.19 16.94 -29.64
N ASN B 903 19.35 16.31 -29.80
CA ASN B 903 19.45 15.06 -30.54
C ASN B 903 20.35 14.08 -29.79
N TYR B 904 20.17 13.99 -28.47
CA TYR B 904 21.07 13.17 -27.67
C TYR B 904 20.99 11.70 -28.07
N ASN B 905 19.83 11.07 -27.87
CA ASN B 905 19.63 9.67 -28.19
C ASN B 905 19.03 9.48 -29.57
N PHE B 906 19.28 10.42 -30.48
CA PHE B 906 18.69 10.41 -31.81
C PHE B 906 19.80 10.26 -32.84
N LYS B 907 19.71 9.23 -33.67
CA LYS B 907 20.66 9.02 -34.76
C LYS B 907 20.17 9.57 -36.09
N GLY B 908 18.96 10.14 -36.13
CA GLY B 908 18.41 10.67 -37.36
C GLY B 908 18.90 12.06 -37.67
N HIS B 909 18.05 12.85 -38.30
CA HIS B 909 18.38 14.21 -38.66
C HIS B 909 17.23 15.14 -38.28
N LEU B 910 17.56 16.40 -38.06
CA LEU B 910 16.57 17.44 -37.80
C LEU B 910 16.78 18.57 -38.81
N LYS B 911 15.71 18.91 -39.53
CA LYS B 911 15.80 19.95 -40.55
C LYS B 911 14.65 20.94 -40.37
N ARG B 912 14.96 22.22 -40.46
CA ARG B 912 13.97 23.27 -40.28
C ARG B 912 13.53 23.79 -41.65
N PHE B 913 12.23 23.72 -41.90
CA PHE B 913 11.64 24.24 -43.12
C PHE B 913 10.58 25.25 -42.75
N GLY B 914 10.69 26.46 -43.28
CA GLY B 914 9.75 27.51 -42.94
C GLY B 914 9.73 27.79 -41.45
N GLN B 915 8.65 27.37 -40.79
CA GLN B 915 8.48 27.58 -39.36
C GLN B 915 8.45 26.27 -38.57
N TYR B 916 8.74 25.14 -39.20
CA TYR B 916 8.57 23.86 -38.56
C TYR B 916 9.85 23.03 -38.63
N TYR B 917 10.15 22.34 -37.53
CA TYR B 917 11.26 21.40 -37.50
C TYR B 917 10.73 19.99 -37.76
N TYR B 918 11.43 19.24 -38.60
CA TYR B 918 11.07 17.88 -38.94
C TYR B 918 12.22 16.95 -38.60
N SER B 919 11.88 15.80 -38.05
CA SER B 919 12.85 14.77 -37.69
C SER B 919 12.72 13.60 -38.65
N TYR B 920 13.86 13.19 -39.21
CA TYR B 920 13.91 12.11 -40.19
C TYR B 920 14.71 10.95 -39.64
N GLY B 921 14.14 9.75 -39.71
CA GLY B 921 14.89 8.55 -39.43
C GLY B 921 15.86 8.23 -40.54
N THR B 922 16.80 7.33 -40.27
CA THR B 922 17.83 6.97 -41.23
C THR B 922 17.72 5.50 -41.60
N TYR B 923 18.13 5.20 -42.83
CA TYR B 923 17.96 3.89 -43.43
C TYR B 923 19.13 3.62 -44.38
N VAL B 924 19.10 2.46 -45.03
CA VAL B 924 20.03 2.14 -46.10
C VAL B 924 19.37 1.08 -46.99
N VAL B 925 19.68 1.14 -48.28
CA VAL B 925 19.04 0.29 -49.28
C VAL B 925 20.12 -0.49 -50.02
N SER B 926 19.91 -1.80 -50.14
CA SER B 926 20.81 -2.70 -50.86
C SER B 926 20.03 -3.25 -52.07
N GLU B 927 20.09 -2.51 -53.18
CA GLU B 927 19.37 -2.92 -54.39
C GLU B 927 19.92 -4.20 -55.00
N GLN B 928 21.21 -4.50 -54.78
CA GLN B 928 21.80 -5.71 -55.33
C GLN B 928 21.11 -6.97 -54.83
N ARG B 929 20.43 -6.90 -53.68
CA ARG B 929 19.67 -8.03 -53.18
C ARG B 929 18.18 -7.73 -53.14
N ASN B 930 17.78 -6.46 -53.29
CA ASN B 930 16.41 -6.00 -53.09
C ASN B 930 15.99 -6.13 -51.63
N MET B 931 16.70 -5.40 -50.78
CA MET B 931 16.50 -5.38 -49.34
C MET B 931 16.57 -3.94 -48.89
N ILE B 932 15.57 -3.49 -48.11
CA ILE B 932 15.59 -2.13 -47.59
C ILE B 932 15.54 -2.20 -46.07
N THR B 933 16.55 -1.63 -45.42
CA THR B 933 16.67 -1.66 -43.97
C THR B 933 16.68 -0.24 -43.44
N ILE B 934 15.84 0.02 -42.45
CA ILE B 934 15.84 1.30 -41.75
C ILE B 934 16.50 1.08 -40.39
N THR B 935 17.29 2.07 -39.95
CA THR B 935 18.08 1.93 -38.75
C THR B 935 17.68 2.91 -37.64
N GLU B 936 16.94 3.97 -37.95
CA GLU B 936 16.50 4.90 -36.92
C GLU B 936 15.14 5.47 -37.28
N LEU B 937 14.16 5.21 -36.43
CA LEU B 937 12.84 5.79 -36.54
C LEU B 937 12.88 7.26 -36.12
N PRO B 938 11.87 8.04 -36.49
CA PRO B 938 11.84 9.44 -36.04
C PRO B 938 11.66 9.57 -34.54
N LEU B 939 11.57 10.79 -34.03
CA LEU B 939 11.58 11.02 -32.60
C LEU B 939 10.29 10.52 -31.95
N ARG B 940 10.44 9.71 -30.91
CA ARG B 940 9.33 9.34 -30.01
C ARG B 940 8.20 8.63 -30.74
N VAL B 941 8.54 7.53 -31.42
CA VAL B 941 7.55 6.68 -32.07
C VAL B 941 7.82 5.24 -31.64
N PRO B 942 6.85 4.55 -31.05
CA PRO B 942 7.07 3.14 -30.70
C PRO B 942 7.22 2.28 -31.94
N THR B 943 8.00 1.20 -31.78
CA THR B 943 8.28 0.34 -32.93
C THR B 943 7.06 -0.47 -33.33
N VAL B 944 6.35 -1.05 -32.36
CA VAL B 944 5.18 -1.86 -32.69
C VAL B 944 4.10 -0.99 -33.33
N ALA B 945 3.91 0.22 -32.80
CA ALA B 945 2.94 1.14 -33.40
C ALA B 945 3.34 1.50 -34.82
N TYR B 946 4.63 1.72 -35.05
CA TYR B 946 5.10 2.04 -36.40
C TYR B 946 4.85 0.88 -37.35
N ILE B 947 5.12 -0.35 -36.91
CA ILE B 947 4.89 -1.50 -37.76
C ILE B 947 3.41 -1.66 -38.07
N GLU B 948 2.55 -1.48 -37.06
CA GLU B 948 1.12 -1.54 -37.30
C GLU B 948 0.67 -0.47 -38.30
N SER B 949 1.20 0.74 -38.15
CA SER B 949 0.84 1.82 -39.06
C SER B 949 1.27 1.51 -40.49
N ILE B 950 2.47 0.97 -40.66
CA ILE B 950 2.95 0.65 -42.00
C ILE B 950 2.24 -0.58 -42.56
N LYS B 951 1.64 -1.41 -41.71
CA LYS B 951 0.88 -2.55 -42.20
C LYS B 951 -0.56 -2.22 -42.53
N LYS B 952 -1.15 -1.21 -41.88
CA LYS B 952 -2.54 -0.86 -42.17
C LYS B 952 -2.68 -0.20 -43.54
N SER B 953 -1.63 0.47 -44.01
CA SER B 953 -1.68 1.16 -45.30
C SER B 953 -1.54 0.12 -46.40
N SER B 954 -2.67 -0.27 -46.99
CA SER B 954 -2.65 -1.28 -48.05
C SER B 954 -1.88 -0.80 -49.27
N ASN B 955 -1.92 0.51 -49.55
CA ASN B 955 -1.20 1.05 -50.70
C ASN B 955 0.29 0.78 -50.57
N ARG B 956 0.86 1.00 -49.38
CA ARG B 956 2.25 0.64 -49.16
C ARG B 956 2.40 -0.87 -49.02
N MET B 957 1.46 -1.52 -48.34
CA MET B 957 1.57 -2.94 -48.07
C MET B 957 1.62 -3.77 -49.35
N ALA B 958 1.13 -3.24 -50.46
CA ALA B 958 1.13 -3.99 -51.71
C ALA B 958 2.54 -4.30 -52.18
N PHE B 959 3.45 -3.33 -52.08
CA PHE B 959 4.79 -3.49 -52.63
C PHE B 959 5.66 -4.42 -51.79
N ILE B 960 5.41 -4.51 -50.50
CA ILE B 960 6.28 -5.27 -49.61
C ILE B 960 5.83 -6.73 -49.56
N GLU B 961 6.80 -7.64 -49.66
CA GLU B 961 6.51 -9.03 -49.34
C GLU B 961 6.47 -9.25 -47.84
N GLU B 962 7.52 -8.85 -47.13
CA GLU B 962 7.56 -9.05 -45.68
C GLU B 962 8.40 -7.97 -45.02
N ILE B 963 8.13 -7.77 -43.73
CA ILE B 963 8.88 -6.85 -42.88
C ILE B 963 9.11 -7.56 -41.54
N VAL B 964 10.30 -7.43 -40.98
CA VAL B 964 10.52 -7.94 -39.62
C VAL B 964 11.66 -7.17 -38.96
N ASP B 965 11.85 -7.45 -37.66
CA ASP B 965 12.75 -6.72 -36.78
C ASP B 965 13.63 -7.67 -36.00
N TYR B 966 14.84 -7.21 -35.67
CA TYR B 966 15.73 -7.89 -34.74
C TYR B 966 16.24 -6.93 -33.68
N SER B 967 15.51 -5.85 -33.41
CA SER B 967 15.93 -4.87 -32.41
C SER B 967 15.94 -5.50 -31.03
N SER B 968 17.05 -5.32 -30.30
CA SER B 968 17.21 -6.04 -29.04
C SER B 968 16.49 -5.35 -27.89
N SER B 969 17.01 -4.19 -27.46
CA SER B 969 16.33 -3.43 -26.42
C SER B 969 16.34 -1.91 -26.63
N GLU B 970 17.33 -1.35 -27.33
CA GLU B 970 17.42 0.09 -27.49
C GLU B 970 17.75 0.54 -28.90
N THR B 971 18.38 -0.29 -29.71
CA THR B 971 18.68 0.04 -31.10
C THR B 971 17.70 -0.69 -31.99
N ILE B 972 17.10 0.03 -32.93
CA ILE B 972 16.04 -0.50 -33.77
C ILE B 972 16.55 -0.63 -35.20
N GLU B 973 16.17 -1.72 -35.85
CA GLU B 973 16.38 -1.86 -37.29
C GLU B 973 15.24 -2.71 -37.85
N ILE B 974 14.67 -2.26 -38.95
CA ILE B 974 13.59 -2.96 -39.63
C ILE B 974 14.11 -3.35 -40.99
N LEU B 975 14.02 -4.64 -41.34
CA LEU B 975 14.37 -5.06 -42.68
C LEU B 975 13.12 -5.47 -43.44
N VAL B 976 13.04 -5.00 -44.69
CA VAL B 976 11.85 -5.04 -45.52
C VAL B 976 12.25 -5.66 -46.85
N LYS B 977 11.64 -6.80 -47.18
CA LYS B 977 11.80 -7.42 -48.49
C LYS B 977 10.53 -7.13 -49.28
N LEU B 978 10.69 -6.45 -50.41
CA LEU B 978 9.59 -6.04 -51.25
C LEU B 978 9.60 -6.81 -52.56
N LYS B 979 8.50 -6.68 -53.30
CA LYS B 979 8.31 -7.48 -54.51
C LYS B 979 9.34 -7.10 -55.58
N PRO B 980 9.68 -8.03 -56.46
CA PRO B 980 10.69 -7.73 -57.50
C PRO B 980 10.24 -6.58 -58.38
N ASN B 981 11.20 -5.74 -58.75
CA ASN B 981 10.99 -4.58 -59.61
C ASN B 981 9.86 -3.72 -59.04
N SER B 982 10.01 -3.35 -57.77
CA SER B 982 9.05 -2.47 -57.12
C SER B 982 9.58 -1.07 -56.87
N LEU B 983 10.90 -0.89 -56.83
CA LEU B 983 11.46 0.41 -56.49
C LEU B 983 11.02 1.49 -57.48
N SER B 984 11.03 1.16 -58.77
CA SER B 984 10.58 2.11 -59.78
C SER B 984 9.19 2.63 -59.46
N ARG B 985 8.24 1.71 -59.20
CA ARG B 985 6.91 2.12 -58.79
C ARG B 985 6.95 2.89 -57.47
N ILE B 986 7.96 2.64 -56.65
CA ILE B 986 8.07 3.36 -55.39
C ILE B 986 8.30 4.85 -55.65
N MET B 987 9.23 5.15 -56.54
CA MET B 987 9.50 6.55 -56.89
C MET B 987 8.34 7.12 -57.69
N GLU B 988 7.64 6.27 -58.43
CA GLU B 988 6.57 6.74 -59.28
C GLU B 988 5.35 7.18 -58.45
N GLU B 989 4.83 6.28 -57.61
CA GLU B 989 3.63 6.60 -56.85
C GLU B 989 3.93 7.62 -55.75
N PHE B 990 5.03 7.44 -55.02
CA PHE B 990 5.37 8.31 -53.91
C PHE B 990 6.27 9.42 -54.42
N LYS B 991 5.78 10.66 -54.36
CA LYS B 991 6.50 11.78 -54.93
C LYS B 991 7.73 12.11 -54.10
N GLU B 992 8.75 12.63 -54.78
CA GLU B 992 9.99 13.04 -54.14
C GLU B 992 10.07 14.56 -54.12
N THR B 993 10.32 15.12 -52.93
CA THR B 993 10.44 16.57 -52.76
C THR B 993 11.59 16.85 -51.80
N GLU B 994 12.03 18.10 -51.81
CA GLU B 994 13.13 18.50 -50.93
C GLU B 994 12.75 18.33 -49.46
N GLU B 995 11.46 18.39 -49.15
CA GLU B 995 11.03 18.15 -47.78
C GLU B 995 11.13 16.68 -47.41
N GLN B 996 10.99 15.79 -48.39
CA GLN B 996 10.94 14.35 -48.13
C GLN B 996 11.15 13.56 -49.42
N ASN B 997 12.07 12.61 -49.41
CA ASN B 997 12.32 11.83 -50.63
C ASN B 997 11.27 10.73 -50.77
N SER B 998 11.42 9.95 -51.85
CA SER B 998 10.44 8.90 -52.12
C SER B 998 10.48 7.81 -51.04
N ILE B 999 11.67 7.44 -50.59
CA ILE B 999 11.78 6.34 -49.63
C ILE B 999 11.19 6.74 -48.29
N GLU B 1000 11.48 7.95 -47.82
CA GLU B 1000 10.94 8.42 -46.55
C GLU B 1000 9.42 8.51 -46.60
N ASN B 1001 8.88 9.01 -47.71
CA ASN B 1001 7.43 9.05 -47.88
C ASN B 1001 6.84 7.64 -47.89
N PHE B 1002 7.55 6.72 -48.53
CA PHE B 1002 7.07 5.34 -48.60
C PHE B 1002 7.04 4.69 -47.22
N LEU B 1003 8.06 4.94 -46.39
CA LEU B 1003 8.22 4.25 -45.13
C LEU B 1003 7.84 5.10 -43.91
N ARG B 1004 7.29 6.29 -44.13
CA ARG B 1004 6.84 7.16 -43.03
C ARG B 1004 7.95 7.42 -42.03
N LEU B 1005 9.10 7.86 -42.53
CA LEU B 1005 10.26 8.13 -41.69
C LEU B 1005 10.38 9.60 -41.33
N ARG B 1006 9.37 10.40 -41.62
CA ARG B 1006 9.40 11.84 -41.36
C ARG B 1006 8.38 12.19 -40.28
N ASN B 1007 8.77 13.07 -39.37
CA ASN B 1007 7.92 13.49 -38.27
C ASN B 1007 7.98 15.01 -38.14
N CYS B 1008 6.86 15.59 -37.73
CA CYS B 1008 6.75 17.03 -37.51
C CYS B 1008 6.65 17.31 -36.02
N LEU B 1009 7.37 18.33 -35.56
CA LEU B 1009 7.44 18.69 -34.14
C LEU B 1009 6.54 19.89 -33.90
N HIS B 1010 5.33 19.65 -33.42
CA HIS B 1010 4.42 20.71 -33.03
C HIS B 1010 4.56 21.00 -31.55
N SER B 1011 4.53 22.28 -31.20
CA SER B 1011 4.69 22.71 -29.82
C SER B 1011 3.47 23.52 -29.40
N HIS B 1012 2.90 23.16 -28.26
CA HIS B 1012 1.78 23.88 -27.66
C HIS B 1012 2.26 24.34 -26.30
N LEU B 1013 2.88 25.52 -26.28
CA LEU B 1013 3.53 26.04 -25.07
C LEU B 1013 2.51 26.76 -24.19
N ASN B 1014 1.67 25.96 -23.54
CA ASN B 1014 0.69 26.44 -22.59
C ASN B 1014 1.04 25.91 -21.21
N PHE B 1015 1.21 26.80 -20.24
CA PHE B 1015 1.65 26.43 -18.91
C PHE B 1015 0.74 27.06 -17.88
N VAL B 1016 1.04 26.81 -16.61
CA VAL B 1016 0.29 27.35 -15.48
C VAL B 1016 1.22 28.31 -14.73
N LYS B 1017 0.80 29.55 -14.59
CA LYS B 1017 1.61 30.54 -13.92
C LYS B 1017 1.57 30.31 -12.41
N PRO B 1018 2.56 30.85 -11.67
CA PRO B 1018 2.64 30.55 -10.24
C PRO B 1018 1.40 30.92 -9.43
N LYS B 1019 0.71 31.99 -9.80
CA LYS B 1019 -0.46 32.44 -9.06
C LYS B 1019 -1.75 31.77 -9.53
N GLY B 1020 -1.64 30.62 -10.18
CA GLY B 1020 -2.81 29.95 -10.69
C GLY B 1020 -3.28 30.53 -12.01
N GLY B 1021 -3.88 29.70 -12.85
CA GLY B 1021 -4.35 30.12 -14.15
C GLY B 1021 -3.46 29.58 -15.26
N ILE B 1022 -3.76 30.02 -16.48
CA ILE B 1022 -3.05 29.56 -17.66
C ILE B 1022 -2.25 30.71 -18.23
N ILE B 1023 -1.24 30.36 -19.02
CA ILE B 1023 -0.41 31.35 -19.72
C ILE B 1023 0.10 30.70 -20.99
N GLU B 1024 0.03 31.44 -22.10
CA GLU B 1024 0.41 30.93 -23.41
C GLU B 1024 1.65 31.68 -23.91
N PHE B 1025 2.68 30.92 -24.25
CA PHE B 1025 3.91 31.49 -24.79
C PHE B 1025 3.96 31.28 -26.29
N ASN B 1026 4.84 32.03 -26.94
CA ASN B 1026 5.02 31.94 -28.39
C ASN B 1026 6.31 31.27 -28.81
N SER B 1027 7.33 31.24 -27.95
CA SER B 1027 8.58 30.60 -28.28
C SER B 1027 9.28 30.20 -27.00
N TYR B 1028 10.28 29.33 -27.13
CA TYR B 1028 11.04 28.89 -25.96
C TYR B 1028 11.84 30.02 -25.34
N TYR B 1029 12.24 31.01 -26.15
CA TYR B 1029 12.96 32.16 -25.61
C TYR B 1029 12.12 32.91 -24.59
N GLU B 1030 10.81 33.00 -24.83
CA GLU B 1030 9.93 33.65 -23.86
C GLU B 1030 9.93 32.89 -22.54
N ILE B 1031 9.90 31.56 -22.61
CA ILE B 1031 9.92 30.76 -21.39
C ILE B 1031 11.22 30.99 -20.63
N LEU B 1032 12.35 31.01 -21.35
CA LEU B 1032 13.63 31.23 -20.69
C LEU B 1032 13.69 32.61 -20.05
N TYR B 1033 13.23 33.64 -20.78
CA TYR B 1033 13.27 35.00 -20.25
C TYR B 1033 12.34 35.18 -19.06
N ALA B 1034 11.23 34.43 -19.03
CA ALA B 1034 10.35 34.48 -17.88
C ALA B 1034 10.94 33.74 -16.70
N TRP B 1035 11.69 32.66 -16.96
CA TRP B 1035 12.25 31.87 -15.87
C TRP B 1035 13.45 32.54 -15.22
N LEU B 1036 14.24 33.30 -15.97
CA LEU B 1036 15.46 33.88 -15.41
C LEU B 1036 15.24 34.73 -14.16
N PRO B 1037 14.32 35.71 -14.13
CA PRO B 1037 14.22 36.57 -12.95
C PRO B 1037 13.88 35.83 -11.68
N TYR B 1038 13.07 34.78 -11.76
CA TYR B 1038 12.73 34.03 -10.56
C TYR B 1038 13.97 33.41 -9.93
N ARG B 1039 14.83 32.81 -10.76
CA ARG B 1039 16.05 32.22 -10.23
C ARG B 1039 16.99 33.28 -9.67
N ARG B 1040 17.11 34.42 -10.36
CA ARG B 1040 17.99 35.47 -9.86
C ARG B 1040 17.52 36.00 -8.50
N ASP B 1041 16.22 36.26 -8.39
CA ASP B 1041 15.68 36.75 -7.12
C ASP B 1041 15.82 35.71 -6.03
N LEU B 1042 15.65 34.43 -6.36
CA LEU B 1042 15.85 33.39 -5.36
C LEU B 1042 17.28 33.38 -4.87
N TYR B 1043 18.25 33.56 -5.77
CA TYR B 1043 19.64 33.62 -5.34
C TYR B 1043 19.87 34.78 -4.39
N GLN B 1044 19.34 35.96 -4.73
CA GLN B 1044 19.54 37.12 -3.87
C GLN B 1044 18.92 36.91 -2.49
N LYS B 1045 17.69 36.39 -2.45
CA LYS B 1045 17.03 36.16 -1.16
C LYS B 1045 17.79 35.13 -0.33
N ARG B 1046 18.28 34.07 -0.99
CA ARG B 1046 19.06 33.06 -0.29
C ARG B 1046 20.29 33.69 0.34
N LEU B 1047 20.99 34.55 -0.41
CA LEU B 1047 22.19 35.17 0.15
C LEU B 1047 21.87 36.09 1.31
N MET B 1048 20.79 36.86 1.21
CA MET B 1048 20.44 37.77 2.30
C MET B 1048 20.11 37.02 3.58
N ARG B 1049 19.27 35.98 3.47
CA ARG B 1049 18.94 35.18 4.64
C ARG B 1049 20.18 34.50 5.19
N GLU B 1050 21.08 34.07 4.31
CA GLU B 1050 22.32 33.44 4.75
C GLU B 1050 23.16 34.42 5.58
N ARG B 1051 23.24 35.67 5.14
CA ARG B 1051 24.00 36.67 5.89
C ARG B 1051 23.39 36.92 7.26
N ALA B 1052 22.06 37.04 7.31
CA ALA B 1052 21.42 37.25 8.60
C ALA B 1052 21.69 36.08 9.55
N VAL B 1053 21.60 34.86 9.01
CA VAL B 1053 21.85 33.68 9.83
C VAL B 1053 23.28 33.68 10.35
N LEU B 1054 24.24 34.02 9.49
CA LEU B 1054 25.63 34.08 9.94
C LEU B 1054 25.84 35.11 11.04
N LYS B 1055 25.20 36.28 10.91
CA LYS B 1055 25.37 37.28 11.96
C LYS B 1055 24.84 36.78 13.30
N LEU B 1056 23.63 36.22 13.29
CA LEU B 1056 23.06 35.70 14.54
C LEU B 1056 23.93 34.59 15.12
N ARG B 1057 24.40 33.68 14.26
CA ARG B 1057 25.21 32.57 14.72
C ARG B 1057 26.54 33.05 15.29
N LEU B 1058 27.15 34.06 14.67
CA LEU B 1058 28.39 34.60 15.21
C LEU B 1058 28.17 35.20 16.59
N ILE B 1059 27.07 35.94 16.77
CA ILE B 1059 26.80 36.50 18.09
C ILE B 1059 26.63 35.39 19.12
N MET B 1060 25.85 34.36 18.76
CA MET B 1060 25.62 33.27 19.70
C MET B 1060 26.91 32.56 20.06
N GLU B 1061 27.75 32.28 19.07
CA GLU B 1061 28.98 31.54 19.33
C GLU B 1061 29.95 32.37 20.15
N THR B 1062 30.04 33.67 19.89
CA THR B 1062 30.90 34.52 20.69
C THR B 1062 30.44 34.55 22.14
N ALA B 1063 29.11 34.64 22.37
CA ALA B 1063 28.61 34.59 23.74
C ALA B 1063 28.93 33.25 24.39
N ILE B 1064 28.79 32.16 23.63
CA ILE B 1064 29.09 30.84 24.18
C ILE B 1064 30.54 30.76 24.61
N VAL B 1065 31.45 31.23 23.76
CA VAL B 1065 32.87 31.18 24.08
C VAL B 1065 33.17 32.06 25.30
N ARG B 1066 32.54 33.23 25.38
CA ARG B 1066 32.75 34.09 26.53
C ARG B 1066 32.32 33.41 27.82
N TYR B 1067 31.15 32.75 27.80
CA TYR B 1067 30.72 32.03 28.98
C TYR B 1067 31.70 30.91 29.33
N ILE B 1068 32.15 30.17 28.32
CA ILE B 1068 33.06 29.06 28.57
C ILE B 1068 34.36 29.56 29.20
N ASN B 1069 34.82 30.74 28.78
CA ASN B 1069 36.08 31.27 29.32
C ASN B 1069 35.99 31.51 30.82
N GLU B 1070 34.86 32.04 31.30
CA GLU B 1070 34.70 32.38 32.70
C GLU B 1070 33.62 31.52 33.37
N SER B 1071 33.42 30.31 32.88
CA SER B 1071 32.39 29.45 33.44
C SER B 1071 32.69 29.08 34.89
N ALA B 1072 33.95 28.81 35.20
CA ALA B 1072 34.32 28.44 36.56
C ALA B 1072 34.02 29.57 37.54
N ASP B 1073 34.26 30.82 37.14
CA ASP B 1073 34.01 31.94 38.03
C ASP B 1073 32.54 32.08 38.38
N LEU B 1074 31.66 31.84 37.39
CA LEU B 1074 30.24 32.04 37.62
C LEU B 1074 29.70 31.09 38.70
N ASN B 1075 30.15 29.84 38.69
CA ASN B 1075 29.70 28.82 39.64
C ASN B 1075 28.19 28.64 39.56
N LEU B 1076 27.75 28.16 38.39
CA LEU B 1076 26.33 28.03 38.11
C LEU B 1076 25.62 27.12 39.11
N SER B 1077 26.35 26.17 39.70
CA SER B 1077 25.73 25.26 40.65
C SER B 1077 25.30 25.97 41.93
N HIS B 1078 25.85 27.14 42.22
CA HIS B 1078 25.53 27.83 43.46
C HIS B 1078 24.08 28.32 43.48
N TYR B 1079 23.55 28.72 42.33
CA TYR B 1079 22.21 29.29 42.28
C TYR B 1079 21.16 28.18 42.26
N GLU B 1080 19.90 28.59 42.48
CA GLU B 1080 18.85 27.63 42.80
C GLU B 1080 18.26 26.95 41.58
N ASP B 1081 17.63 27.72 40.69
CA ASP B 1081 16.84 27.14 39.62
C ASP B 1081 17.06 27.95 38.34
N GLU B 1082 16.21 27.69 37.34
CA GLU B 1082 16.43 28.27 36.02
C GLU B 1082 16.26 29.79 36.02
N LYS B 1083 15.20 30.28 36.66
CA LYS B 1083 14.92 31.72 36.62
C LYS B 1083 16.01 32.51 37.33
N GLU B 1084 16.48 32.01 38.48
CA GLU B 1084 17.56 32.69 39.18
C GLU B 1084 18.82 32.74 38.34
N ALA B 1085 19.17 31.63 37.69
CA ALA B 1085 20.35 31.60 36.84
C ALA B 1085 20.21 32.56 35.66
N GLY B 1086 19.04 32.60 35.04
CA GLY B 1086 18.82 33.52 33.94
C GLY B 1086 18.93 34.97 34.37
N ARG B 1087 18.37 35.30 35.53
CA ARG B 1087 18.50 36.66 36.05
C ARG B 1087 19.95 37.01 36.31
N ILE B 1088 20.71 36.08 36.89
CA ILE B 1088 22.13 36.34 37.15
C ILE B 1088 22.88 36.54 35.84
N LEU B 1089 22.60 35.71 34.83
CA LEU B 1089 23.27 35.83 33.56
C LEU B 1089 22.96 37.18 32.89
N SER B 1090 21.70 37.61 32.95
CA SER B 1090 21.34 38.92 32.40
C SER B 1090 22.06 40.03 33.14
N GLU B 1091 22.15 39.92 34.47
CA GLU B 1091 22.90 40.89 35.24
C GLU B 1091 24.37 40.91 34.82
N HIS B 1092 24.89 39.76 34.40
CA HIS B 1092 26.28 39.69 33.94
C HIS B 1092 26.46 40.16 32.50
N GLY B 1093 25.38 40.44 31.78
CA GLY B 1093 25.47 41.00 30.45
C GLY B 1093 25.33 40.02 29.30
N PHE B 1094 24.93 38.79 29.55
CA PHE B 1094 24.76 37.84 28.46
C PHE B 1094 23.47 38.14 27.71
N PRO B 1095 23.52 38.32 26.40
CA PRO B 1095 22.32 38.65 25.64
C PRO B 1095 21.40 37.45 25.53
N PRO B 1096 20.09 37.66 25.56
CA PRO B 1096 19.16 36.54 25.37
C PRO B 1096 18.79 36.34 23.91
N LEU B 1097 18.98 35.13 23.41
CA LEU B 1097 18.72 34.81 22.01
C LEU B 1097 17.72 33.65 21.93
N ASN B 1098 17.39 33.27 20.70
CA ASN B 1098 16.50 32.14 20.44
C ASN B 1098 17.36 31.03 19.85
N GLN B 1099 17.81 30.12 20.72
CA GLN B 1099 18.74 29.07 20.27
C GLN B 1099 18.09 28.16 19.24
N SER B 1100 16.82 27.80 19.44
CA SER B 1100 16.16 26.92 18.49
C SER B 1100 15.94 27.58 17.13
N LEU B 1101 15.93 28.92 17.08
CA LEU B 1101 15.72 29.63 15.83
C LEU B 1101 17.01 30.00 15.12
N ILE B 1102 18.17 29.77 15.74
CA ILE B 1102 19.43 30.16 15.14
C ILE B 1102 20.29 28.96 14.76
N THR B 1103 20.29 27.88 15.55
CA THR B 1103 21.10 26.72 15.20
C THR B 1103 20.57 26.02 13.96
N SER B 1104 19.27 26.07 13.72
CA SER B 1104 18.64 25.48 12.55
C SER B 1104 17.27 26.12 12.39
N PRO B 1105 17.19 27.30 11.76
CA PRO B 1105 16.06 28.18 12.03
C PRO B 1105 14.69 27.61 11.69
N GLU B 1106 14.38 27.55 10.39
CA GLU B 1106 13.04 27.18 9.94
C GLU B 1106 12.93 27.36 8.43
N PHE B 1107 11.73 27.18 7.89
CA PHE B 1107 11.32 27.84 6.66
C PHE B 1107 11.14 29.34 6.86
N ALA B 1108 11.47 29.84 8.07
CA ALA B 1108 11.15 31.21 8.43
C ALA B 1108 11.93 32.21 7.59
N THR B 1109 11.36 33.40 7.45
CA THR B 1109 11.96 34.46 6.64
C THR B 1109 12.84 35.34 7.51
N ILE B 1110 13.28 36.48 6.94
CA ILE B 1110 14.29 37.31 7.61
C ILE B 1110 13.65 38.21 8.65
N GLU B 1111 12.55 38.86 8.32
CA GLU B 1111 11.86 39.69 9.30
C GLU B 1111 11.35 38.84 10.46
N GLU B 1112 10.87 37.63 10.16
CA GLU B 1112 10.52 36.69 11.21
C GLU B 1112 11.74 36.36 12.06
N LEU B 1113 12.89 36.20 11.42
CA LEU B 1113 14.12 35.91 12.15
C LEU B 1113 14.43 37.01 13.15
N ASN B 1114 14.35 38.27 12.71
CA ASN B 1114 14.63 39.39 13.60
C ASN B 1114 13.60 39.48 14.72
N GLN B 1115 12.33 39.34 14.40
CA GLN B 1115 11.28 39.45 15.41
C GLN B 1115 11.42 38.36 16.47
N LYS B 1116 11.70 37.12 16.05
CA LYS B 1116 11.83 36.04 17.01
C LYS B 1116 13.15 36.10 17.77
N ALA B 1117 14.20 36.65 17.16
CA ALA B 1117 15.45 36.83 17.89
C ALA B 1117 15.38 38.00 18.86
N LEU B 1118 14.41 38.90 18.68
CA LEU B 1118 14.22 39.98 19.66
C LEU B 1118 13.92 39.42 21.04
N GLN B 1119 12.93 38.52 21.13
CA GLN B 1119 12.61 37.85 22.38
C GLN B 1119 13.52 36.64 22.52
N GLY B 1120 14.39 36.65 23.52
CA GLY B 1120 15.37 35.61 23.69
C GLY B 1120 15.32 35.00 25.08
N CYS B 1121 15.86 33.80 25.17
CA CYS B 1121 16.02 33.07 26.42
C CYS B 1121 17.51 32.86 26.67
N TYR B 1122 17.83 32.07 27.67
CA TYR B 1122 19.21 31.71 27.96
C TYR B 1122 19.43 30.21 27.84
N THR B 1123 18.63 29.56 26.99
CA THR B 1123 18.71 28.12 26.85
C THR B 1123 20.03 27.67 26.25
N TYR B 1124 20.67 28.52 25.45
CA TYR B 1124 21.93 28.13 24.82
C TYR B 1124 23.06 27.98 25.81
N ILE B 1125 22.90 28.46 27.04
CA ILE B 1125 23.88 28.26 28.09
C ILE B 1125 23.53 27.06 28.96
N LEU B 1126 22.26 26.94 29.35
CA LEU B 1126 21.84 25.85 30.22
C LEU B 1126 21.91 24.49 29.54
N SER B 1127 21.82 24.44 28.21
CA SER B 1127 21.94 23.20 27.47
C SER B 1127 23.36 22.86 27.07
N LEU B 1128 24.35 23.37 27.81
CA LEU B 1128 25.75 23.12 27.51
C LEU B 1128 26.21 21.86 28.24
N GLN B 1129 26.66 20.88 27.47
CA GLN B 1129 27.19 19.67 28.07
C GLN B 1129 28.57 19.93 28.67
N ALA B 1130 28.93 19.11 29.66
CA ALA B 1130 30.22 19.29 30.32
C ALA B 1130 31.38 19.03 29.37
N ARG B 1131 31.17 18.16 28.37
CA ARG B 1131 32.25 17.81 27.45
C ARG B 1131 32.75 19.03 26.68
N GLU B 1132 31.90 20.03 26.48
CA GLU B 1132 32.32 21.22 25.76
C GLU B 1132 33.13 22.17 26.62
N LEU B 1133 33.22 21.93 27.93
CA LEU B 1133 33.95 22.82 28.81
C LEU B 1133 35.47 22.60 28.76
N LEU B 1134 35.92 21.59 28.01
CA LEU B 1134 37.34 21.31 27.93
C LEU B 1134 38.03 22.34 27.04
N ILE B 1135 39.33 22.13 26.80
CA ILE B 1135 40.12 23.07 26.03
C ILE B 1135 40.03 22.80 24.54
N ALA B 1136 40.08 21.53 24.13
CA ALA B 1136 39.99 21.20 22.71
C ALA B 1136 38.65 21.64 22.13
N ALA B 1137 37.57 21.51 22.91
CA ALA B 1137 36.28 21.96 22.44
C ALA B 1137 36.26 23.46 22.21
N LYS B 1138 36.87 24.23 23.11
CA LYS B 1138 36.94 25.68 22.92
C LYS B 1138 37.78 26.04 21.71
N THR B 1139 38.89 25.33 21.51
CA THR B 1139 39.72 25.59 20.33
C THR B 1139 38.95 25.32 19.04
N ARG B 1140 38.25 24.20 18.99
CA ARG B 1140 37.42 23.92 17.81
C ARG B 1140 36.33 24.97 17.66
N ARG B 1141 35.78 25.47 18.78
CA ARG B 1141 34.75 26.50 18.70
C ARG B 1141 35.31 27.79 18.09
N VAL B 1142 36.49 28.21 18.52
CA VAL B 1142 37.03 29.46 17.99
C VAL B 1142 37.44 29.27 16.53
N GLU B 1143 37.93 28.09 16.15
CA GLU B 1143 38.21 27.83 14.74
C GLU B 1143 36.92 27.90 13.92
N LYS B 1144 35.84 27.34 14.45
CA LYS B 1144 34.55 27.44 13.76
C LYS B 1144 34.14 28.90 13.62
N ILE B 1145 34.35 29.70 14.67
CA ILE B 1145 34.00 31.12 14.62
C ILE B 1145 34.79 31.82 13.52
N LYS B 1146 36.08 31.51 13.40
CA LYS B 1146 36.87 32.08 12.31
C LYS B 1146 36.31 31.68 10.96
N LYS B 1147 35.89 30.42 10.82
CA LYS B 1147 35.31 29.98 9.57
C LYS B 1147 34.02 30.73 9.25
N MET B 1148 33.17 30.96 10.26
CA MET B 1148 31.95 31.72 10.02
C MET B 1148 32.28 33.15 9.61
N GLN B 1149 33.30 33.75 10.23
CA GLN B 1149 33.66 35.11 9.85
C GLN B 1149 34.13 35.17 8.40
N ALA B 1150 34.93 34.18 7.98
CA ALA B 1150 35.37 34.13 6.60
C ALA B 1150 34.19 33.95 5.65
N ARG B 1151 33.26 33.06 5.99
CA ARG B 1151 32.08 32.90 5.15
C ARG B 1151 31.25 34.17 5.11
N LEU B 1152 31.18 34.89 6.23
CA LEU B 1152 30.36 36.09 6.29
C LEU B 1152 30.93 37.20 5.41
N ASP B 1153 32.23 37.47 5.53
CA ASP B 1153 32.74 38.54 4.67
C ASP B 1153 32.83 38.09 3.21
N LYS B 1154 32.95 36.78 2.95
CA LYS B 1154 32.88 36.32 1.57
C LYS B 1154 31.50 36.56 0.97
N VAL B 1155 30.44 36.22 1.71
CA VAL B 1155 29.11 36.45 1.16
C VAL B 1155 28.79 37.93 1.08
N GLU B 1156 29.35 38.73 1.98
CA GLU B 1156 29.19 40.18 1.88
C GLU B 1156 29.83 40.70 0.60
N GLN B 1157 31.01 40.18 0.25
CA GLN B 1157 31.62 40.54 -1.02
C GLN B 1157 30.79 40.05 -2.20
N LEU B 1158 30.21 38.85 -2.07
CA LEU B 1158 29.38 38.30 -3.13
C LEU B 1158 28.14 39.14 -3.35
N LEU B 1159 27.63 39.79 -2.32
CA LEU B 1159 26.41 40.57 -2.47
C LEU B 1159 26.58 41.71 -3.46
N GLN B 1160 27.73 42.40 -3.40
CA GLN B 1160 28.01 43.48 -4.34
C GLN B 1160 28.75 42.91 -5.54
N GLU B 1161 28.01 42.20 -6.39
CA GLU B 1161 28.56 41.57 -7.58
C GLU B 1161 27.72 41.93 -8.79
N SER B 1162 28.38 42.03 -9.94
CA SER B 1162 27.72 42.38 -11.18
C SER B 1162 27.50 41.15 -12.05
N PRO B 1163 26.37 41.06 -12.77
CA PRO B 1163 25.27 42.04 -12.83
C PRO B 1163 24.35 41.99 -11.62
N PHE B 1164 24.20 40.84 -10.99
CA PHE B 1164 23.34 40.69 -9.82
C PHE B 1164 24.09 39.88 -8.77
N PRO B 1165 23.66 39.95 -7.50
CA PRO B 1165 24.36 39.19 -6.46
C PRO B 1165 24.36 37.69 -6.75
N GLY B 1166 25.46 37.05 -6.38
CA GLY B 1166 25.57 35.61 -6.49
C GLY B 1166 25.62 35.07 -7.90
N ALA B 1167 26.32 35.75 -8.81
CA ALA B 1167 26.48 35.22 -10.16
C ALA B 1167 27.48 34.07 -10.18
N SER B 1168 28.57 34.20 -9.42
CA SER B 1168 29.56 33.14 -9.36
C SER B 1168 28.97 31.87 -8.77
N VAL B 1169 28.11 32.00 -7.77
CA VAL B 1169 27.44 30.84 -7.20
C VAL B 1169 26.62 30.13 -8.26
N TRP B 1170 25.89 30.90 -9.07
CA TRP B 1170 25.12 30.31 -10.16
C TRP B 1170 26.02 29.59 -11.14
N LEU B 1171 27.18 30.20 -11.47
CA LEU B 1171 28.10 29.54 -12.39
C LEU B 1171 28.59 28.21 -11.84
N GLU B 1172 28.94 28.17 -10.54
CA GLU B 1172 29.40 26.93 -9.95
C GLU B 1172 28.31 25.87 -9.94
N GLU B 1173 27.09 26.26 -9.62
CA GLU B 1173 25.98 25.30 -9.66
C GLU B 1173 25.76 24.77 -11.06
N ILE B 1174 25.90 25.63 -12.07
CA ILE B 1174 25.76 25.20 -13.45
C ILE B 1174 26.82 24.15 -13.78
N ASP B 1175 28.06 24.41 -13.37
CA ASP B 1175 29.12 23.42 -13.64
C ASP B 1175 28.85 22.10 -12.94
N ALA B 1176 28.41 22.16 -11.68
CA ALA B 1176 28.14 20.94 -10.93
C ALA B 1176 27.02 20.13 -11.57
N VAL B 1177 25.94 20.79 -11.96
CA VAL B 1177 24.83 20.06 -12.56
C VAL B 1177 25.22 19.52 -13.93
N GLU B 1178 26.06 20.24 -14.67
CA GLU B 1178 26.53 19.71 -15.95
C GLU B 1178 27.35 18.45 -15.75
N LYS B 1179 28.24 18.45 -14.75
CA LYS B 1179 29.03 17.25 -14.48
C LYS B 1179 28.15 16.09 -14.05
N ALA B 1180 27.15 16.36 -13.22
CA ALA B 1180 26.24 15.29 -12.79
C ALA B 1180 25.47 14.73 -13.97
N ILE B 1181 25.01 15.59 -14.87
CA ILE B 1181 24.28 15.13 -16.05
C ILE B 1181 25.18 14.26 -16.92
N ILE B 1182 26.44 14.68 -17.12
CA ILE B 1182 27.37 13.90 -17.93
C ILE B 1182 27.58 12.53 -17.30
N LYS B 1183 27.80 12.49 -15.98
CA LYS B 1183 28.02 11.22 -15.31
C LYS B 1183 26.80 10.31 -15.43
N GLY B 1184 25.61 10.87 -15.29
CA GLY B 1184 24.40 10.07 -15.46
C GLY B 1184 24.25 9.54 -16.87
N ARG B 1185 24.56 10.36 -17.86
CA ARG B 1185 24.47 9.91 -19.24
C ARG B 1185 25.47 8.78 -19.53
N ASN B 1186 26.64 8.83 -18.89
CA ASN B 1186 27.65 7.82 -19.17
C ASN B 1186 27.25 6.45 -18.64
N THR B 1187 26.45 6.39 -17.58
CA THR B 1187 26.09 5.12 -16.95
C THR B 1187 24.61 4.78 -17.15
N GLN B 1188 24.03 5.21 -18.26
CA GLN B 1188 22.63 4.92 -18.59
C GLN B 1188 21.69 5.32 -17.47
N TRP B 1189 22.02 6.43 -16.81
CA TRP B 1189 21.24 6.96 -15.69
C TRP B 1189 21.05 5.91 -14.60
N LYS B 1190 22.09 5.13 -14.35
CA LYS B 1190 22.14 4.20 -13.22
C LYS B 1190 23.45 4.48 -12.49
N PHE B 1191 23.41 5.46 -11.60
CA PHE B 1191 24.60 5.83 -10.85
C PHE B 1191 24.99 4.70 -9.91
N HIS B 1192 26.30 4.48 -9.77
CA HIS B 1192 26.87 3.44 -8.90
C HIS B 1192 26.13 2.11 -9.05
N HIS B 1193 25.75 1.80 -10.28
CA HIS B 1193 25.11 0.53 -10.59
C HIS B 1193 25.65 -0.07 -11.88
N HIS B 1194 26.70 0.51 -12.45
CA HIS B 1194 27.23 0.06 -13.73
C HIS B 1194 28.21 -1.10 -13.54
#